data_1NZ6
# 
_entry.id   1NZ6 
# 
_audit_conform.dict_name       mmcif_pdbx.dic 
_audit_conform.dict_version    5.398 
_audit_conform.dict_location   http://mmcif.pdb.org/dictionaries/ascii/mmcif_pdbx.dic 
# 
loop_
_database_2.database_id 
_database_2.database_code 
_database_2.pdbx_database_accession 
_database_2.pdbx_DOI 
PDB   1NZ6         pdb_00001nz6 10.2210/pdb1nz6/pdb 
RCSB  RCSB018375   ?            ?                   
WWPDB D_1000018375 ?            ?                   
# 
loop_
_pdbx_audit_revision_history.ordinal 
_pdbx_audit_revision_history.data_content_type 
_pdbx_audit_revision_history.major_revision 
_pdbx_audit_revision_history.minor_revision 
_pdbx_audit_revision_history.revision_date 
1 'Structure model' 1 0 2003-04-22 
2 'Structure model' 1 1 2008-04-29 
3 'Structure model' 1 2 2011-07-13 
4 'Structure model' 1 3 2011-11-16 
5 'Structure model' 1 4 2024-10-30 
# 
_pdbx_audit_revision_details.ordinal             1 
_pdbx_audit_revision_details.revision_ordinal    1 
_pdbx_audit_revision_details.data_content_type   'Structure model' 
_pdbx_audit_revision_details.provider            repository 
_pdbx_audit_revision_details.type                'Initial release' 
_pdbx_audit_revision_details.description         ? 
_pdbx_audit_revision_details.details             ? 
# 
loop_
_pdbx_audit_revision_group.ordinal 
_pdbx_audit_revision_group.revision_ordinal 
_pdbx_audit_revision_group.data_content_type 
_pdbx_audit_revision_group.group 
1 2 'Structure model' 'Version format compliance' 
2 3 'Structure model' 'Version format compliance' 
3 4 'Structure model' 'Atomic model'              
4 5 'Structure model' 'Data collection'           
5 5 'Structure model' 'Database references'       
6 5 'Structure model' 'Derived calculations'      
7 5 'Structure model' 'Structure summary'         
# 
loop_
_pdbx_audit_revision_category.ordinal 
_pdbx_audit_revision_category.revision_ordinal 
_pdbx_audit_revision_category.data_content_type 
_pdbx_audit_revision_category.category 
1 5 'Structure model' chem_comp_atom            
2 5 'Structure model' chem_comp_bond            
3 5 'Structure model' database_2                
4 5 'Structure model' pdbx_entry_details        
5 5 'Structure model' pdbx_modification_feature 
6 5 'Structure model' struct_conn               
7 5 'Structure model' struct_ref_seq_dif        
# 
loop_
_pdbx_audit_revision_item.ordinal 
_pdbx_audit_revision_item.revision_ordinal 
_pdbx_audit_revision_item.data_content_type 
_pdbx_audit_revision_item.item 
1 5 'Structure model' '_database_2.pdbx_DOI'                
2 5 'Structure model' '_database_2.pdbx_database_accession' 
3 5 'Structure model' '_struct_conn.pdbx_leaving_atom_flag' 
4 5 'Structure model' '_struct_ref_seq_dif.details'         
# 
_pdbx_database_status.status_code                     REL 
_pdbx_database_status.entry_id                        1NZ6 
_pdbx_database_status.recvd_initial_deposition_date   2003-02-16 
_pdbx_database_status.deposit_site                    RCSB 
_pdbx_database_status.process_site                    RCSB 
_pdbx_database_status.status_code_sf                  REL 
_pdbx_database_status.status_code_mr                  ? 
_pdbx_database_status.SG_entry                        ? 
_pdbx_database_status.pdb_format_compatible           Y 
_pdbx_database_status.status_code_cs                  ? 
_pdbx_database_status.status_code_nmr_data            ? 
_pdbx_database_status.methods_development_category    ? 
# 
loop_
_audit_author.name 
_audit_author.pdbx_ordinal 
'Jiang, J.'          1 
'Taylor, A.B.'       2 
'Prasad, K.'         3 
'Ishikawa-Brush, Y.' 4 
'Hart, P.J.'         5 
'Lafer, E.M.'        6 
'Sousa, R.'          7 
# 
_citation.id                        primary 
_citation.title                     
'Structure-function analysis of the auxilin J-domain reveals an extended Hsc70 interaction interface.' 
_citation.journal_abbrev            Biochemistry 
_citation.journal_volume            42 
_citation.page_first                5748 
_citation.page_last                 5753 
_citation.year                      2003 
_citation.journal_id_ASTM           BICHAW 
_citation.country                   US 
_citation.journal_id_ISSN           0006-2960 
_citation.journal_id_CSD            0033 
_citation.book_publisher            ? 
_citation.pdbx_database_id_PubMed   12741832 
_citation.pdbx_database_id_DOI      10.1021/bi034270g 
# 
loop_
_citation_author.citation_id 
_citation_author.name 
_citation_author.ordinal 
_citation_author.identifier_ORCID 
primary 'Jiang, J.'          1 ? 
primary 'Taylor, A.B.'       2 ? 
primary 'Prasad, K.'         3 ? 
primary 'Ishikawa-Brush, Y.' 4 ? 
primary 'Hart, P.J.'         5 ? 
primary 'Lafer, E.M.'        6 ? 
primary 'Sousa, R.'          7 ? 
# 
loop_
_entity.id 
_entity.type 
_entity.src_method 
_entity.pdbx_description 
_entity.formula_weight 
_entity.pdbx_number_of_molecules 
_entity.pdbx_ec 
_entity.pdbx_mutation 
_entity.pdbx_fragment 
_entity.details 
1 polymer man Auxilin 12024.309 2  ? ? J-Domain ? 
2 water   nat water   18.015    21 ? ? ?        ? 
# 
_entity_poly.entity_id                      1 
_entity_poly.type                           'polypeptide(L)' 
_entity_poly.nstd_linkage                   no 
_entity_poly.nstd_monomer                   yes 
_entity_poly.pdbx_seq_one_letter_code       
;KEMDPEKLKILEWIEGKERNIRALLST(MSE)HTVLWAGETKWKPVG(MSE)ADLVTPEQVKKVYRKAVLVVHPDKATGQ
PYEQYAK(MSE)IF(MSE)ELNDAWSEFENQGQKPLY
;
_entity_poly.pdbx_seq_one_letter_code_can   
;KEMDPEKLKILEWIEGKERNIRALLSTMHTVLWAGETKWKPVGMADLVTPEQVKKVYRKAVLVVHPDKATGQPYEQYAKM
IFMELNDAWSEFENQGQKPLY
;
_entity_poly.pdbx_strand_id                 A,B 
_entity_poly.pdbx_target_identifier         ? 
# 
_pdbx_entity_nonpoly.entity_id   2 
_pdbx_entity_nonpoly.name        water 
_pdbx_entity_nonpoly.comp_id     HOH 
# 
loop_
_entity_poly_seq.entity_id 
_entity_poly_seq.num 
_entity_poly_seq.mon_id 
_entity_poly_seq.hetero 
1 1   LYS n 
1 2   GLU n 
1 3   MET n 
1 4   ASP n 
1 5   PRO n 
1 6   GLU n 
1 7   LYS n 
1 8   LEU n 
1 9   LYS n 
1 10  ILE n 
1 11  LEU n 
1 12  GLU n 
1 13  TRP n 
1 14  ILE n 
1 15  GLU n 
1 16  GLY n 
1 17  LYS n 
1 18  GLU n 
1 19  ARG n 
1 20  ASN n 
1 21  ILE n 
1 22  ARG n 
1 23  ALA n 
1 24  LEU n 
1 25  LEU n 
1 26  SER n 
1 27  THR n 
1 28  MSE n 
1 29  HIS n 
1 30  THR n 
1 31  VAL n 
1 32  LEU n 
1 33  TRP n 
1 34  ALA n 
1 35  GLY n 
1 36  GLU n 
1 37  THR n 
1 38  LYS n 
1 39  TRP n 
1 40  LYS n 
1 41  PRO n 
1 42  VAL n 
1 43  GLY n 
1 44  MSE n 
1 45  ALA n 
1 46  ASP n 
1 47  LEU n 
1 48  VAL n 
1 49  THR n 
1 50  PRO n 
1 51  GLU n 
1 52  GLN n 
1 53  VAL n 
1 54  LYS n 
1 55  LYS n 
1 56  VAL n 
1 57  TYR n 
1 58  ARG n 
1 59  LYS n 
1 60  ALA n 
1 61  VAL n 
1 62  LEU n 
1 63  VAL n 
1 64  VAL n 
1 65  HIS n 
1 66  PRO n 
1 67  ASP n 
1 68  LYS n 
1 69  ALA n 
1 70  THR n 
1 71  GLY n 
1 72  GLN n 
1 73  PRO n 
1 74  TYR n 
1 75  GLU n 
1 76  GLN n 
1 77  TYR n 
1 78  ALA n 
1 79  LYS n 
1 80  MSE n 
1 81  ILE n 
1 82  PHE n 
1 83  MSE n 
1 84  GLU n 
1 85  LEU n 
1 86  ASN n 
1 87  ASP n 
1 88  ALA n 
1 89  TRP n 
1 90  SER n 
1 91  GLU n 
1 92  PHE n 
1 93  GLU n 
1 94  ASN n 
1 95  GLN n 
1 96  GLY n 
1 97  GLN n 
1 98  LYS n 
1 99  PRO n 
1 100 LEU n 
1 101 TYR n 
# 
_entity_src_gen.entity_id                          1 
_entity_src_gen.pdbx_src_id                        1 
_entity_src_gen.pdbx_alt_source_flag               sample 
_entity_src_gen.pdbx_seq_type                      ? 
_entity_src_gen.pdbx_beg_seq_num                   ? 
_entity_src_gen.pdbx_end_seq_num                   ? 
_entity_src_gen.gene_src_common_name               cattle 
_entity_src_gen.gene_src_genus                     Bos 
_entity_src_gen.pdbx_gene_src_gene                 ? 
_entity_src_gen.gene_src_species                   ? 
_entity_src_gen.gene_src_strain                    ? 
_entity_src_gen.gene_src_tissue                    brain 
_entity_src_gen.gene_src_tissue_fraction           ? 
_entity_src_gen.gene_src_details                   ? 
_entity_src_gen.pdbx_gene_src_fragment             ? 
_entity_src_gen.pdbx_gene_src_scientific_name      'Bos taurus' 
_entity_src_gen.pdbx_gene_src_ncbi_taxonomy_id     9913 
_entity_src_gen.pdbx_gene_src_variant              ? 
_entity_src_gen.pdbx_gene_src_cell_line            ? 
_entity_src_gen.pdbx_gene_src_atcc                 ? 
_entity_src_gen.pdbx_gene_src_organ                ? 
_entity_src_gen.pdbx_gene_src_organelle            ? 
_entity_src_gen.pdbx_gene_src_cell                 ? 
_entity_src_gen.pdbx_gene_src_cellular_location    ? 
_entity_src_gen.host_org_common_name               ? 
_entity_src_gen.pdbx_host_org_scientific_name      'Escherichia coli' 
_entity_src_gen.pdbx_host_org_ncbi_taxonomy_id     562 
_entity_src_gen.host_org_genus                     Escherichia 
_entity_src_gen.pdbx_host_org_gene                 ? 
_entity_src_gen.pdbx_host_org_organ                ? 
_entity_src_gen.host_org_species                   ? 
_entity_src_gen.pdbx_host_org_tissue               ? 
_entity_src_gen.pdbx_host_org_tissue_fraction      ? 
_entity_src_gen.pdbx_host_org_strain               ? 
_entity_src_gen.pdbx_host_org_variant              ? 
_entity_src_gen.pdbx_host_org_cell_line            ? 
_entity_src_gen.pdbx_host_org_atcc                 ? 
_entity_src_gen.pdbx_host_org_culture_collection   ? 
_entity_src_gen.pdbx_host_org_cell                 ? 
_entity_src_gen.pdbx_host_org_organelle            ? 
_entity_src_gen.pdbx_host_org_cellular_location    ? 
_entity_src_gen.pdbx_host_org_vector_type          plasmid 
_entity_src_gen.pdbx_host_org_vector               ? 
_entity_src_gen.host_org_details                   ? 
_entity_src_gen.expression_system_id               ? 
_entity_src_gen.plasmid_name                       pGEX4T-2Aux813-910 
_entity_src_gen.plasmid_details                    ? 
_entity_src_gen.pdbx_description                   ? 
# 
loop_
_chem_comp.id 
_chem_comp.type 
_chem_comp.mon_nstd_flag 
_chem_comp.name 
_chem_comp.pdbx_synonyms 
_chem_comp.formula 
_chem_comp.formula_weight 
ALA 'L-peptide linking' y ALANINE          ? 'C3 H7 N O2'     89.093  
ARG 'L-peptide linking' y ARGININE         ? 'C6 H15 N4 O2 1' 175.209 
ASN 'L-peptide linking' y ASPARAGINE       ? 'C4 H8 N2 O3'    132.118 
ASP 'L-peptide linking' y 'ASPARTIC ACID'  ? 'C4 H7 N O4'     133.103 
GLN 'L-peptide linking' y GLUTAMINE        ? 'C5 H10 N2 O3'   146.144 
GLU 'L-peptide linking' y 'GLUTAMIC ACID'  ? 'C5 H9 N O4'     147.129 
GLY 'peptide linking'   y GLYCINE          ? 'C2 H5 N O2'     75.067  
HIS 'L-peptide linking' y HISTIDINE        ? 'C6 H10 N3 O2 1' 156.162 
HOH non-polymer         . WATER            ? 'H2 O'           18.015  
ILE 'L-peptide linking' y ISOLEUCINE       ? 'C6 H13 N O2'    131.173 
LEU 'L-peptide linking' y LEUCINE          ? 'C6 H13 N O2'    131.173 
LYS 'L-peptide linking' y LYSINE           ? 'C6 H15 N2 O2 1' 147.195 
MET 'L-peptide linking' y METHIONINE       ? 'C5 H11 N O2 S'  149.211 
MSE 'L-peptide linking' n SELENOMETHIONINE ? 'C5 H11 N O2 Se' 196.106 
PHE 'L-peptide linking' y PHENYLALANINE    ? 'C9 H11 N O2'    165.189 
PRO 'L-peptide linking' y PROLINE          ? 'C5 H9 N O2'     115.130 
SER 'L-peptide linking' y SERINE           ? 'C3 H7 N O3'     105.093 
THR 'L-peptide linking' y THREONINE        ? 'C4 H9 N O3'     119.119 
TRP 'L-peptide linking' y TRYPTOPHAN       ? 'C11 H12 N2 O2'  204.225 
TYR 'L-peptide linking' y TYROSINE         ? 'C9 H11 N O3'    181.189 
VAL 'L-peptide linking' y VALINE           ? 'C5 H11 N O2'    117.146 
# 
loop_
_pdbx_poly_seq_scheme.asym_id 
_pdbx_poly_seq_scheme.entity_id 
_pdbx_poly_seq_scheme.seq_id 
_pdbx_poly_seq_scheme.mon_id 
_pdbx_poly_seq_scheme.ndb_seq_num 
_pdbx_poly_seq_scheme.pdb_seq_num 
_pdbx_poly_seq_scheme.auth_seq_num 
_pdbx_poly_seq_scheme.pdb_mon_id 
_pdbx_poly_seq_scheme.auth_mon_id 
_pdbx_poly_seq_scheme.pdb_strand_id 
_pdbx_poly_seq_scheme.pdb_ins_code 
_pdbx_poly_seq_scheme.hetero 
A 1 1   LYS 1   -2  ?   ?   ?   A . n 
A 1 2   GLU 2   -1  ?   ?   ?   A . n 
A 1 3   MET 3   0   ?   ?   ?   A . n 
A 1 4   ASP 4   1   1   ASP ASP A . n 
A 1 5   PRO 5   2   2   PRO PRO A . n 
A 1 6   GLU 6   3   3   GLU GLU A . n 
A 1 7   LYS 7   4   4   LYS LYS A . n 
A 1 8   LEU 8   5   5   LEU LEU A . n 
A 1 9   LYS 9   6   6   LYS LYS A . n 
A 1 10  ILE 10  7   7   ILE ILE A . n 
A 1 11  LEU 11  8   8   LEU LEU A . n 
A 1 12  GLU 12  9   9   GLU GLU A . n 
A 1 13  TRP 13  10  10  TRP TRP A . n 
A 1 14  ILE 14  11  11  ILE ILE A . n 
A 1 15  GLU 15  12  12  GLU GLU A . n 
A 1 16  GLY 16  13  13  GLY GLY A . n 
A 1 17  LYS 17  14  14  LYS LYS A . n 
A 1 18  GLU 18  15  15  GLU GLU A . n 
A 1 19  ARG 19  16  16  ARG ARG A . n 
A 1 20  ASN 20  17  17  ASN ASN A . n 
A 1 21  ILE 21  18  18  ILE ILE A . n 
A 1 22  ARG 22  19  19  ARG ARG A . n 
A 1 23  ALA 23  20  20  ALA ALA A . n 
A 1 24  LEU 24  21  21  LEU LEU A . n 
A 1 25  LEU 25  22  22  LEU LEU A . n 
A 1 26  SER 26  23  23  SER SER A . n 
A 1 27  THR 27  24  24  THR THR A . n 
A 1 28  MSE 28  25  25  MSE MSE A . n 
A 1 29  HIS 29  26  26  HIS HIS A . n 
A 1 30  THR 30  27  27  THR THR A . n 
A 1 31  VAL 31  28  28  VAL VAL A . n 
A 1 32  LEU 32  29  29  LEU LEU A . n 
A 1 33  TRP 33  30  30  TRP TRP A . n 
A 1 34  ALA 34  31  31  ALA ALA A . n 
A 1 35  GLY 35  32  32  GLY GLY A . n 
A 1 36  GLU 36  33  33  GLU GLU A . n 
A 1 37  THR 37  34  34  THR THR A . n 
A 1 38  LYS 38  35  35  LYS LYS A . n 
A 1 39  TRP 39  36  36  TRP TRP A . n 
A 1 40  LYS 40  37  37  LYS LYS A . n 
A 1 41  PRO 41  38  38  PRO PRO A . n 
A 1 42  VAL 42  39  39  VAL VAL A . n 
A 1 43  GLY 43  40  40  GLY GLY A . n 
A 1 44  MSE 44  41  41  MSE MSE A . n 
A 1 45  ALA 45  42  42  ALA ALA A . n 
A 1 46  ASP 46  43  43  ASP ASP A . n 
A 1 47  LEU 47  44  44  LEU LEU A . n 
A 1 48  VAL 48  45  45  VAL VAL A . n 
A 1 49  THR 49  46  46  THR THR A . n 
A 1 50  PRO 50  47  47  PRO PRO A . n 
A 1 51  GLU 51  48  48  GLU GLU A . n 
A 1 52  GLN 52  49  49  GLN GLN A . n 
A 1 53  VAL 53  50  50  VAL VAL A . n 
A 1 54  LYS 54  51  51  LYS LYS A . n 
A 1 55  LYS 55  52  52  LYS LYS A . n 
A 1 56  VAL 56  53  53  VAL VAL A . n 
A 1 57  TYR 57  54  54  TYR TYR A . n 
A 1 58  ARG 58  55  55  ARG ARG A . n 
A 1 59  LYS 59  56  56  LYS LYS A . n 
A 1 60  ALA 60  57  57  ALA ALA A . n 
A 1 61  VAL 61  58  58  VAL VAL A . n 
A 1 62  LEU 62  59  59  LEU LEU A . n 
A 1 63  VAL 63  60  60  VAL VAL A . n 
A 1 64  VAL 64  61  61  VAL VAL A . n 
A 1 65  HIS 65  62  62  HIS HIS A . n 
A 1 66  PRO 66  63  63  PRO PRO A . n 
A 1 67  ASP 67  64  64  ASP ASP A . n 
A 1 68  LYS 68  65  65  LYS LYS A . n 
A 1 69  ALA 69  66  66  ALA ALA A . n 
A 1 70  THR 70  67  67  THR THR A . n 
A 1 71  GLY 71  68  68  GLY GLY A . n 
A 1 72  GLN 72  69  69  GLN GLN A . n 
A 1 73  PRO 73  70  70  PRO PRO A . n 
A 1 74  TYR 74  71  71  TYR TYR A . n 
A 1 75  GLU 75  72  72  GLU GLU A . n 
A 1 76  GLN 76  73  73  GLN GLN A . n 
A 1 77  TYR 77  74  74  TYR TYR A . n 
A 1 78  ALA 78  75  75  ALA ALA A . n 
A 1 79  LYS 79  76  76  LYS LYS A . n 
A 1 80  MSE 80  77  77  MSE MSE A . n 
A 1 81  ILE 81  78  78  ILE ILE A . n 
A 1 82  PHE 82  79  79  PHE PHE A . n 
A 1 83  MSE 83  80  80  MSE MSE A . n 
A 1 84  GLU 84  81  81  GLU GLU A . n 
A 1 85  LEU 85  82  82  LEU LEU A . n 
A 1 86  ASN 86  83  83  ASN ASN A . n 
A 1 87  ASP 87  84  84  ASP ASP A . n 
A 1 88  ALA 88  85  85  ALA ALA A . n 
A 1 89  TRP 89  86  86  TRP TRP A . n 
A 1 90  SER 90  87  87  SER SER A . n 
A 1 91  GLU 91  88  88  GLU GLU A . n 
A 1 92  PHE 92  89  89  PHE PHE A . n 
A 1 93  GLU 93  90  90  GLU GLU A . n 
A 1 94  ASN 94  91  91  ASN ASN A . n 
A 1 95  GLN 95  92  92  GLN GLN A . n 
A 1 96  GLY 96  93  93  GLY GLY A . n 
A 1 97  GLN 97  94  94  GLN GLN A . n 
A 1 98  LYS 98  95  95  LYS LYS A . n 
A 1 99  PRO 99  96  96  PRO PRO A . n 
A 1 100 LEU 100 97  97  LEU LEU A . n 
A 1 101 TYR 101 98  98  TYR TYR A . n 
B 1 1   LYS 1   98  ?   ?   ?   B . n 
B 1 2   GLU 2   99  ?   ?   ?   B . n 
B 1 3   MET 3   100 100 MET MET B . n 
B 1 4   ASP 4   101 101 ASP ASP B . n 
B 1 5   PRO 5   102 102 PRO PRO B . n 
B 1 6   GLU 6   103 103 GLU GLU B . n 
B 1 7   LYS 7   104 104 LYS LYS B . n 
B 1 8   LEU 8   105 105 LEU LEU B . n 
B 1 9   LYS 9   106 106 LYS LYS B . n 
B 1 10  ILE 10  107 107 ILE ILE B . n 
B 1 11  LEU 11  108 108 LEU LEU B . n 
B 1 12  GLU 12  109 109 GLU GLU B . n 
B 1 13  TRP 13  110 110 TRP TRP B . n 
B 1 14  ILE 14  111 111 ILE ILE B . n 
B 1 15  GLU 15  112 112 GLU GLU B . n 
B 1 16  GLY 16  113 113 GLY GLY B . n 
B 1 17  LYS 17  114 114 LYS LYS B . n 
B 1 18  GLU 18  115 115 GLU GLU B . n 
B 1 19  ARG 19  116 116 ARG ARG B . n 
B 1 20  ASN 20  117 117 ASN ASN B . n 
B 1 21  ILE 21  118 118 ILE ILE B . n 
B 1 22  ARG 22  119 119 ARG ARG B . n 
B 1 23  ALA 23  120 120 ALA ALA B . n 
B 1 24  LEU 24  121 121 LEU LEU B . n 
B 1 25  LEU 25  122 122 LEU LEU B . n 
B 1 26  SER 26  123 123 SER SER B . n 
B 1 27  THR 27  124 124 THR THR B . n 
B 1 28  MSE 28  125 125 MSE MSE B . n 
B 1 29  HIS 29  126 126 HIS HIS B . n 
B 1 30  THR 30  127 127 THR THR B . n 
B 1 31  VAL 31  128 128 VAL VAL B . n 
B 1 32  LEU 32  129 129 LEU LEU B . n 
B 1 33  TRP 33  130 130 TRP TRP B . n 
B 1 34  ALA 34  131 131 ALA ALA B . n 
B 1 35  GLY 35  132 132 GLY GLY B . n 
B 1 36  GLU 36  133 133 GLU GLU B . n 
B 1 37  THR 37  134 134 THR THR B . n 
B 1 38  LYS 38  135 135 LYS LYS B . n 
B 1 39  TRP 39  136 136 TRP TRP B . n 
B 1 40  LYS 40  137 137 LYS LYS B . n 
B 1 41  PRO 41  138 138 PRO PRO B . n 
B 1 42  VAL 42  139 139 VAL VAL B . n 
B 1 43  GLY 43  140 140 GLY GLY B . n 
B 1 44  MSE 44  141 141 MSE MSE B . n 
B 1 45  ALA 45  142 142 ALA ALA B . n 
B 1 46  ASP 46  143 143 ASP ASP B . n 
B 1 47  LEU 47  144 144 LEU LEU B . n 
B 1 48  VAL 48  145 145 VAL VAL B . n 
B 1 49  THR 49  146 146 THR THR B . n 
B 1 50  PRO 50  147 147 PRO PRO B . n 
B 1 51  GLU 51  148 148 GLU GLU B . n 
B 1 52  GLN 52  149 149 GLN GLN B . n 
B 1 53  VAL 53  150 150 VAL VAL B . n 
B 1 54  LYS 54  151 151 LYS LYS B . n 
B 1 55  LYS 55  152 152 LYS LYS B . n 
B 1 56  VAL 56  153 153 VAL VAL B . n 
B 1 57  TYR 57  154 154 TYR TYR B . n 
B 1 58  ARG 58  155 155 ARG ARG B . n 
B 1 59  LYS 59  156 156 LYS LYS B . n 
B 1 60  ALA 60  157 157 ALA ALA B . n 
B 1 61  VAL 61  158 158 VAL VAL B . n 
B 1 62  LEU 62  159 159 LEU LEU B . n 
B 1 63  VAL 63  160 160 VAL VAL B . n 
B 1 64  VAL 64  161 161 VAL VAL B . n 
B 1 65  HIS 65  162 162 HIS HIS B . n 
B 1 66  PRO 66  163 163 PRO PRO B . n 
B 1 67  ASP 67  164 164 ASP ASP B . n 
B 1 68  LYS 68  165 165 LYS LYS B . n 
B 1 69  ALA 69  166 166 ALA ALA B . n 
B 1 70  THR 70  167 167 THR THR B . n 
B 1 71  GLY 71  168 168 GLY GLY B . n 
B 1 72  GLN 72  169 169 GLN GLN B . n 
B 1 73  PRO 73  170 170 PRO PRO B . n 
B 1 74  TYR 74  171 171 TYR TYR B . n 
B 1 75  GLU 75  172 172 GLU GLU B . n 
B 1 76  GLN 76  173 173 GLN GLN B . n 
B 1 77  TYR 77  174 174 TYR TYR B . n 
B 1 78  ALA 78  175 175 ALA ALA B . n 
B 1 79  LYS 79  176 176 LYS LYS B . n 
B 1 80  MSE 80  177 177 MSE MSE B . n 
B 1 81  ILE 81  178 178 ILE ILE B . n 
B 1 82  PHE 82  179 179 PHE PHE B . n 
B 1 83  MSE 83  180 180 MSE MSE B . n 
B 1 84  GLU 84  181 181 GLU GLU B . n 
B 1 85  LEU 85  182 182 LEU LEU B . n 
B 1 86  ASN 86  183 183 ASN ASN B . n 
B 1 87  ASP 87  184 184 ASP ASP B . n 
B 1 88  ALA 88  185 185 ALA ALA B . n 
B 1 89  TRP 89  186 186 TRP TRP B . n 
B 1 90  SER 90  187 187 SER SER B . n 
B 1 91  GLU 91  188 188 GLU GLU B . n 
B 1 92  PHE 92  189 189 PHE PHE B . n 
B 1 93  GLU 93  190 190 GLU GLU B . n 
B 1 94  ASN 94  191 191 ASN ASN B . n 
B 1 95  GLN 95  192 192 GLN GLN B . n 
B 1 96  GLY 96  193 193 GLY GLY B . n 
B 1 97  GLN 97  194 194 GLN GLN B . n 
B 1 98  LYS 98  195 195 LYS LYS B . n 
B 1 99  PRO 99  196 196 PRO PRO B . n 
B 1 100 LEU 100 197 197 LEU LEU B . n 
B 1 101 TYR 101 198 198 TYR TYR B . n 
# 
loop_
_pdbx_nonpoly_scheme.asym_id 
_pdbx_nonpoly_scheme.entity_id 
_pdbx_nonpoly_scheme.mon_id 
_pdbx_nonpoly_scheme.ndb_seq_num 
_pdbx_nonpoly_scheme.pdb_seq_num 
_pdbx_nonpoly_scheme.auth_seq_num 
_pdbx_nonpoly_scheme.pdb_mon_id 
_pdbx_nonpoly_scheme.auth_mon_id 
_pdbx_nonpoly_scheme.pdb_strand_id 
_pdbx_nonpoly_scheme.pdb_ins_code 
C 2 HOH 1  99  3  HOH HOH A . 
C 2 HOH 2  100 4  HOH HOH A . 
C 2 HOH 3  101 6  HOH HOH A . 
C 2 HOH 4  102 8  HOH HOH A . 
C 2 HOH 5  103 12 HOH HOH A . 
C 2 HOH 6  104 14 HOH HOH A . 
C 2 HOH 7  105 15 HOH HOH A . 
C 2 HOH 8  106 20 HOH HOH A . 
C 2 HOH 9  107 21 HOH HOH A . 
D 2 HOH 1  1   1  HOH HOH B . 
D 2 HOH 2  2   2  HOH HOH B . 
D 2 HOH 3  5   5  HOH HOH B . 
D 2 HOH 4  7   7  HOH HOH B . 
D 2 HOH 5  9   9  HOH HOH B . 
D 2 HOH 6  10  10 HOH HOH B . 
D 2 HOH 7  11  11 HOH HOH B . 
D 2 HOH 8  13  13 HOH HOH B . 
D 2 HOH 9  16  16 HOH HOH B . 
D 2 HOH 10 17  17 HOH HOH B . 
D 2 HOH 11 18  18 HOH HOH B . 
D 2 HOH 12 19  19 HOH HOH B . 
# 
loop_
_pdbx_unobs_or_zero_occ_atoms.id 
_pdbx_unobs_or_zero_occ_atoms.PDB_model_num 
_pdbx_unobs_or_zero_occ_atoms.polymer_flag 
_pdbx_unobs_or_zero_occ_atoms.occupancy_flag 
_pdbx_unobs_or_zero_occ_atoms.auth_asym_id 
_pdbx_unobs_or_zero_occ_atoms.auth_comp_id 
_pdbx_unobs_or_zero_occ_atoms.auth_seq_id 
_pdbx_unobs_or_zero_occ_atoms.PDB_ins_code 
_pdbx_unobs_or_zero_occ_atoms.auth_atom_id 
_pdbx_unobs_or_zero_occ_atoms.label_alt_id 
_pdbx_unobs_or_zero_occ_atoms.label_asym_id 
_pdbx_unobs_or_zero_occ_atoms.label_comp_id 
_pdbx_unobs_or_zero_occ_atoms.label_seq_id 
_pdbx_unobs_or_zero_occ_atoms.label_atom_id 
1 1 Y 1 B MET 100 ? CG ? B MET 3 CG 
2 1 Y 1 B MET 100 ? SD ? B MET 3 SD 
3 1 Y 1 B MET 100 ? CE ? B MET 3 CE 
# 
loop_
_software.name 
_software.classification 
_software.version 
_software.citation_id 
_software.pdbx_ordinal 
HKL-2000  'data collection' .   ? 1 
SCALEPACK 'data scaling'    .   ? 2 
SHARP     phasing           .   ? 3 
CNS       refinement        1.0 ? 4 
HKL-2000  'data reduction'  .   ? 5 
# 
_cell.entry_id           1NZ6 
_cell.length_a           94.066 
_cell.length_b           103.138 
_cell.length_c           75.657 
_cell.angle_alpha        90.00 
_cell.angle_beta         90.00 
_cell.angle_gamma        90.00 
_cell.Z_PDB              16 
_cell.pdbx_unique_axis   ? 
# 
_symmetry.entry_id                         1NZ6 
_symmetry.space_group_name_H-M             'C 2 2 21' 
_symmetry.pdbx_full_space_group_name_H-M   ? 
_symmetry.cell_setting                     ? 
_symmetry.Int_Tables_number                20 
_symmetry.space_group_name_Hall            ? 
# 
_exptl.entry_id          1NZ6 
_exptl.method            'X-RAY DIFFRACTION' 
_exptl.crystals_number   1 
# 
_exptl_crystal.id                    1 
_exptl_crystal.density_meas          ? 
_exptl_crystal.density_Matthews      4.00 
_exptl_crystal.density_percent_sol   69.04 
_exptl_crystal.description           ? 
_exptl_crystal.F_000                 ? 
_exptl_crystal.preparation           ? 
# 
_exptl_crystal_grow.crystal_id      1 
_exptl_crystal_grow.method          'microbatch under oil' 
_exptl_crystal_grow.temp            277 
_exptl_crystal_grow.temp_details    ? 
_exptl_crystal_grow.pH              8.0 
_exptl_crystal_grow.pdbx_details    'PEG 8000, Tris-Cl, TCEP, Glycerol, pH 8.0, microbatch under oil, temperature 277K' 
_exptl_crystal_grow.pdbx_pH_range   . 
# 
_diffrn.id                     1 
_diffrn.ambient_temp           113 
_diffrn.ambient_temp_details   ? 
_diffrn.crystal_id             1 
# 
_diffrn_detector.diffrn_id              1 
_diffrn_detector.detector               'IMAGE PLATE' 
_diffrn_detector.type                   'RIGAKU RAXIS IV' 
_diffrn_detector.pdbx_collection_date   2002-10-15 
_diffrn_detector.details                mirrors 
# 
_diffrn_radiation.diffrn_id                        1 
_diffrn_radiation.wavelength_id                    1 
_diffrn_radiation.pdbx_monochromatic_or_laue_m_l   M 
_diffrn_radiation.monochromator                    ? 
_diffrn_radiation.pdbx_diffrn_protocol             MAD 
_diffrn_radiation.pdbx_scattering_type             x-ray 
# 
loop_
_diffrn_radiation_wavelength.id 
_diffrn_radiation_wavelength.wavelength 
_diffrn_radiation_wavelength.wt 
1 0.9788 1.0 
2 0.9790 1.0 
3 0.9813 1.0 
# 
_diffrn_source.diffrn_id                   1 
_diffrn_source.source                      SYNCHROTRON 
_diffrn_source.type                        'NSLS BEAMLINE X8C' 
_diffrn_source.pdbx_synchrotron_site       NSLS 
_diffrn_source.pdbx_synchrotron_beamline   X8C 
_diffrn_source.pdbx_wavelength             ? 
_diffrn_source.pdbx_wavelength_list        '0.9788, 0.9790, 0.9813' 
# 
_reflns.entry_id                     1NZ6 
_reflns.observed_criterion_sigma_F   0.0 
_reflns.observed_criterion_sigma_I   0.0 
_reflns.d_resolution_high            2.5 
_reflns.d_resolution_low             50 
_reflns.number_all                   13067 
_reflns.number_obs                   12866 
_reflns.percent_possible_obs         98.5 
_reflns.pdbx_Rmerge_I_obs            0.049 
_reflns.pdbx_Rsym_value              ? 
_reflns.pdbx_netI_over_sigmaI        38.9 
_reflns.B_iso_Wilson_estimate        ? 
_reflns.pdbx_redundancy              ? 
_reflns.R_free_details               ? 
_reflns.limit_h_max                  ? 
_reflns.limit_h_min                  ? 
_reflns.limit_k_max                  ? 
_reflns.limit_k_min                  ? 
_reflns.limit_l_max                  ? 
_reflns.limit_l_min                  ? 
_reflns.observed_criterion_F_max     ? 
_reflns.observed_criterion_F_min     ? 
_reflns.pdbx_chi_squared             ? 
_reflns.pdbx_scaling_rejects         ? 
_reflns.pdbx_diffrn_id               1 
_reflns.pdbx_ordinal                 1 
# 
_reflns_shell.d_res_high             2.5 
_reflns_shell.d_res_low              ? 
_reflns_shell.percent_possible_all   ? 
_reflns_shell.Rmerge_I_obs           ? 
_reflns_shell.pdbx_Rsym_value        ? 
_reflns_shell.meanI_over_sigI_obs    ? 
_reflns_shell.pdbx_redundancy        ? 
_reflns_shell.percent_possible_obs   ? 
_reflns_shell.number_unique_all      ? 
_reflns_shell.number_measured_all    ? 
_reflns_shell.number_measured_obs    ? 
_reflns_shell.number_unique_obs      ? 
_reflns_shell.pdbx_chi_squared       ? 
_reflns_shell.pdbx_diffrn_id         ? 
_reflns_shell.pdbx_ordinal           1 
# 
_refine.entry_id                                 1NZ6 
_refine.ls_d_res_high                            2.5 
_refine.ls_d_res_low                             50 
_refine.pdbx_ls_sigma_F                          0.0 
_refine.pdbx_ls_sigma_I                          ? 
_refine.ls_number_reflns_all                     13067 
_refine.ls_number_reflns_obs                     12866 
_refine.ls_number_reflns_R_free                  1330 
_refine.ls_percent_reflns_obs                    98.5 
_refine.ls_R_factor_all                          ? 
_refine.ls_R_factor_obs                          0.234 
_refine.ls_R_factor_R_work                       0.234 
_refine.ls_R_factor_R_free                       0.268 
_refine.ls_redundancy_reflns_obs                 ? 
_refine.pdbx_data_cutoff_high_absF               ? 
_refine.pdbx_data_cutoff_low_absF                ? 
_refine.ls_number_parameters                     ? 
_refine.ls_number_restraints                     ? 
_refine.ls_percent_reflns_R_free                 ? 
_refine.ls_R_factor_R_free_error                 ? 
_refine.ls_R_factor_R_free_error_details         ? 
_refine.pdbx_method_to_determine_struct          MAD 
_refine.pdbx_starting_model                      ? 
_refine.pdbx_ls_cross_valid_method               ? 
_refine.pdbx_R_Free_selection_details            RANDOM 
_refine.pdbx_stereochem_target_val_spec_case     ? 
_refine.pdbx_stereochemistry_target_values       'Engh & Huber' 
_refine.solvent_model_details                    ? 
_refine.solvent_model_param_bsol                 ? 
_refine.solvent_model_param_ksol                 ? 
_refine.occupancy_max                            ? 
_refine.occupancy_min                            ? 
_refine.pdbx_isotropic_thermal_model             ? 
_refine.B_iso_mean                               ? 
_refine.aniso_B[1][1]                            ? 
_refine.aniso_B[1][2]                            ? 
_refine.aniso_B[1][3]                            ? 
_refine.aniso_B[2][2]                            ? 
_refine.aniso_B[2][3]                            ? 
_refine.aniso_B[3][3]                            ? 
_refine.details                                  ? 
_refine.B_iso_min                                ? 
_refine.B_iso_max                                ? 
_refine.correlation_coeff_Fo_to_Fc               ? 
_refine.correlation_coeff_Fo_to_Fc_free          ? 
_refine.pdbx_solvent_vdw_probe_radii             ? 
_refine.pdbx_solvent_ion_probe_radii             ? 
_refine.pdbx_solvent_shrinkage_radii             ? 
_refine.overall_SU_R_Cruickshank_DPI             ? 
_refine.overall_SU_R_free                        ? 
_refine.overall_SU_B                             ? 
_refine.overall_SU_ML                            ? 
_refine.pdbx_overall_ESU_R                       ? 
_refine.pdbx_overall_ESU_R_Free                  ? 
_refine.pdbx_data_cutoff_high_rms_absF           ? 
_refine.ls_wR_factor_R_free                      ? 
_refine.ls_wR_factor_R_work                      ? 
_refine.overall_FOM_free_R_set                   ? 
_refine.overall_FOM_work_R_set                   ? 
_refine.pdbx_refine_id                           'X-RAY DIFFRACTION' 
_refine.pdbx_diffrn_id                           1 
_refine.pdbx_TLS_residual_ADP_flag               ? 
_refine.pdbx_overall_phase_error                 ? 
_refine.pdbx_overall_SU_R_free_Cruickshank_DPI   ? 
_refine.pdbx_overall_SU_R_Blow_DPI               ? 
_refine.pdbx_overall_SU_R_free_Blow_DPI          ? 
# 
_refine_hist.pdbx_refine_id                   'X-RAY DIFFRACTION' 
_refine_hist.cycle_id                         LAST 
_refine_hist.pdbx_number_atoms_protein        1616 
_refine_hist.pdbx_number_atoms_nucleic_acid   0 
_refine_hist.pdbx_number_atoms_ligand         0 
_refine_hist.number_atoms_solvent             21 
_refine_hist.number_atoms_total               1637 
_refine_hist.d_res_high                       2.5 
_refine_hist.d_res_low                        50 
# 
loop_
_refine_ls_restr.type 
_refine_ls_restr.dev_ideal 
_refine_ls_restr.dev_ideal_target 
_refine_ls_restr.weight 
_refine_ls_restr.number 
_refine_ls_restr.pdbx_refine_id 
_refine_ls_restr.pdbx_restraint_function 
c_angle_deg        1.09  ? ? ? 'X-RAY DIFFRACTION' ? 
c_bond_d           0.007 ? ? ? 'X-RAY DIFFRACTION' ? 
c_dihedral_angle_d 20.1  ? ? ? 'X-RAY DIFFRACTION' ? 
c_improper_angle_d 0.827 ? ? ? 'X-RAY DIFFRACTION' ? 
# 
_refine_ls_shell.pdbx_total_number_of_bins_used   ? 
_refine_ls_shell.d_res_high                       2.50 
_refine_ls_shell.d_res_low                        2.59 
_refine_ls_shell.number_reflns_R_work             ? 
_refine_ls_shell.R_factor_R_work                  0.334 
_refine_ls_shell.percent_reflns_obs               95.2 
_refine_ls_shell.R_factor_R_free                  0.361 
_refine_ls_shell.R_factor_R_free_error            ? 
_refine_ls_shell.percent_reflns_R_free            ? 
_refine_ls_shell.number_reflns_R_free             ? 
_refine_ls_shell.number_reflns_obs                ? 
_refine_ls_shell.redundancy_reflns_obs            ? 
_refine_ls_shell.number_reflns_all                ? 
_refine_ls_shell.pdbx_refine_id                   'X-RAY DIFFRACTION' 
_refine_ls_shell.R_factor_all                     ? 
# 
_struct.entry_id                  1NZ6 
_struct.title                     'Crystal Structure of Auxilin J-Domain' 
_struct.pdbx_model_details        ? 
_struct.pdbx_CASP_flag            ? 
_struct.pdbx_model_type_details   ? 
# 
_struct_keywords.entry_id        1NZ6 
_struct_keywords.pdbx_keywords   'PROTEIN BINDING' 
_struct_keywords.text            'Alpha Helix, Anti-Parallel Helix Hairpin, PROTEIN BINDING' 
# 
loop_
_struct_asym.id 
_struct_asym.pdbx_blank_PDB_chainid_flag 
_struct_asym.pdbx_modified 
_struct_asym.entity_id 
_struct_asym.details 
A N N 1 ? 
B N N 1 ? 
C N N 2 ? 
D N N 2 ? 
# 
_struct_ref.id                         1 
_struct_ref.db_name                    UNP 
_struct_ref.db_code                    AUXI_BOVIN 
_struct_ref.pdbx_db_accession          Q27974 
_struct_ref.entity_id                  1 
_struct_ref.pdbx_seq_one_letter_code   
;KEMDPEKLKILEWIEGKERNIRALLSTMHTVLWAGETKWKPVGMADLVTPEQVKKVYRKAVLVVHPDKATGQPYEQYAKM
IFMELNDAWSEFENQGQKPLY
;
_struct_ref.pdbx_align_begin           810 
_struct_ref.pdbx_db_isoform            ? 
# 
loop_
_struct_ref_seq.align_id 
_struct_ref_seq.ref_id 
_struct_ref_seq.pdbx_PDB_id_code 
_struct_ref_seq.pdbx_strand_id 
_struct_ref_seq.seq_align_beg 
_struct_ref_seq.pdbx_seq_align_beg_ins_code 
_struct_ref_seq.seq_align_end 
_struct_ref_seq.pdbx_seq_align_end_ins_code 
_struct_ref_seq.pdbx_db_accession 
_struct_ref_seq.db_align_beg 
_struct_ref_seq.pdbx_db_align_beg_ins_code 
_struct_ref_seq.db_align_end 
_struct_ref_seq.pdbx_db_align_end_ins_code 
_struct_ref_seq.pdbx_auth_seq_align_beg 
_struct_ref_seq.pdbx_auth_seq_align_end 
1 1 1NZ6 A 1 ? 101 ? Q27974 810 ? 910 ? -2 98  
2 1 1NZ6 B 1 ? 101 ? Q27974 810 ? 910 ? 98 198 
# 
loop_
_struct_ref_seq_dif.align_id 
_struct_ref_seq_dif.pdbx_pdb_id_code 
_struct_ref_seq_dif.mon_id 
_struct_ref_seq_dif.pdbx_pdb_strand_id 
_struct_ref_seq_dif.seq_num 
_struct_ref_seq_dif.pdbx_pdb_ins_code 
_struct_ref_seq_dif.pdbx_seq_db_name 
_struct_ref_seq_dif.pdbx_seq_db_accession_code 
_struct_ref_seq_dif.db_mon_id 
_struct_ref_seq_dif.pdbx_seq_db_seq_num 
_struct_ref_seq_dif.details 
_struct_ref_seq_dif.pdbx_auth_seq_num 
_struct_ref_seq_dif.pdbx_ordinal 
1 1NZ6 MSE A 28 ? UNP Q27974 MET 837 'modified residue' 25  1 
1 1NZ6 MSE A 44 ? UNP Q27974 MET 853 'modified residue' 41  2 
1 1NZ6 MSE A 80 ? UNP Q27974 MET 889 'modified residue' 77  3 
1 1NZ6 MSE A 83 ? UNP Q27974 MET 892 'modified residue' 80  4 
2 1NZ6 MSE B 28 ? UNP Q27974 MET 837 'modified residue' 125 5 
2 1NZ6 MSE B 44 ? UNP Q27974 MET 853 'modified residue' 141 6 
2 1NZ6 MSE B 80 ? UNP Q27974 MET 889 'modified residue' 177 7 
2 1NZ6 MSE B 83 ? UNP Q27974 MET 892 'modified residue' 180 8 
# 
loop_
_pdbx_struct_assembly.id 
_pdbx_struct_assembly.details 
_pdbx_struct_assembly.method_details 
_pdbx_struct_assembly.oligomeric_details 
_pdbx_struct_assembly.oligomeric_count 
1 author_defined_assembly ? monomeric 1 
2 author_defined_assembly ? monomeric 1 
# 
loop_
_pdbx_struct_assembly_gen.assembly_id 
_pdbx_struct_assembly_gen.oper_expression 
_pdbx_struct_assembly_gen.asym_id_list 
1 1 A,C 
2 1 B,D 
# 
_pdbx_struct_oper_list.id                   1 
_pdbx_struct_oper_list.type                 'identity operation' 
_pdbx_struct_oper_list.name                 1_555 
_pdbx_struct_oper_list.symmetry_operation   x,y,z 
_pdbx_struct_oper_list.matrix[1][1]         1.0000000000 
_pdbx_struct_oper_list.matrix[1][2]         0.0000000000 
_pdbx_struct_oper_list.matrix[1][3]         0.0000000000 
_pdbx_struct_oper_list.vector[1]            0.0000000000 
_pdbx_struct_oper_list.matrix[2][1]         0.0000000000 
_pdbx_struct_oper_list.matrix[2][2]         1.0000000000 
_pdbx_struct_oper_list.matrix[2][3]         0.0000000000 
_pdbx_struct_oper_list.vector[2]            0.0000000000 
_pdbx_struct_oper_list.matrix[3][1]         0.0000000000 
_pdbx_struct_oper_list.matrix[3][2]         0.0000000000 
_pdbx_struct_oper_list.matrix[3][3]         1.0000000000 
_pdbx_struct_oper_list.vector[3]            0.0000000000 
# 
loop_
_struct_biol.id 
_struct_biol.pdbx_parent_biol_id 
_struct_biol.details 
1 ? ? 
2 ? ? 
# 
loop_
_struct_conf.conf_type_id 
_struct_conf.id 
_struct_conf.pdbx_PDB_helix_id 
_struct_conf.beg_label_comp_id 
_struct_conf.beg_label_asym_id 
_struct_conf.beg_label_seq_id 
_struct_conf.pdbx_beg_PDB_ins_code 
_struct_conf.end_label_comp_id 
_struct_conf.end_label_asym_id 
_struct_conf.end_label_seq_id 
_struct_conf.pdbx_end_PDB_ins_code 
_struct_conf.beg_auth_comp_id 
_struct_conf.beg_auth_asym_id 
_struct_conf.beg_auth_seq_id 
_struct_conf.end_auth_comp_id 
_struct_conf.end_auth_asym_id 
_struct_conf.end_auth_seq_id 
_struct_conf.pdbx_PDB_helix_class 
_struct_conf.details 
_struct_conf.pdbx_PDB_helix_length 
HELX_P HELX_P1  1  ASP A 4  ? GLU A 15 ? ASP A 1   GLU A 12  1 ? 12 
HELX_P HELX_P2  2  ASN A 20 ? SER A 26 ? ASN A 17  SER A 23  1 ? 7  
HELX_P HELX_P3  3  THR A 27 ? VAL A 31 ? THR A 24  VAL A 28  5 ? 5  
HELX_P HELX_P4  4  GLY A 43 ? LEU A 47 ? GLY A 40  LEU A 44  5 ? 5  
HELX_P HELX_P5  5  THR A 49 ? VAL A 64 ? THR A 46  VAL A 61  1 ? 16 
HELX_P HELX_P6  6  HIS A 65 ? THR A 70 ? HIS A 62  THR A 67  1 ? 6  
HELX_P HELX_P7  7  TYR A 74 ? ASN A 94 ? TYR A 71  ASN A 91  1 ? 21 
HELX_P HELX_P8  8  ASP B 4  ? GLU B 18 ? ASP B 101 GLU B 115 1 ? 15 
HELX_P HELX_P9  9  ASN B 20 ? THR B 27 ? ASN B 117 THR B 124 1 ? 8  
HELX_P HELX_P10 10 MSE B 28 ? VAL B 31 ? MSE B 125 VAL B 128 5 ? 4  
HELX_P HELX_P11 11 GLY B 43 ? LEU B 47 ? GLY B 140 LEU B 144 5 ? 5  
HELX_P HELX_P12 12 THR B 49 ? HIS B 65 ? THR B 146 HIS B 162 1 ? 17 
HELX_P HELX_P13 13 PRO B 66 ? THR B 70 ? PRO B 163 THR B 167 5 ? 5  
HELX_P HELX_P14 14 TYR B 74 ? GLN B 95 ? TYR B 171 GLN B 192 1 ? 22 
# 
_struct_conf_type.id          HELX_P 
_struct_conf_type.criteria    ? 
_struct_conf_type.reference   ? 
# 
loop_
_struct_conn.id 
_struct_conn.conn_type_id 
_struct_conn.pdbx_leaving_atom_flag 
_struct_conn.pdbx_PDB_id 
_struct_conn.ptnr1_label_asym_id 
_struct_conn.ptnr1_label_comp_id 
_struct_conn.ptnr1_label_seq_id 
_struct_conn.ptnr1_label_atom_id 
_struct_conn.pdbx_ptnr1_label_alt_id 
_struct_conn.pdbx_ptnr1_PDB_ins_code 
_struct_conn.pdbx_ptnr1_standard_comp_id 
_struct_conn.ptnr1_symmetry 
_struct_conn.ptnr2_label_asym_id 
_struct_conn.ptnr2_label_comp_id 
_struct_conn.ptnr2_label_seq_id 
_struct_conn.ptnr2_label_atom_id 
_struct_conn.pdbx_ptnr2_label_alt_id 
_struct_conn.pdbx_ptnr2_PDB_ins_code 
_struct_conn.ptnr1_auth_asym_id 
_struct_conn.ptnr1_auth_comp_id 
_struct_conn.ptnr1_auth_seq_id 
_struct_conn.ptnr2_auth_asym_id 
_struct_conn.ptnr2_auth_comp_id 
_struct_conn.ptnr2_auth_seq_id 
_struct_conn.ptnr2_symmetry 
_struct_conn.pdbx_ptnr3_label_atom_id 
_struct_conn.pdbx_ptnr3_label_seq_id 
_struct_conn.pdbx_ptnr3_label_comp_id 
_struct_conn.pdbx_ptnr3_label_asym_id 
_struct_conn.pdbx_ptnr3_label_alt_id 
_struct_conn.pdbx_ptnr3_PDB_ins_code 
_struct_conn.details 
_struct_conn.pdbx_dist_value 
_struct_conn.pdbx_value_order 
_struct_conn.pdbx_role 
covale1  covale both ? A THR 27 C ? ? ? 1_555 A MSE 28 N ? ? A THR 24  A MSE 25  1_555 ? ? ? ? ? ? ? 1.320 ? ? 
covale2  covale both ? A MSE 28 C ? ? ? 1_555 A HIS 29 N ? ? A MSE 25  A HIS 26  1_555 ? ? ? ? ? ? ? 1.325 ? ? 
covale3  covale both ? A GLY 43 C ? ? ? 1_555 A MSE 44 N ? ? A GLY 40  A MSE 41  1_555 ? ? ? ? ? ? ? 1.326 ? ? 
covale4  covale both ? A MSE 44 C ? ? ? 1_555 A ALA 45 N ? ? A MSE 41  A ALA 42  1_555 ? ? ? ? ? ? ? 1.331 ? ? 
covale5  covale both ? A LYS 79 C ? ? ? 1_555 A MSE 80 N ? ? A LYS 76  A MSE 77  1_555 ? ? ? ? ? ? ? 1.331 ? ? 
covale6  covale both ? A MSE 80 C ? ? ? 1_555 A ILE 81 N ? ? A MSE 77  A ILE 78  1_555 ? ? ? ? ? ? ? 1.328 ? ? 
covale7  covale both ? A PHE 82 C ? ? ? 1_555 A MSE 83 N ? ? A PHE 79  A MSE 80  1_555 ? ? ? ? ? ? ? 1.326 ? ? 
covale8  covale both ? A MSE 83 C ? ? ? 1_555 A GLU 84 N ? ? A MSE 80  A GLU 81  1_555 ? ? ? ? ? ? ? 1.325 ? ? 
covale9  covale both ? B THR 27 C ? ? ? 1_555 B MSE 28 N ? ? B THR 124 B MSE 125 1_555 ? ? ? ? ? ? ? 1.327 ? ? 
covale10 covale both ? B MSE 28 C ? ? ? 1_555 B HIS 29 N ? ? B MSE 125 B HIS 126 1_555 ? ? ? ? ? ? ? 1.329 ? ? 
covale11 covale both ? B GLY 43 C ? ? ? 1_555 B MSE 44 N ? ? B GLY 140 B MSE 141 1_555 ? ? ? ? ? ? ? 1.328 ? ? 
covale12 covale both ? B MSE 44 C ? ? ? 1_555 B ALA 45 N ? ? B MSE 141 B ALA 142 1_555 ? ? ? ? ? ? ? 1.330 ? ? 
covale13 covale both ? B LYS 79 C ? ? ? 1_555 B MSE 80 N ? ? B LYS 176 B MSE 177 1_555 ? ? ? ? ? ? ? 1.325 ? ? 
covale14 covale both ? B MSE 80 C ? ? ? 1_555 B ILE 81 N ? ? B MSE 177 B ILE 178 1_555 ? ? ? ? ? ? ? 1.324 ? ? 
covale15 covale both ? B PHE 82 C ? ? ? 1_555 B MSE 83 N ? ? B PHE 179 B MSE 180 1_555 ? ? ? ? ? ? ? 1.329 ? ? 
covale16 covale both ? B MSE 83 C ? ? ? 1_555 B GLU 84 N ? ? B MSE 180 B GLU 181 1_555 ? ? ? ? ? ? ? 1.330 ? ? 
# 
_struct_conn_type.id          covale 
_struct_conn_type.criteria    ? 
_struct_conn_type.reference   ? 
# 
loop_
_pdbx_modification_feature.ordinal 
_pdbx_modification_feature.label_comp_id 
_pdbx_modification_feature.label_asym_id 
_pdbx_modification_feature.label_seq_id 
_pdbx_modification_feature.label_alt_id 
_pdbx_modification_feature.modified_residue_label_comp_id 
_pdbx_modification_feature.modified_residue_label_asym_id 
_pdbx_modification_feature.modified_residue_label_seq_id 
_pdbx_modification_feature.modified_residue_label_alt_id 
_pdbx_modification_feature.auth_comp_id 
_pdbx_modification_feature.auth_asym_id 
_pdbx_modification_feature.auth_seq_id 
_pdbx_modification_feature.PDB_ins_code 
_pdbx_modification_feature.symmetry 
_pdbx_modification_feature.modified_residue_auth_comp_id 
_pdbx_modification_feature.modified_residue_auth_asym_id 
_pdbx_modification_feature.modified_residue_auth_seq_id 
_pdbx_modification_feature.modified_residue_PDB_ins_code 
_pdbx_modification_feature.modified_residue_symmetry 
_pdbx_modification_feature.comp_id_linking_atom 
_pdbx_modification_feature.modified_residue_id_linking_atom 
_pdbx_modification_feature.modified_residue_id 
_pdbx_modification_feature.ref_pcm_id 
_pdbx_modification_feature.ref_comp_id 
_pdbx_modification_feature.type 
_pdbx_modification_feature.category 
1 MSE A 28 ? . . . . MSE A 25  ? 1_555 . . . . . . . MET 1 MSE Selenomethionine 'Named protein modification' 
2 MSE A 44 ? . . . . MSE A 41  ? 1_555 . . . . . . . MET 1 MSE Selenomethionine 'Named protein modification' 
3 MSE A 80 ? . . . . MSE A 77  ? 1_555 . . . . . . . MET 1 MSE Selenomethionine 'Named protein modification' 
4 MSE A 83 ? . . . . MSE A 80  ? 1_555 . . . . . . . MET 1 MSE Selenomethionine 'Named protein modification' 
5 MSE B 28 ? . . . . MSE B 125 ? 1_555 . . . . . . . MET 1 MSE Selenomethionine 'Named protein modification' 
6 MSE B 44 ? . . . . MSE B 141 ? 1_555 . . . . . . . MET 1 MSE Selenomethionine 'Named protein modification' 
7 MSE B 80 ? . . . . MSE B 177 ? 1_555 . . . . . . . MET 1 MSE Selenomethionine 'Named protein modification' 
8 MSE B 83 ? . . . . MSE B 180 ? 1_555 . . . . . . . MET 1 MSE Selenomethionine 'Named protein modification' 
# 
_pdbx_entry_details.entry_id                   1NZ6 
_pdbx_entry_details.compound_details           ? 
_pdbx_entry_details.source_details             ? 
_pdbx_entry_details.nonpolymer_details         ? 
_pdbx_entry_details.sequence_details           ? 
_pdbx_entry_details.has_ligand_of_interest     ? 
_pdbx_entry_details.has_protein_modification   Y 
# 
_pdbx_validate_torsion.id              1 
_pdbx_validate_torsion.PDB_model_num   1 
_pdbx_validate_torsion.auth_comp_id    VAL 
_pdbx_validate_torsion.auth_asym_id    A 
_pdbx_validate_torsion.auth_seq_id     45 
_pdbx_validate_torsion.PDB_ins_code    ? 
_pdbx_validate_torsion.label_alt_id    ? 
_pdbx_validate_torsion.phi             -71.04 
_pdbx_validate_torsion.psi             -70.54 
# 
loop_
_pdbx_struct_mod_residue.id 
_pdbx_struct_mod_residue.label_asym_id 
_pdbx_struct_mod_residue.label_comp_id 
_pdbx_struct_mod_residue.label_seq_id 
_pdbx_struct_mod_residue.auth_asym_id 
_pdbx_struct_mod_residue.auth_comp_id 
_pdbx_struct_mod_residue.auth_seq_id 
_pdbx_struct_mod_residue.PDB_ins_code 
_pdbx_struct_mod_residue.parent_comp_id 
_pdbx_struct_mod_residue.details 
1 A MSE 28 A MSE 25  ? MET SELENOMETHIONINE 
2 A MSE 44 A MSE 41  ? MET SELENOMETHIONINE 
3 A MSE 80 A MSE 77  ? MET SELENOMETHIONINE 
4 A MSE 83 A MSE 80  ? MET SELENOMETHIONINE 
5 B MSE 28 B MSE 125 ? MET SELENOMETHIONINE 
6 B MSE 44 B MSE 141 ? MET SELENOMETHIONINE 
7 B MSE 80 B MSE 177 ? MET SELENOMETHIONINE 
8 B MSE 83 B MSE 180 ? MET SELENOMETHIONINE 
# 
_pdbx_struct_special_symmetry.id              1 
_pdbx_struct_special_symmetry.PDB_model_num   1 
_pdbx_struct_special_symmetry.auth_asym_id    A 
_pdbx_struct_special_symmetry.auth_comp_id    HOH 
_pdbx_struct_special_symmetry.auth_seq_id     104 
_pdbx_struct_special_symmetry.PDB_ins_code    ? 
_pdbx_struct_special_symmetry.label_asym_id   C 
_pdbx_struct_special_symmetry.label_comp_id   HOH 
_pdbx_struct_special_symmetry.label_seq_id    . 
# 
loop_
_pdbx_unobs_or_zero_occ_residues.id 
_pdbx_unobs_or_zero_occ_residues.PDB_model_num 
_pdbx_unobs_or_zero_occ_residues.polymer_flag 
_pdbx_unobs_or_zero_occ_residues.occupancy_flag 
_pdbx_unobs_or_zero_occ_residues.auth_asym_id 
_pdbx_unobs_or_zero_occ_residues.auth_comp_id 
_pdbx_unobs_or_zero_occ_residues.auth_seq_id 
_pdbx_unobs_or_zero_occ_residues.PDB_ins_code 
_pdbx_unobs_or_zero_occ_residues.label_asym_id 
_pdbx_unobs_or_zero_occ_residues.label_comp_id 
_pdbx_unobs_or_zero_occ_residues.label_seq_id 
1 1 Y 1 A LYS -2 ? A LYS 1 
2 1 Y 1 A GLU -1 ? A GLU 2 
3 1 Y 1 A MET 0  ? A MET 3 
4 1 Y 1 B LYS 98 ? B LYS 1 
5 1 Y 1 B GLU 99 ? B GLU 2 
# 
loop_
_chem_comp_atom.comp_id 
_chem_comp_atom.atom_id 
_chem_comp_atom.type_symbol 
_chem_comp_atom.pdbx_aromatic_flag 
_chem_comp_atom.pdbx_stereo_config 
_chem_comp_atom.pdbx_ordinal 
ALA N    N  N N 1   
ALA CA   C  N S 2   
ALA C    C  N N 3   
ALA O    O  N N 4   
ALA CB   C  N N 5   
ALA OXT  O  N N 6   
ALA H    H  N N 7   
ALA H2   H  N N 8   
ALA HA   H  N N 9   
ALA HB1  H  N N 10  
ALA HB2  H  N N 11  
ALA HB3  H  N N 12  
ALA HXT  H  N N 13  
ARG N    N  N N 14  
ARG CA   C  N S 15  
ARG C    C  N N 16  
ARG O    O  N N 17  
ARG CB   C  N N 18  
ARG CG   C  N N 19  
ARG CD   C  N N 20  
ARG NE   N  N N 21  
ARG CZ   C  N N 22  
ARG NH1  N  N N 23  
ARG NH2  N  N N 24  
ARG OXT  O  N N 25  
ARG H    H  N N 26  
ARG H2   H  N N 27  
ARG HA   H  N N 28  
ARG HB2  H  N N 29  
ARG HB3  H  N N 30  
ARG HG2  H  N N 31  
ARG HG3  H  N N 32  
ARG HD2  H  N N 33  
ARG HD3  H  N N 34  
ARG HE   H  N N 35  
ARG HH11 H  N N 36  
ARG HH12 H  N N 37  
ARG HH21 H  N N 38  
ARG HH22 H  N N 39  
ARG HXT  H  N N 40  
ASN N    N  N N 41  
ASN CA   C  N S 42  
ASN C    C  N N 43  
ASN O    O  N N 44  
ASN CB   C  N N 45  
ASN CG   C  N N 46  
ASN OD1  O  N N 47  
ASN ND2  N  N N 48  
ASN OXT  O  N N 49  
ASN H    H  N N 50  
ASN H2   H  N N 51  
ASN HA   H  N N 52  
ASN HB2  H  N N 53  
ASN HB3  H  N N 54  
ASN HD21 H  N N 55  
ASN HD22 H  N N 56  
ASN HXT  H  N N 57  
ASP N    N  N N 58  
ASP CA   C  N S 59  
ASP C    C  N N 60  
ASP O    O  N N 61  
ASP CB   C  N N 62  
ASP CG   C  N N 63  
ASP OD1  O  N N 64  
ASP OD2  O  N N 65  
ASP OXT  O  N N 66  
ASP H    H  N N 67  
ASP H2   H  N N 68  
ASP HA   H  N N 69  
ASP HB2  H  N N 70  
ASP HB3  H  N N 71  
ASP HD2  H  N N 72  
ASP HXT  H  N N 73  
GLN N    N  N N 74  
GLN CA   C  N S 75  
GLN C    C  N N 76  
GLN O    O  N N 77  
GLN CB   C  N N 78  
GLN CG   C  N N 79  
GLN CD   C  N N 80  
GLN OE1  O  N N 81  
GLN NE2  N  N N 82  
GLN OXT  O  N N 83  
GLN H    H  N N 84  
GLN H2   H  N N 85  
GLN HA   H  N N 86  
GLN HB2  H  N N 87  
GLN HB3  H  N N 88  
GLN HG2  H  N N 89  
GLN HG3  H  N N 90  
GLN HE21 H  N N 91  
GLN HE22 H  N N 92  
GLN HXT  H  N N 93  
GLU N    N  N N 94  
GLU CA   C  N S 95  
GLU C    C  N N 96  
GLU O    O  N N 97  
GLU CB   C  N N 98  
GLU CG   C  N N 99  
GLU CD   C  N N 100 
GLU OE1  O  N N 101 
GLU OE2  O  N N 102 
GLU OXT  O  N N 103 
GLU H    H  N N 104 
GLU H2   H  N N 105 
GLU HA   H  N N 106 
GLU HB2  H  N N 107 
GLU HB3  H  N N 108 
GLU HG2  H  N N 109 
GLU HG3  H  N N 110 
GLU HE2  H  N N 111 
GLU HXT  H  N N 112 
GLY N    N  N N 113 
GLY CA   C  N N 114 
GLY C    C  N N 115 
GLY O    O  N N 116 
GLY OXT  O  N N 117 
GLY H    H  N N 118 
GLY H2   H  N N 119 
GLY HA2  H  N N 120 
GLY HA3  H  N N 121 
GLY HXT  H  N N 122 
HIS N    N  N N 123 
HIS CA   C  N S 124 
HIS C    C  N N 125 
HIS O    O  N N 126 
HIS CB   C  N N 127 
HIS CG   C  Y N 128 
HIS ND1  N  Y N 129 
HIS CD2  C  Y N 130 
HIS CE1  C  Y N 131 
HIS NE2  N  Y N 132 
HIS OXT  O  N N 133 
HIS H    H  N N 134 
HIS H2   H  N N 135 
HIS HA   H  N N 136 
HIS HB2  H  N N 137 
HIS HB3  H  N N 138 
HIS HD1  H  N N 139 
HIS HD2  H  N N 140 
HIS HE1  H  N N 141 
HIS HE2  H  N N 142 
HIS HXT  H  N N 143 
HOH O    O  N N 144 
HOH H1   H  N N 145 
HOH H2   H  N N 146 
ILE N    N  N N 147 
ILE CA   C  N S 148 
ILE C    C  N N 149 
ILE O    O  N N 150 
ILE CB   C  N S 151 
ILE CG1  C  N N 152 
ILE CG2  C  N N 153 
ILE CD1  C  N N 154 
ILE OXT  O  N N 155 
ILE H    H  N N 156 
ILE H2   H  N N 157 
ILE HA   H  N N 158 
ILE HB   H  N N 159 
ILE HG12 H  N N 160 
ILE HG13 H  N N 161 
ILE HG21 H  N N 162 
ILE HG22 H  N N 163 
ILE HG23 H  N N 164 
ILE HD11 H  N N 165 
ILE HD12 H  N N 166 
ILE HD13 H  N N 167 
ILE HXT  H  N N 168 
LEU N    N  N N 169 
LEU CA   C  N S 170 
LEU C    C  N N 171 
LEU O    O  N N 172 
LEU CB   C  N N 173 
LEU CG   C  N N 174 
LEU CD1  C  N N 175 
LEU CD2  C  N N 176 
LEU OXT  O  N N 177 
LEU H    H  N N 178 
LEU H2   H  N N 179 
LEU HA   H  N N 180 
LEU HB2  H  N N 181 
LEU HB3  H  N N 182 
LEU HG   H  N N 183 
LEU HD11 H  N N 184 
LEU HD12 H  N N 185 
LEU HD13 H  N N 186 
LEU HD21 H  N N 187 
LEU HD22 H  N N 188 
LEU HD23 H  N N 189 
LEU HXT  H  N N 190 
LYS N    N  N N 191 
LYS CA   C  N S 192 
LYS C    C  N N 193 
LYS O    O  N N 194 
LYS CB   C  N N 195 
LYS CG   C  N N 196 
LYS CD   C  N N 197 
LYS CE   C  N N 198 
LYS NZ   N  N N 199 
LYS OXT  O  N N 200 
LYS H    H  N N 201 
LYS H2   H  N N 202 
LYS HA   H  N N 203 
LYS HB2  H  N N 204 
LYS HB3  H  N N 205 
LYS HG2  H  N N 206 
LYS HG3  H  N N 207 
LYS HD2  H  N N 208 
LYS HD3  H  N N 209 
LYS HE2  H  N N 210 
LYS HE3  H  N N 211 
LYS HZ1  H  N N 212 
LYS HZ2  H  N N 213 
LYS HZ3  H  N N 214 
LYS HXT  H  N N 215 
MET N    N  N N 216 
MET CA   C  N S 217 
MET C    C  N N 218 
MET O    O  N N 219 
MET CB   C  N N 220 
MET CG   C  N N 221 
MET SD   S  N N 222 
MET CE   C  N N 223 
MET OXT  O  N N 224 
MET H    H  N N 225 
MET H2   H  N N 226 
MET HA   H  N N 227 
MET HB2  H  N N 228 
MET HB3  H  N N 229 
MET HG2  H  N N 230 
MET HG3  H  N N 231 
MET HE1  H  N N 232 
MET HE2  H  N N 233 
MET HE3  H  N N 234 
MET HXT  H  N N 235 
MSE N    N  N N 236 
MSE CA   C  N S 237 
MSE C    C  N N 238 
MSE O    O  N N 239 
MSE OXT  O  N N 240 
MSE CB   C  N N 241 
MSE CG   C  N N 242 
MSE SE   SE N N 243 
MSE CE   C  N N 244 
MSE H    H  N N 245 
MSE H2   H  N N 246 
MSE HA   H  N N 247 
MSE HXT  H  N N 248 
MSE HB2  H  N N 249 
MSE HB3  H  N N 250 
MSE HG2  H  N N 251 
MSE HG3  H  N N 252 
MSE HE1  H  N N 253 
MSE HE2  H  N N 254 
MSE HE3  H  N N 255 
PHE N    N  N N 256 
PHE CA   C  N S 257 
PHE C    C  N N 258 
PHE O    O  N N 259 
PHE CB   C  N N 260 
PHE CG   C  Y N 261 
PHE CD1  C  Y N 262 
PHE CD2  C  Y N 263 
PHE CE1  C  Y N 264 
PHE CE2  C  Y N 265 
PHE CZ   C  Y N 266 
PHE OXT  O  N N 267 
PHE H    H  N N 268 
PHE H2   H  N N 269 
PHE HA   H  N N 270 
PHE HB2  H  N N 271 
PHE HB3  H  N N 272 
PHE HD1  H  N N 273 
PHE HD2  H  N N 274 
PHE HE1  H  N N 275 
PHE HE2  H  N N 276 
PHE HZ   H  N N 277 
PHE HXT  H  N N 278 
PRO N    N  N N 279 
PRO CA   C  N S 280 
PRO C    C  N N 281 
PRO O    O  N N 282 
PRO CB   C  N N 283 
PRO CG   C  N N 284 
PRO CD   C  N N 285 
PRO OXT  O  N N 286 
PRO H    H  N N 287 
PRO HA   H  N N 288 
PRO HB2  H  N N 289 
PRO HB3  H  N N 290 
PRO HG2  H  N N 291 
PRO HG3  H  N N 292 
PRO HD2  H  N N 293 
PRO HD3  H  N N 294 
PRO HXT  H  N N 295 
SER N    N  N N 296 
SER CA   C  N S 297 
SER C    C  N N 298 
SER O    O  N N 299 
SER CB   C  N N 300 
SER OG   O  N N 301 
SER OXT  O  N N 302 
SER H    H  N N 303 
SER H2   H  N N 304 
SER HA   H  N N 305 
SER HB2  H  N N 306 
SER HB3  H  N N 307 
SER HG   H  N N 308 
SER HXT  H  N N 309 
THR N    N  N N 310 
THR CA   C  N S 311 
THR C    C  N N 312 
THR O    O  N N 313 
THR CB   C  N R 314 
THR OG1  O  N N 315 
THR CG2  C  N N 316 
THR OXT  O  N N 317 
THR H    H  N N 318 
THR H2   H  N N 319 
THR HA   H  N N 320 
THR HB   H  N N 321 
THR HG1  H  N N 322 
THR HG21 H  N N 323 
THR HG22 H  N N 324 
THR HG23 H  N N 325 
THR HXT  H  N N 326 
TRP N    N  N N 327 
TRP CA   C  N S 328 
TRP C    C  N N 329 
TRP O    O  N N 330 
TRP CB   C  N N 331 
TRP CG   C  Y N 332 
TRP CD1  C  Y N 333 
TRP CD2  C  Y N 334 
TRP NE1  N  Y N 335 
TRP CE2  C  Y N 336 
TRP CE3  C  Y N 337 
TRP CZ2  C  Y N 338 
TRP CZ3  C  Y N 339 
TRP CH2  C  Y N 340 
TRP OXT  O  N N 341 
TRP H    H  N N 342 
TRP H2   H  N N 343 
TRP HA   H  N N 344 
TRP HB2  H  N N 345 
TRP HB3  H  N N 346 
TRP HD1  H  N N 347 
TRP HE1  H  N N 348 
TRP HE3  H  N N 349 
TRP HZ2  H  N N 350 
TRP HZ3  H  N N 351 
TRP HH2  H  N N 352 
TRP HXT  H  N N 353 
TYR N    N  N N 354 
TYR CA   C  N S 355 
TYR C    C  N N 356 
TYR O    O  N N 357 
TYR CB   C  N N 358 
TYR CG   C  Y N 359 
TYR CD1  C  Y N 360 
TYR CD2  C  Y N 361 
TYR CE1  C  Y N 362 
TYR CE2  C  Y N 363 
TYR CZ   C  Y N 364 
TYR OH   O  N N 365 
TYR OXT  O  N N 366 
TYR H    H  N N 367 
TYR H2   H  N N 368 
TYR HA   H  N N 369 
TYR HB2  H  N N 370 
TYR HB3  H  N N 371 
TYR HD1  H  N N 372 
TYR HD2  H  N N 373 
TYR HE1  H  N N 374 
TYR HE2  H  N N 375 
TYR HH   H  N N 376 
TYR HXT  H  N N 377 
VAL N    N  N N 378 
VAL CA   C  N S 379 
VAL C    C  N N 380 
VAL O    O  N N 381 
VAL CB   C  N N 382 
VAL CG1  C  N N 383 
VAL CG2  C  N N 384 
VAL OXT  O  N N 385 
VAL H    H  N N 386 
VAL H2   H  N N 387 
VAL HA   H  N N 388 
VAL HB   H  N N 389 
VAL HG11 H  N N 390 
VAL HG12 H  N N 391 
VAL HG13 H  N N 392 
VAL HG21 H  N N 393 
VAL HG22 H  N N 394 
VAL HG23 H  N N 395 
VAL HXT  H  N N 396 
# 
loop_
_chem_comp_bond.comp_id 
_chem_comp_bond.atom_id_1 
_chem_comp_bond.atom_id_2 
_chem_comp_bond.value_order 
_chem_comp_bond.pdbx_aromatic_flag 
_chem_comp_bond.pdbx_stereo_config 
_chem_comp_bond.pdbx_ordinal 
ALA N   CA   sing N N 1   
ALA N   H    sing N N 2   
ALA N   H2   sing N N 3   
ALA CA  C    sing N N 4   
ALA CA  CB   sing N N 5   
ALA CA  HA   sing N N 6   
ALA C   O    doub N N 7   
ALA C   OXT  sing N N 8   
ALA CB  HB1  sing N N 9   
ALA CB  HB2  sing N N 10  
ALA CB  HB3  sing N N 11  
ALA OXT HXT  sing N N 12  
ARG N   CA   sing N N 13  
ARG N   H    sing N N 14  
ARG N   H2   sing N N 15  
ARG CA  C    sing N N 16  
ARG CA  CB   sing N N 17  
ARG CA  HA   sing N N 18  
ARG C   O    doub N N 19  
ARG C   OXT  sing N N 20  
ARG CB  CG   sing N N 21  
ARG CB  HB2  sing N N 22  
ARG CB  HB3  sing N N 23  
ARG CG  CD   sing N N 24  
ARG CG  HG2  sing N N 25  
ARG CG  HG3  sing N N 26  
ARG CD  NE   sing N N 27  
ARG CD  HD2  sing N N 28  
ARG CD  HD3  sing N N 29  
ARG NE  CZ   sing N N 30  
ARG NE  HE   sing N N 31  
ARG CZ  NH1  sing N N 32  
ARG CZ  NH2  doub N N 33  
ARG NH1 HH11 sing N N 34  
ARG NH1 HH12 sing N N 35  
ARG NH2 HH21 sing N N 36  
ARG NH2 HH22 sing N N 37  
ARG OXT HXT  sing N N 38  
ASN N   CA   sing N N 39  
ASN N   H    sing N N 40  
ASN N   H2   sing N N 41  
ASN CA  C    sing N N 42  
ASN CA  CB   sing N N 43  
ASN CA  HA   sing N N 44  
ASN C   O    doub N N 45  
ASN C   OXT  sing N N 46  
ASN CB  CG   sing N N 47  
ASN CB  HB2  sing N N 48  
ASN CB  HB3  sing N N 49  
ASN CG  OD1  doub N N 50  
ASN CG  ND2  sing N N 51  
ASN ND2 HD21 sing N N 52  
ASN ND2 HD22 sing N N 53  
ASN OXT HXT  sing N N 54  
ASP N   CA   sing N N 55  
ASP N   H    sing N N 56  
ASP N   H2   sing N N 57  
ASP CA  C    sing N N 58  
ASP CA  CB   sing N N 59  
ASP CA  HA   sing N N 60  
ASP C   O    doub N N 61  
ASP C   OXT  sing N N 62  
ASP CB  CG   sing N N 63  
ASP CB  HB2  sing N N 64  
ASP CB  HB3  sing N N 65  
ASP CG  OD1  doub N N 66  
ASP CG  OD2  sing N N 67  
ASP OD2 HD2  sing N N 68  
ASP OXT HXT  sing N N 69  
GLN N   CA   sing N N 70  
GLN N   H    sing N N 71  
GLN N   H2   sing N N 72  
GLN CA  C    sing N N 73  
GLN CA  CB   sing N N 74  
GLN CA  HA   sing N N 75  
GLN C   O    doub N N 76  
GLN C   OXT  sing N N 77  
GLN CB  CG   sing N N 78  
GLN CB  HB2  sing N N 79  
GLN CB  HB3  sing N N 80  
GLN CG  CD   sing N N 81  
GLN CG  HG2  sing N N 82  
GLN CG  HG3  sing N N 83  
GLN CD  OE1  doub N N 84  
GLN CD  NE2  sing N N 85  
GLN NE2 HE21 sing N N 86  
GLN NE2 HE22 sing N N 87  
GLN OXT HXT  sing N N 88  
GLU N   CA   sing N N 89  
GLU N   H    sing N N 90  
GLU N   H2   sing N N 91  
GLU CA  C    sing N N 92  
GLU CA  CB   sing N N 93  
GLU CA  HA   sing N N 94  
GLU C   O    doub N N 95  
GLU C   OXT  sing N N 96  
GLU CB  CG   sing N N 97  
GLU CB  HB2  sing N N 98  
GLU CB  HB3  sing N N 99  
GLU CG  CD   sing N N 100 
GLU CG  HG2  sing N N 101 
GLU CG  HG3  sing N N 102 
GLU CD  OE1  doub N N 103 
GLU CD  OE2  sing N N 104 
GLU OE2 HE2  sing N N 105 
GLU OXT HXT  sing N N 106 
GLY N   CA   sing N N 107 
GLY N   H    sing N N 108 
GLY N   H2   sing N N 109 
GLY CA  C    sing N N 110 
GLY CA  HA2  sing N N 111 
GLY CA  HA3  sing N N 112 
GLY C   O    doub N N 113 
GLY C   OXT  sing N N 114 
GLY OXT HXT  sing N N 115 
HIS N   CA   sing N N 116 
HIS N   H    sing N N 117 
HIS N   H2   sing N N 118 
HIS CA  C    sing N N 119 
HIS CA  CB   sing N N 120 
HIS CA  HA   sing N N 121 
HIS C   O    doub N N 122 
HIS C   OXT  sing N N 123 
HIS CB  CG   sing N N 124 
HIS CB  HB2  sing N N 125 
HIS CB  HB3  sing N N 126 
HIS CG  ND1  sing Y N 127 
HIS CG  CD2  doub Y N 128 
HIS ND1 CE1  doub Y N 129 
HIS ND1 HD1  sing N N 130 
HIS CD2 NE2  sing Y N 131 
HIS CD2 HD2  sing N N 132 
HIS CE1 NE2  sing Y N 133 
HIS CE1 HE1  sing N N 134 
HIS NE2 HE2  sing N N 135 
HIS OXT HXT  sing N N 136 
HOH O   H1   sing N N 137 
HOH O   H2   sing N N 138 
ILE N   CA   sing N N 139 
ILE N   H    sing N N 140 
ILE N   H2   sing N N 141 
ILE CA  C    sing N N 142 
ILE CA  CB   sing N N 143 
ILE CA  HA   sing N N 144 
ILE C   O    doub N N 145 
ILE C   OXT  sing N N 146 
ILE CB  CG1  sing N N 147 
ILE CB  CG2  sing N N 148 
ILE CB  HB   sing N N 149 
ILE CG1 CD1  sing N N 150 
ILE CG1 HG12 sing N N 151 
ILE CG1 HG13 sing N N 152 
ILE CG2 HG21 sing N N 153 
ILE CG2 HG22 sing N N 154 
ILE CG2 HG23 sing N N 155 
ILE CD1 HD11 sing N N 156 
ILE CD1 HD12 sing N N 157 
ILE CD1 HD13 sing N N 158 
ILE OXT HXT  sing N N 159 
LEU N   CA   sing N N 160 
LEU N   H    sing N N 161 
LEU N   H2   sing N N 162 
LEU CA  C    sing N N 163 
LEU CA  CB   sing N N 164 
LEU CA  HA   sing N N 165 
LEU C   O    doub N N 166 
LEU C   OXT  sing N N 167 
LEU CB  CG   sing N N 168 
LEU CB  HB2  sing N N 169 
LEU CB  HB3  sing N N 170 
LEU CG  CD1  sing N N 171 
LEU CG  CD2  sing N N 172 
LEU CG  HG   sing N N 173 
LEU CD1 HD11 sing N N 174 
LEU CD1 HD12 sing N N 175 
LEU CD1 HD13 sing N N 176 
LEU CD2 HD21 sing N N 177 
LEU CD2 HD22 sing N N 178 
LEU CD2 HD23 sing N N 179 
LEU OXT HXT  sing N N 180 
LYS N   CA   sing N N 181 
LYS N   H    sing N N 182 
LYS N   H2   sing N N 183 
LYS CA  C    sing N N 184 
LYS CA  CB   sing N N 185 
LYS CA  HA   sing N N 186 
LYS C   O    doub N N 187 
LYS C   OXT  sing N N 188 
LYS CB  CG   sing N N 189 
LYS CB  HB2  sing N N 190 
LYS CB  HB3  sing N N 191 
LYS CG  CD   sing N N 192 
LYS CG  HG2  sing N N 193 
LYS CG  HG3  sing N N 194 
LYS CD  CE   sing N N 195 
LYS CD  HD2  sing N N 196 
LYS CD  HD3  sing N N 197 
LYS CE  NZ   sing N N 198 
LYS CE  HE2  sing N N 199 
LYS CE  HE3  sing N N 200 
LYS NZ  HZ1  sing N N 201 
LYS NZ  HZ2  sing N N 202 
LYS NZ  HZ3  sing N N 203 
LYS OXT HXT  sing N N 204 
MET N   CA   sing N N 205 
MET N   H    sing N N 206 
MET N   H2   sing N N 207 
MET CA  C    sing N N 208 
MET CA  CB   sing N N 209 
MET CA  HA   sing N N 210 
MET C   O    doub N N 211 
MET C   OXT  sing N N 212 
MET CB  CG   sing N N 213 
MET CB  HB2  sing N N 214 
MET CB  HB3  sing N N 215 
MET CG  SD   sing N N 216 
MET CG  HG2  sing N N 217 
MET CG  HG3  sing N N 218 
MET SD  CE   sing N N 219 
MET CE  HE1  sing N N 220 
MET CE  HE2  sing N N 221 
MET CE  HE3  sing N N 222 
MET OXT HXT  sing N N 223 
MSE N   CA   sing N N 224 
MSE N   H    sing N N 225 
MSE N   H2   sing N N 226 
MSE CA  C    sing N N 227 
MSE CA  CB   sing N N 228 
MSE CA  HA   sing N N 229 
MSE C   O    doub N N 230 
MSE C   OXT  sing N N 231 
MSE OXT HXT  sing N N 232 
MSE CB  CG   sing N N 233 
MSE CB  HB2  sing N N 234 
MSE CB  HB3  sing N N 235 
MSE CG  SE   sing N N 236 
MSE CG  HG2  sing N N 237 
MSE CG  HG3  sing N N 238 
MSE SE  CE   sing N N 239 
MSE CE  HE1  sing N N 240 
MSE CE  HE2  sing N N 241 
MSE CE  HE3  sing N N 242 
PHE N   CA   sing N N 243 
PHE N   H    sing N N 244 
PHE N   H2   sing N N 245 
PHE CA  C    sing N N 246 
PHE CA  CB   sing N N 247 
PHE CA  HA   sing N N 248 
PHE C   O    doub N N 249 
PHE C   OXT  sing N N 250 
PHE CB  CG   sing N N 251 
PHE CB  HB2  sing N N 252 
PHE CB  HB3  sing N N 253 
PHE CG  CD1  doub Y N 254 
PHE CG  CD2  sing Y N 255 
PHE CD1 CE1  sing Y N 256 
PHE CD1 HD1  sing N N 257 
PHE CD2 CE2  doub Y N 258 
PHE CD2 HD2  sing N N 259 
PHE CE1 CZ   doub Y N 260 
PHE CE1 HE1  sing N N 261 
PHE CE2 CZ   sing Y N 262 
PHE CE2 HE2  sing N N 263 
PHE CZ  HZ   sing N N 264 
PHE OXT HXT  sing N N 265 
PRO N   CA   sing N N 266 
PRO N   CD   sing N N 267 
PRO N   H    sing N N 268 
PRO CA  C    sing N N 269 
PRO CA  CB   sing N N 270 
PRO CA  HA   sing N N 271 
PRO C   O    doub N N 272 
PRO C   OXT  sing N N 273 
PRO CB  CG   sing N N 274 
PRO CB  HB2  sing N N 275 
PRO CB  HB3  sing N N 276 
PRO CG  CD   sing N N 277 
PRO CG  HG2  sing N N 278 
PRO CG  HG3  sing N N 279 
PRO CD  HD2  sing N N 280 
PRO CD  HD3  sing N N 281 
PRO OXT HXT  sing N N 282 
SER N   CA   sing N N 283 
SER N   H    sing N N 284 
SER N   H2   sing N N 285 
SER CA  C    sing N N 286 
SER CA  CB   sing N N 287 
SER CA  HA   sing N N 288 
SER C   O    doub N N 289 
SER C   OXT  sing N N 290 
SER CB  OG   sing N N 291 
SER CB  HB2  sing N N 292 
SER CB  HB3  sing N N 293 
SER OG  HG   sing N N 294 
SER OXT HXT  sing N N 295 
THR N   CA   sing N N 296 
THR N   H    sing N N 297 
THR N   H2   sing N N 298 
THR CA  C    sing N N 299 
THR CA  CB   sing N N 300 
THR CA  HA   sing N N 301 
THR C   O    doub N N 302 
THR C   OXT  sing N N 303 
THR CB  OG1  sing N N 304 
THR CB  CG2  sing N N 305 
THR CB  HB   sing N N 306 
THR OG1 HG1  sing N N 307 
THR CG2 HG21 sing N N 308 
THR CG2 HG22 sing N N 309 
THR CG2 HG23 sing N N 310 
THR OXT HXT  sing N N 311 
TRP N   CA   sing N N 312 
TRP N   H    sing N N 313 
TRP N   H2   sing N N 314 
TRP CA  C    sing N N 315 
TRP CA  CB   sing N N 316 
TRP CA  HA   sing N N 317 
TRP C   O    doub N N 318 
TRP C   OXT  sing N N 319 
TRP CB  CG   sing N N 320 
TRP CB  HB2  sing N N 321 
TRP CB  HB3  sing N N 322 
TRP CG  CD1  doub Y N 323 
TRP CG  CD2  sing Y N 324 
TRP CD1 NE1  sing Y N 325 
TRP CD1 HD1  sing N N 326 
TRP CD2 CE2  doub Y N 327 
TRP CD2 CE3  sing Y N 328 
TRP NE1 CE2  sing Y N 329 
TRP NE1 HE1  sing N N 330 
TRP CE2 CZ2  sing Y N 331 
TRP CE3 CZ3  doub Y N 332 
TRP CE3 HE3  sing N N 333 
TRP CZ2 CH2  doub Y N 334 
TRP CZ2 HZ2  sing N N 335 
TRP CZ3 CH2  sing Y N 336 
TRP CZ3 HZ3  sing N N 337 
TRP CH2 HH2  sing N N 338 
TRP OXT HXT  sing N N 339 
TYR N   CA   sing N N 340 
TYR N   H    sing N N 341 
TYR N   H2   sing N N 342 
TYR CA  C    sing N N 343 
TYR CA  CB   sing N N 344 
TYR CA  HA   sing N N 345 
TYR C   O    doub N N 346 
TYR C   OXT  sing N N 347 
TYR CB  CG   sing N N 348 
TYR CB  HB2  sing N N 349 
TYR CB  HB3  sing N N 350 
TYR CG  CD1  doub Y N 351 
TYR CG  CD2  sing Y N 352 
TYR CD1 CE1  sing Y N 353 
TYR CD1 HD1  sing N N 354 
TYR CD2 CE2  doub Y N 355 
TYR CD2 HD2  sing N N 356 
TYR CE1 CZ   doub Y N 357 
TYR CE1 HE1  sing N N 358 
TYR CE2 CZ   sing Y N 359 
TYR CE2 HE2  sing N N 360 
TYR CZ  OH   sing N N 361 
TYR OH  HH   sing N N 362 
TYR OXT HXT  sing N N 363 
VAL N   CA   sing N N 364 
VAL N   H    sing N N 365 
VAL N   H2   sing N N 366 
VAL CA  C    sing N N 367 
VAL CA  CB   sing N N 368 
VAL CA  HA   sing N N 369 
VAL C   O    doub N N 370 
VAL C   OXT  sing N N 371 
VAL CB  CG1  sing N N 372 
VAL CB  CG2  sing N N 373 
VAL CB  HB   sing N N 374 
VAL CG1 HG11 sing N N 375 
VAL CG1 HG12 sing N N 376 
VAL CG1 HG13 sing N N 377 
VAL CG2 HG21 sing N N 378 
VAL CG2 HG22 sing N N 379 
VAL CG2 HG23 sing N N 380 
VAL OXT HXT  sing N N 381 
# 
_atom_sites.entry_id                    1NZ6 
_atom_sites.fract_transf_matrix[1][1]   0.00679514 
_atom_sites.fract_transf_matrix[1][2]   -0.00423038 
_atom_sites.fract_transf_matrix[1][3]   -0.00699629 
_atom_sites.fract_transf_matrix[2][1]   -0.00534519 
_atom_sites.fract_transf_matrix[2][2]   0.00348653 
_atom_sites.fract_transf_matrix[2][3]   -0.00729968 
_atom_sites.fract_transf_matrix[3][1]   0.00708784 
_atom_sites.fract_transf_matrix[3][2]   0.01115611 
_atom_sites.fract_transf_matrix[3][3]   0.00013840 
_atom_sites.fract_transf_vector[1]      0.517690 
_atom_sites.fract_transf_vector[2]      0.089563 
_atom_sites.fract_transf_vector[3]      0.214460 
# 
loop_
_atom_type.symbol 
C  
N  
O  
SE 
# 
loop_
_atom_site.group_PDB 
_atom_site.id 
_atom_site.type_symbol 
_atom_site.label_atom_id 
_atom_site.label_alt_id 
_atom_site.label_comp_id 
_atom_site.label_asym_id 
_atom_site.label_entity_id 
_atom_site.label_seq_id 
_atom_site.pdbx_PDB_ins_code 
_atom_site.Cartn_x 
_atom_site.Cartn_y 
_atom_site.Cartn_z 
_atom_site.occupancy 
_atom_site.B_iso_or_equiv 
_atom_site.pdbx_formal_charge 
_atom_site.auth_seq_id 
_atom_site.auth_comp_id 
_atom_site.auth_asym_id 
_atom_site.auth_atom_id 
_atom_site.pdbx_PDB_model_num 
ATOM   1    N  N   . ASP A 1 4   ? -38.049 12.412  3.653   1.00 76.76 ? 1   ASP A N   1 
ATOM   2    C  CA  . ASP A 1 4   ? -39.144 13.295  4.133   1.00 76.49 ? 1   ASP A CA  1 
ATOM   3    C  C   . ASP A 1 4   ? -39.444 14.375  3.113   1.00 75.21 ? 1   ASP A C   1 
ATOM   4    O  O   . ASP A 1 4   ? -38.579 14.782  2.342   1.00 75.21 ? 1   ASP A O   1 
ATOM   5    C  CB  . ASP A 1 4   ? -38.765 13.946  5.473   1.00 78.72 ? 1   ASP A CB  1 
ATOM   6    C  CG  . ASP A 1 4   ? -37.711 15.037  5.328   1.00 79.12 ? 1   ASP A CG  1 
ATOM   7    O  OD1 . ASP A 1 4   ? -38.055 16.145  4.861   1.00 80.33 ? 1   ASP A OD1 1 
ATOM   8    O  OD2 . ASP A 1 4   ? -36.543 14.778  5.687   1.00 78.47 ? 1   ASP A OD2 1 
ATOM   9    N  N   . PRO A 1 5   ? -40.689 14.848  3.095   1.00 74.16 ? 2   PRO A N   1 
ATOM   10   C  CA  . PRO A 1 5   ? -41.167 15.890  2.185   1.00 73.17 ? 2   PRO A CA  1 
ATOM   11   C  C   . PRO A 1 5   ? -40.296 17.140  2.154   1.00 71.77 ? 2   PRO A C   1 
ATOM   12   O  O   . PRO A 1 5   ? -39.773 17.516  1.108   1.00 72.22 ? 2   PRO A O   1 
ATOM   13   C  CB  . PRO A 1 5   ? -42.564 16.180  2.715   1.00 72.98 ? 2   PRO A CB  1 
ATOM   14   C  CG  . PRO A 1 5   ? -43.004 14.820  3.191   1.00 74.90 ? 2   PRO A CG  1 
ATOM   15   C  CD  . PRO A 1 5   ? -41.787 14.326  3.926   1.00 73.78 ? 2   PRO A CD  1 
ATOM   16   N  N   . GLU A 1 6   ? -40.147 17.771  3.313   1.00 71.03 ? 3   GLU A N   1 
ATOM   17   C  CA  . GLU A 1 6   ? -39.368 19.000  3.453   1.00 69.21 ? 3   GLU A CA  1 
ATOM   18   C  C   . GLU A 1 6   ? -38.043 18.942  2.701   1.00 65.17 ? 3   GLU A C   1 
ATOM   19   O  O   . GLU A 1 6   ? -37.688 19.871  1.976   1.00 64.57 ? 3   GLU A O   1 
ATOM   20   C  CB  . GLU A 1 6   ? -39.113 19.284  4.942   1.00 72.86 ? 3   GLU A CB  1 
ATOM   21   C  CG  . GLU A 1 6   ? -38.823 20.752  5.274   1.00 76.53 ? 3   GLU A CG  1 
ATOM   22   C  CD  . GLU A 1 6   ? -40.031 21.664  5.084   1.00 78.52 ? 3   GLU A CD  1 
ATOM   23   O  OE1 . GLU A 1 6   ? -39.874 22.900  5.222   1.00 80.15 ? 3   GLU A OE1 1 
ATOM   24   O  OE2 . GLU A 1 6   ? -41.136 21.147  4.801   1.00 79.55 ? 3   GLU A OE2 1 
ATOM   25   N  N   . LYS A 1 7   ? -37.319 17.846  2.877   1.00 60.53 ? 4   LYS A N   1 
ATOM   26   C  CA  . LYS A 1 7   ? -36.040 17.665  2.216   1.00 57.42 ? 4   LYS A CA  1 
ATOM   27   C  C   . LYS A 1 7   ? -36.187 17.772  0.687   1.00 55.70 ? 4   LYS A C   1 
ATOM   28   O  O   . LYS A 1 7   ? -35.353 18.385  0.017   1.00 56.16 ? 4   LYS A O   1 
ATOM   29   C  CB  . LYS A 1 7   ? -35.451 16.313  2.616   1.00 56.79 ? 4   LYS A CB  1 
ATOM   30   C  CG  . LYS A 1 7   ? -34.089 16.035  2.048   1.00 57.12 ? 4   LYS A CG  1 
ATOM   31   C  CD  . LYS A 1 7   ? -33.518 14.742  2.607   1.00 57.93 ? 4   LYS A CD  1 
ATOM   32   C  CE  . LYS A 1 7   ? -32.121 14.493  2.058   1.00 56.88 ? 4   LYS A CE  1 
ATOM   33   N  NZ  . LYS A 1 7   ? -31.505 13.241  2.580   1.00 57.66 ? 4   LYS A NZ  1 
ATOM   34   N  N   . LEU A 1 8   ? -37.253 17.194  0.141   1.00 52.73 ? 5   LEU A N   1 
ATOM   35   C  CA  . LEU A 1 8   ? -37.486 17.249  -1.299  1.00 50.14 ? 5   LEU A CA  1 
ATOM   36   C  C   . LEU A 1 8   ? -37.743 18.690  -1.731  1.00 49.06 ? 5   LEU A C   1 
ATOM   37   O  O   . LEU A 1 8   ? -37.251 19.136  -2.777  1.00 47.79 ? 5   LEU A O   1 
ATOM   38   C  CB  . LEU A 1 8   ? -38.676 16.359  -1.691  1.00 49.40 ? 5   LEU A CB  1 
ATOM   39   C  CG  . LEU A 1 8   ? -39.042 16.165  -3.173  1.00 48.30 ? 5   LEU A CG  1 
ATOM   40   C  CD1 . LEU A 1 8   ? -37.836 15.664  -3.952  1.00 46.68 ? 5   LEU A CD1 1 
ATOM   41   C  CD2 . LEU A 1 8   ? -40.196 15.165  -3.291  1.00 46.44 ? 5   LEU A CD2 1 
ATOM   42   N  N   . LYS A 1 9   ? -38.501 19.423  -0.923  1.00 47.80 ? 6   LYS A N   1 
ATOM   43   C  CA  . LYS A 1 9   ? -38.798 20.816  -1.249  1.00 47.81 ? 6   LYS A CA  1 
ATOM   44   C  C   . LYS A 1 9   ? -37.479 21.568  -1.364  1.00 46.16 ? 6   LYS A C   1 
ATOM   45   O  O   . LYS A 1 9   ? -37.328 22.437  -2.227  1.00 45.08 ? 6   LYS A O   1 
ATOM   46   C  CB  . LYS A 1 9   ? -39.668 21.470  -0.167  1.00 49.56 ? 6   LYS A CB  1 
ATOM   47   C  CG  . LYS A 1 9   ? -40.337 22.778  -0.628  1.00 54.32 ? 6   LYS A CG  1 
ATOM   48   C  CD  . LYS A 1 9   ? -40.504 23.810  0.509   1.00 57.50 ? 6   LYS A CD  1 
ATOM   49   C  CE  . LYS A 1 9   ? -41.361 23.289  1.668   1.00 59.15 ? 6   LYS A CE  1 
ATOM   50   N  NZ  . LYS A 1 9   ? -41.411 24.226  2.843   1.00 59.49 ? 6   LYS A NZ  1 
ATOM   51   N  N   . ILE A 1 10  ? -36.525 21.233  -0.493  1.00 44.58 ? 7   ILE A N   1 
ATOM   52   C  CA  . ILE A 1 10  ? -35.220 21.891  -0.530  1.00 43.16 ? 7   ILE A CA  1 
ATOM   53   C  C   . ILE A 1 10  ? -34.450 21.545  -1.802  1.00 41.98 ? 7   ILE A C   1 
ATOM   54   O  O   . ILE A 1 10  ? -33.877 22.429  -2.438  1.00 40.26 ? 7   ILE A O   1 
ATOM   55   C  CB  . ILE A 1 10  ? -34.323 21.513  0.669   1.00 44.11 ? 7   ILE A CB  1 
ATOM   56   C  CG1 . ILE A 1 10  ? -35.010 21.847  1.998   1.00 44.60 ? 7   ILE A CG1 1 
ATOM   57   C  CG2 . ILE A 1 10  ? -33.007 22.275  0.568   1.00 43.84 ? 7   ILE A CG2 1 
ATOM   58   C  CD1 . ILE A 1 10  ? -35.336 23.307  2.172   1.00 46.74 ? 7   ILE A CD1 1 
ATOM   59   N  N   . LEU A 1 11  ? -34.420 20.266  -2.173  1.00 41.42 ? 8   LEU A N   1 
ATOM   60   C  CA  . LEU A 1 11  ? -33.710 19.872  -3.391  1.00 40.91 ? 8   LEU A CA  1 
ATOM   61   C  C   . LEU A 1 11  ? -34.318 20.552  -4.605  1.00 40.72 ? 8   LEU A C   1 
ATOM   62   O  O   . LEU A 1 11  ? -33.596 21.010  -5.492  1.00 39.76 ? 8   LEU A O   1 
ATOM   63   C  CB  . LEU A 1 11  ? -33.742 18.353  -3.572  1.00 41.38 ? 8   LEU A CB  1 
ATOM   64   C  CG  . LEU A 1 11  ? -32.887 17.620  -2.530  1.00 44.10 ? 8   LEU A CG  1 
ATOM   65   C  CD1 . LEU A 1 11  ? -32.950 16.100  -2.699  1.00 41.44 ? 8   LEU A CD1 1 
ATOM   66   C  CD2 . LEU A 1 11  ? -31.456 18.112  -2.690  1.00 43.46 ? 8   LEU A CD2 1 
ATOM   67   N  N   . GLU A 1 12  ? -35.649 20.621  -4.636  1.00 41.36 ? 9   GLU A N   1 
ATOM   68   C  CA  . GLU A 1 12  ? -36.368 21.258  -5.745  1.00 41.99 ? 9   GLU A CA  1 
ATOM   69   C  C   . GLU A 1 12  ? -35.987 22.734  -5.787  1.00 40.92 ? 9   GLU A C   1 
ATOM   70   O  O   . GLU A 1 12  ? -35.840 23.325  -6.856  1.00 41.16 ? 9   GLU A O   1 
ATOM   71   C  CB  . GLU A 1 12  ? -37.891 21.170  -5.554  1.00 43.75 ? 9   GLU A CB  1 
ATOM   72   C  CG  . GLU A 1 12  ? -38.513 19.765  -5.446  1.00 48.28 ? 9   GLU A CG  1 
ATOM   73   C  CD  . GLU A 1 12  ? -38.658 19.026  -6.777  1.00 51.75 ? 9   GLU A CD  1 
ATOM   74   O  OE1 . GLU A 1 12  ? -39.458 18.053  -6.825  1.00 51.26 ? 9   GLU A OE1 1 
ATOM   75   O  OE2 . GLU A 1 12  ? -37.976 19.397  -7.767  1.00 51.13 ? 9   GLU A OE2 1 
ATOM   76   N  N   . TRP A 1 13  ? -35.839 23.323  -4.608  1.00 39.64 ? 10  TRP A N   1 
ATOM   77   C  CA  . TRP A 1 13  ? -35.491 24.727  -4.492  1.00 39.06 ? 10  TRP A CA  1 
ATOM   78   C  C   . TRP A 1 13  ? -34.088 24.992  -5.011  1.00 40.65 ? 10  TRP A C   1 
ATOM   79   O  O   . TRP A 1 13  ? -33.863 25.922  -5.781  1.00 40.95 ? 10  TRP A O   1 
ATOM   80   C  CB  . TRP A 1 13  ? -35.595 25.149  -3.036  1.00 37.97 ? 10  TRP A CB  1 
ATOM   81   C  CG  . TRP A 1 13  ? -35.143 26.531  -2.780  1.00 33.20 ? 10  TRP A CG  1 
ATOM   82   C  CD1 . TRP A 1 13  ? -35.729 27.682  -3.214  1.00 32.15 ? 10  TRP A CD1 1 
ATOM   83   C  CD2 . TRP A 1 13  ? -34.037 26.919  -1.976  1.00 30.74 ? 10  TRP A CD2 1 
ATOM   84   N  NE1 . TRP A 1 13  ? -35.055 28.771  -2.723  1.00 30.77 ? 10  TRP A NE1 1 
ATOM   85   C  CE2 . TRP A 1 13  ? -34.006 28.330  -1.959  1.00 30.04 ? 10  TRP A CE2 1 
ATOM   86   C  CE3 . TRP A 1 13  ? -33.057 26.211  -1.266  1.00 28.96 ? 10  TRP A CE3 1 
ATOM   87   C  CZ2 . TRP A 1 13  ? -33.047 29.050  -1.250  1.00 30.71 ? 10  TRP A CZ2 1 
ATOM   88   C  CZ3 . TRP A 1 13  ? -32.098 26.929  -0.559  1.00 28.64 ? 10  TRP A CZ3 1 
ATOM   89   C  CH2 . TRP A 1 13  ? -32.099 28.332  -0.561  1.00 28.22 ? 10  TRP A CH2 1 
ATOM   90   N  N   . ILE A 1 14  ? -33.143 24.173  -4.570  1.00 42.39 ? 11  ILE A N   1 
ATOM   91   C  CA  . ILE A 1 14  ? -31.761 24.304  -5.005  1.00 43.93 ? 11  ILE A CA  1 
ATOM   92   C  C   . ILE A 1 14  ? -31.679 24.164  -6.521  1.00 44.82 ? 11  ILE A C   1 
ATOM   93   O  O   . ILE A 1 14  ? -31.034 24.962  -7.188  1.00 44.28 ? 11  ILE A O   1 
ATOM   94   C  CB  . ILE A 1 14  ? -30.878 23.222  -4.372  1.00 43.87 ? 11  ILE A CB  1 
ATOM   95   C  CG1 . ILE A 1 14  ? -30.933 23.344  -2.850  1.00 43.32 ? 11  ILE A CG1 1 
ATOM   96   C  CG2 . ILE A 1 14  ? -29.459 23.338  -4.907  1.00 43.11 ? 11  ILE A CG2 1 
ATOM   97   C  CD1 . ILE A 1 14  ? -30.083 22.327  -2.127  1.00 42.82 ? 11  ILE A CD1 1 
ATOM   98   N  N   . GLU A 1 15  ? -32.327 23.136  -7.055  1.00 48.42 ? 12  GLU A N   1 
ATOM   99   C  CA  . GLU A 1 15  ? -32.336 22.895  -8.491  1.00 51.69 ? 12  GLU A CA  1 
ATOM   100  C  C   . GLU A 1 15  ? -32.644 24.198  -9.241  1.00 51.85 ? 12  GLU A C   1 
ATOM   101  O  O   . GLU A 1 15  ? -33.661 24.842  -8.976  1.00 52.22 ? 12  GLU A O   1 
ATOM   102  C  CB  . GLU A 1 15  ? -33.398 21.843  -8.824  1.00 55.01 ? 12  GLU A CB  1 
ATOM   103  C  CG  . GLU A 1 15  ? -33.516 21.518  -10.294 1.00 60.60 ? 12  GLU A CG  1 
ATOM   104  C  CD  . GLU A 1 15  ? -32.338 20.720  -10.800 1.00 66.07 ? 12  GLU A CD  1 
ATOM   105  O  OE1 . GLU A 1 15  ? -31.182 21.064  -10.449 1.00 69.59 ? 12  GLU A OE1 1 
ATOM   106  O  OE2 . GLU A 1 15  ? -32.562 19.749  -11.561 1.00 69.17 ? 12  GLU A OE2 1 
ATOM   107  N  N   . GLY A 1 16  ? -31.762 24.600  -10.154 1.00 51.08 ? 13  GLY A N   1 
ATOM   108  C  CA  . GLY A 1 16  ? -31.999 25.820  -10.916 1.00 51.68 ? 13  GLY A CA  1 
ATOM   109  C  C   . GLY A 1 16  ? -31.363 27.106  -10.406 1.00 52.58 ? 13  GLY A C   1 
ATOM   110  O  O   . GLY A 1 16  ? -31.170 28.054  -11.168 1.00 53.85 ? 13  GLY A O   1 
ATOM   111  N  N   . LYS A 1 17  ? -31.027 27.147  -9.123  1.00 52.27 ? 14  LYS A N   1 
ATOM   112  C  CA  . LYS A 1 17  ? -30.429 28.332  -8.534  1.00 51.50 ? 14  LYS A CA  1 
ATOM   113  C  C   . LYS A 1 17  ? -29.015 28.050  -8.018  1.00 54.11 ? 14  LYS A C   1 
ATOM   114  O  O   . LYS A 1 17  ? -28.375 28.936  -7.441  1.00 54.58 ? 14  LYS A O   1 
ATOM   115  C  CB  . LYS A 1 17  ? -31.298 28.807  -7.367  1.00 49.13 ? 14  LYS A CB  1 
ATOM   116  C  CG  . LYS A 1 17  ? -32.793 28.679  -7.603  1.00 45.83 ? 14  LYS A CG  1 
ATOM   117  C  CD  . LYS A 1 17  ? -33.604 29.184  -6.409  1.00 43.79 ? 14  LYS A CD  1 
ATOM   118  C  CE  . LYS A 1 17  ? -35.098 29.262  -6.736  1.00 43.88 ? 14  LYS A CE  1 
ATOM   119  N  NZ  . LYS A 1 17  ? -35.648 27.946  -7.206  1.00 47.09 ? 14  LYS A NZ  1 
ATOM   120  N  N   . GLU A 1 18  ? -28.524 26.827  -8.213  1.00 55.44 ? 15  GLU A N   1 
ATOM   121  C  CA  . GLU A 1 18  ? -27.195 26.472  -7.706  1.00 57.34 ? 15  GLU A CA  1 
ATOM   122  C  C   . GLU A 1 18  ? -26.108 27.517  -7.907  1.00 56.66 ? 15  GLU A C   1 
ATOM   123  O  O   . GLU A 1 18  ? -25.858 28.004  -9.019  1.00 56.14 ? 15  GLU A O   1 
ATOM   124  C  CB  . GLU A 1 18  ? -26.709 25.106  -8.240  1.00 60.44 ? 15  GLU A CB  1 
ATOM   125  C  CG  . GLU A 1 18  ? -26.942 24.805  -9.708  1.00 64.99 ? 15  GLU A CG  1 
ATOM   126  C  CD  . GLU A 1 18  ? -28.344 24.303  -9.985  1.00 67.38 ? 15  GLU A CD  1 
ATOM   127  O  OE1 . GLU A 1 18  ? -29.260 25.145  -10.090 1.00 67.79 ? 15  GLU A OE1 1 
ATOM   128  O  OE2 . GLU A 1 18  ? -28.533 23.064  -10.076 1.00 69.96 ? 15  GLU A OE2 1 
ATOM   129  N  N   . ARG A 1 19  ? -25.480 27.859  -6.790  1.00 54.52 ? 16  ARG A N   1 
ATOM   130  C  CA  . ARG A 1 19  ? -24.417 28.839  -6.755  1.00 52.95 ? 16  ARG A CA  1 
ATOM   131  C  C   . ARG A 1 19  ? -24.848 30.254  -7.158  1.00 49.00 ? 16  ARG A C   1 
ATOM   132  O  O   . ARG A 1 19  ? -24.000 31.085  -7.479  1.00 48.71 ? 16  ARG A O   1 
ATOM   133  C  CB  . ARG A 1 19  ? -23.244 28.366  -7.622  1.00 56.65 ? 16  ARG A CB  1 
ATOM   134  C  CG  . ARG A 1 19  ? -22.570 27.088  -7.112  1.00 59.51 ? 16  ARG A CG  1 
ATOM   135  C  CD  . ARG A 1 19  ? -21.289 26.791  -7.885  1.00 62.89 ? 16  ARG A CD  1 
ATOM   136  N  NE  . ARG A 1 19  ? -20.207 27.720  -7.547  1.00 66.75 ? 16  ARG A NE  1 
ATOM   137  C  CZ  . ARG A 1 19  ? -19.294 27.500  -6.602  1.00 67.62 ? 16  ARG A CZ  1 
ATOM   138  N  NH1 . ARG A 1 19  ? -19.324 26.375  -5.896  1.00 66.97 ? 16  ARG A NH1 1 
ATOM   139  N  NH2 . ARG A 1 19  ? -18.352 28.407  -6.359  1.00 66.76 ? 16  ARG A NH2 1 
ATOM   140  N  N   . ASN A 1 20  ? -26.154 30.529  -7.149  1.00 44.34 ? 17  ASN A N   1 
ATOM   141  C  CA  . ASN A 1 20  ? -26.672 31.869  -7.483  1.00 39.48 ? 17  ASN A CA  1 
ATOM   142  C  C   . ASN A 1 20  ? -27.172 32.505  -6.192  1.00 37.70 ? 17  ASN A C   1 
ATOM   143  O  O   . ASN A 1 20  ? -28.325 32.324  -5.797  1.00 36.92 ? 17  ASN A O   1 
ATOM   144  C  CB  . ASN A 1 20  ? -27.827 31.792  -8.481  1.00 36.15 ? 17  ASN A CB  1 
ATOM   145  C  CG  . ASN A 1 20  ? -28.276 33.166  -8.965  1.00 37.81 ? 17  ASN A CG  1 
ATOM   146  O  OD1 . ASN A 1 20  ? -28.328 34.132  -8.197  1.00 38.34 ? 17  ASN A OD1 1 
ATOM   147  N  ND2 . ASN A 1 20  ? -28.617 33.253  -10.244 1.00 39.15 ? 17  ASN A ND2 1 
ATOM   148  N  N   . ILE A 1 21  ? -26.309 33.273  -5.545  1.00 36.17 ? 18  ILE A N   1 
ATOM   149  C  CA  . ILE A 1 21  ? -26.652 33.883  -4.263  1.00 35.92 ? 18  ILE A CA  1 
ATOM   150  C  C   . ILE A 1 21  ? -27.930 34.736  -4.208  1.00 35.56 ? 18  ILE A C   1 
ATOM   151  O  O   . ILE A 1 21  ? -28.715 34.618  -3.263  1.00 35.11 ? 18  ILE A O   1 
ATOM   152  C  CB  . ILE A 1 21  ? -25.456 34.702  -3.729  1.00 33.11 ? 18  ILE A CB  1 
ATOM   153  C  CG1 . ILE A 1 21  ? -25.690 35.052  -2.263  1.00 33.40 ? 18  ILE A CG1 1 
ATOM   154  C  CG2 . ILE A 1 21  ? -25.225 35.923  -4.601  1.00 33.64 ? 18  ILE A CG2 1 
ATOM   155  C  CD1 . ILE A 1 21  ? -25.832 33.807  -1.359  1.00 28.30 ? 18  ILE A CD1 1 
ATOM   156  N  N   . ARG A 1 22  ? -28.141 35.582  -5.212  1.00 37.07 ? 19  ARG A N   1 
ATOM   157  C  CA  . ARG A 1 22  ? -29.318 36.442  -5.239  1.00 37.31 ? 19  ARG A CA  1 
ATOM   158  C  C   . ARG A 1 22  ? -30.599 35.645  -5.417  1.00 36.21 ? 19  ARG A C   1 
ATOM   159  O  O   . ARG A 1 22  ? -31.633 35.954  -4.821  1.00 35.51 ? 19  ARG A O   1 
ATOM   160  C  CB  . ARG A 1 22  ? -29.172 37.513  -6.334  1.00 38.09 ? 19  ARG A CB  1 
ATOM   161  C  CG  . ARG A 1 22  ? -28.619 38.824  -5.767  1.00 41.61 ? 19  ARG A CG  1 
ATOM   162  C  CD  . ARG A 1 22  ? -28.505 39.967  -6.770  1.00 40.44 ? 19  ARG A CD  1 
ATOM   163  N  NE  . ARG A 1 22  ? -27.283 39.865  -7.558  1.00 44.38 ? 19  ARG A NE  1 
ATOM   164  C  CZ  . ARG A 1 22  ? -26.289 40.743  -7.529  1.00 43.51 ? 19  ARG A CZ  1 
ATOM   165  N  NH1 . ARG A 1 22  ? -26.357 41.815  -6.749  1.00 42.30 ? 19  ARG A NH1 1 
ATOM   166  N  NH2 . ARG A 1 22  ? -25.221 40.540  -8.287  1.00 45.89 ? 19  ARG A NH2 1 
ATOM   167  N  N   . ALA A 1 23  ? -30.522 34.603  -6.232  1.00 35.66 ? 20  ALA A N   1 
ATOM   168  C  CA  . ALA A 1 23  ? -31.673 33.741  -6.475  1.00 34.15 ? 20  ALA A CA  1 
ATOM   169  C  C   . ALA A 1 23  ? -32.036 32.977  -5.192  1.00 35.09 ? 20  ALA A C   1 
ATOM   170  O  O   . ALA A 1 23  ? -33.214 32.746  -4.900  1.00 35.81 ? 20  ALA A O   1 
ATOM   171  C  CB  . ALA A 1 23  ? -31.353 32.756  -7.591  1.00 30.38 ? 20  ALA A CB  1 
ATOM   172  N  N   . LEU A 1 24  ? -31.023 32.578  -4.429  1.00 33.55 ? 21  LEU A N   1 
ATOM   173  C  CA  . LEU A 1 24  ? -31.278 31.843  -3.200  1.00 33.38 ? 21  LEU A CA  1 
ATOM   174  C  C   . LEU A 1 24  ? -31.822 32.736  -2.093  1.00 33.54 ? 21  LEU A C   1 
ATOM   175  O  O   . LEU A 1 24  ? -32.757 32.362  -1.394  1.00 33.38 ? 21  LEU A O   1 
ATOM   176  C  CB  . LEU A 1 24  ? -30.007 31.154  -2.711  1.00 31.36 ? 21  LEU A CB  1 
ATOM   177  C  CG  . LEU A 1 24  ? -29.443 30.075  -3.629  1.00 32.34 ? 21  LEU A CG  1 
ATOM   178  C  CD1 . LEU A 1 24  ? -28.057 29.704  -3.173  1.00 31.68 ? 21  LEU A CD1 1 
ATOM   179  C  CD2 . LEU A 1 24  ? -30.361 28.861  -3.630  1.00 33.92 ? 21  LEU A CD2 1 
ATOM   180  N  N   . LEU A 1 25  ? -31.243 33.918  -1.934  1.00 33.20 ? 22  LEU A N   1 
ATOM   181  C  CA  . LEU A 1 25  ? -31.691 34.819  -0.883  1.00 33.77 ? 22  LEU A CA  1 
ATOM   182  C  C   . LEU A 1 25  ? -33.085 35.365  -1.111  1.00 33.57 ? 22  LEU A C   1 
ATOM   183  O  O   . LEU A 1 25  ? -33.867 35.485  -0.181  1.00 33.21 ? 22  LEU A O   1 
ATOM   184  C  CB  . LEU A 1 25  ? -30.705 35.978  -0.726  1.00 33.83 ? 22  LEU A CB  1 
ATOM   185  C  CG  . LEU A 1 25  ? -29.320 35.597  -0.210  1.00 35.05 ? 22  LEU A CG  1 
ATOM   186  C  CD1 . LEU A 1 25  ? -28.392 36.788  -0.346  1.00 30.33 ? 22  LEU A CD1 1 
ATOM   187  C  CD2 . LEU A 1 25  ? -29.411 35.126  1.248   1.00 33.12 ? 22  LEU A CD2 1 
ATOM   188  N  N   . SER A 1 26  ? -33.396 35.699  -2.352  1.00 34.88 ? 23  SER A N   1 
ATOM   189  C  CA  . SER A 1 26  ? -34.696 36.249  -2.660  1.00 35.96 ? 23  SER A CA  1 
ATOM   190  C  C   . SER A 1 26  ? -35.832 35.236  -2.594  1.00 36.70 ? 23  SER A C   1 
ATOM   191  O  O   . SER A 1 26  ? -36.978 35.612  -2.770  1.00 39.18 ? 23  SER A O   1 
ATOM   192  C  CB  . SER A 1 26  ? -34.669 36.901  -4.041  1.00 35.73 ? 23  SER A CB  1 
ATOM   193  O  OG  . SER A 1 26  ? -34.193 35.981  -5.007  1.00 39.14 ? 23  SER A OG  1 
ATOM   194  N  N   . THR A 1 27  ? -35.549 33.961  -2.352  1.00 36.75 ? 24  THR A N   1 
ATOM   195  C  CA  . THR A 1 27  ? -36.641 32.991  -2.272  1.00 37.02 ? 24  THR A CA  1 
ATOM   196  C  C   . THR A 1 27  ? -36.507 32.065  -1.094  1.00 38.68 ? 24  THR A C   1 
ATOM   197  O  O   . THR A 1 27  ? -37.310 31.159  -0.919  1.00 38.90 ? 24  THR A O   1 
ATOM   198  C  CB  . THR A 1 27  ? -36.718 32.089  -3.509  1.00 37.20 ? 24  THR A CB  1 
ATOM   199  O  OG1 . THR A 1 27  ? -35.521 31.301  -3.608  1.00 35.98 ? 24  THR A OG1 1 
ATOM   200  C  CG2 . THR A 1 27  ? -36.900 32.918  -4.764  1.00 37.19 ? 24  THR A CG2 1 
HETATM 201  N  N   . MSE A 1 28  ? -35.490 32.292  -0.283  1.00 41.61 ? 25  MSE A N   1 
HETATM 202  C  CA  . MSE A 1 28  ? -35.250 31.423  0.853   1.00 45.64 ? 25  MSE A CA  1 
HETATM 203  C  C   . MSE A 1 28  ? -36.417 31.293  1.830   1.00 46.07 ? 25  MSE A C   1 
HETATM 204  O  O   . MSE A 1 28  ? -36.547 30.275  2.504   1.00 47.54 ? 25  MSE A O   1 
HETATM 205  C  CB  . MSE A 1 28  ? -34.002 31.879  1.605   1.00 46.44 ? 25  MSE A CB  1 
HETATM 206  C  CG  . MSE A 1 28  ? -33.477 30.832  2.567   1.00 51.15 ? 25  MSE A CG  1 
HETATM 207  SE SE  . MSE A 1 28  ? -31.937 31.431  3.576   1.00 57.89 ? 25  MSE A SE  1 
HETATM 208  C  CE  . MSE A 1 28  ? -32.843 32.539  4.854   1.00 54.97 ? 25  MSE A CE  1 
ATOM   209  N  N   . HIS A 1 29  ? -37.259 32.313  1.921   1.00 46.65 ? 26  HIS A N   1 
ATOM   210  C  CA  . HIS A 1 29  ? -38.386 32.246  2.842   1.00 48.12 ? 26  HIS A CA  1 
ATOM   211  C  C   . HIS A 1 29  ? -39.350 31.135  2.422   1.00 48.65 ? 26  HIS A C   1 
ATOM   212  O  O   . HIS A 1 29  ? -40.183 30.691  3.211   1.00 50.78 ? 26  HIS A O   1 
ATOM   213  C  CB  . HIS A 1 29  ? -39.129 33.580  2.878   1.00 48.53 ? 26  HIS A CB  1 
ATOM   214  C  CG  . HIS A 1 29  ? -39.586 34.047  1.533   1.00 50.39 ? 26  HIS A CG  1 
ATOM   215  N  ND1 . HIS A 1 29  ? -38.734 34.626  0.616   1.00 51.08 ? 26  HIS A ND1 1 
ATOM   216  C  CD2 . HIS A 1 29  ? -40.799 33.990  0.935   1.00 49.54 ? 26  HIS A CD2 1 
ATOM   217  C  CE1 . HIS A 1 29  ? -39.402 34.904  -0.488  1.00 50.26 ? 26  HIS A CE1 1 
ATOM   218  N  NE2 . HIS A 1 29  ? -40.657 34.528  -0.321  1.00 50.41 ? 26  HIS A NE2 1 
ATOM   219  N  N   . THR A 1 30  ? -39.222 30.677  1.184   1.00 46.91 ? 27  THR A N   1 
ATOM   220  C  CA  . THR A 1 30  ? -40.088 29.629  0.685   1.00 45.82 ? 27  THR A CA  1 
ATOM   221  C  C   . THR A 1 30  ? -39.649 28.233  1.117   1.00 44.33 ? 27  THR A C   1 
ATOM   222  O  O   . THR A 1 30  ? -40.318 27.252  0.806   1.00 46.03 ? 27  THR A O   1 
ATOM   223  C  CB  . THR A 1 30  ? -40.176 29.676  -0.861  1.00 48.19 ? 27  THR A CB  1 
ATOM   224  O  OG1 . THR A 1 30  ? -41.361 28.994  -1.282  1.00 54.44 ? 27  THR A OG1 1 
ATOM   225  C  CG2 . THR A 1 30  ? -38.980 28.981  -1.496  1.00 47.38 ? 27  THR A CG2 1 
ATOM   226  N  N   . VAL A 1 31  ? -38.528 28.138  1.828   1.00 41.19 ? 28  VAL A N   1 
ATOM   227  C  CA  . VAL A 1 31  ? -38.040 26.846  2.279   1.00 39.13 ? 28  VAL A CA  1 
ATOM   228  C  C   . VAL A 1 31  ? -37.690 26.800  3.757   1.00 39.52 ? 28  VAL A C   1 
ATOM   229  O  O   . VAL A 1 31  ? -37.362 25.740  4.279   1.00 38.38 ? 28  VAL A O   1 
ATOM   230  C  CB  . VAL A 1 31  ? -36.801 26.371  1.457   1.00 40.84 ? 28  VAL A CB  1 
ATOM   231  C  CG1 . VAL A 1 31  ? -37.243 25.915  0.076   1.00 40.81 ? 28  VAL A CG1 1 
ATOM   232  C  CG2 . VAL A 1 31  ? -35.777 27.493  1.334   1.00 38.09 ? 28  VAL A CG2 1 
ATOM   233  N  N   . LEU A 1 32  ? -37.750 27.936  4.440   1.00 39.61 ? 29  LEU A N   1 
ATOM   234  C  CA  . LEU A 1 32  ? -37.445 27.925  5.862   1.00 40.33 ? 29  LEU A CA  1 
ATOM   235  C  C   . LEU A 1 32  ? -38.502 27.105  6.582   1.00 41.76 ? 29  LEU A C   1 
ATOM   236  O  O   . LEU A 1 32  ? -39.621 26.949  6.090   1.00 41.39 ? 29  LEU A O   1 
ATOM   237  C  CB  . LEU A 1 32  ? -37.410 29.342  6.435   1.00 39.66 ? 29  LEU A CB  1 
ATOM   238  C  CG  . LEU A 1 32  ? -36.182 30.154  6.010   1.00 40.37 ? 29  LEU A CG  1 
ATOM   239  C  CD1 . LEU A 1 32  ? -36.226 31.535  6.642   1.00 37.40 ? 29  LEU A CD1 1 
ATOM   240  C  CD2 . LEU A 1 32  ? -34.911 29.410  6.427   1.00 38.94 ? 29  LEU A CD2 1 
ATOM   241  N  N   . TRP A 1 33  ? -38.126 26.580  7.744   1.00 43.80 ? 30  TRP A N   1 
ATOM   242  C  CA  . TRP A 1 33  ? -38.995 25.750  8.568   1.00 45.11 ? 30  TRP A CA  1 
ATOM   243  C  C   . TRP A 1 33  ? -40.031 26.583  9.302   1.00 46.81 ? 30  TRP A C   1 
ATOM   244  O  O   . TRP A 1 33  ? -39.844 27.779  9.518   1.00 49.17 ? 30  TRP A O   1 
ATOM   245  C  CB  . TRP A 1 33  ? -38.150 24.974  9.577   1.00 45.35 ? 30  TRP A CB  1 
ATOM   246  C  CG  . TRP A 1 33  ? -37.207 25.845  10.345  1.00 47.89 ? 30  TRP A CG  1 
ATOM   247  C  CD1 . TRP A 1 33  ? -37.495 26.587  11.452  1.00 48.30 ? 30  TRP A CD1 1 
ATOM   248  C  CD2 . TRP A 1 33  ? -35.845 26.140  10.005  1.00 47.26 ? 30  TRP A CD2 1 
ATOM   249  N  NE1 . TRP A 1 33  ? -36.399 27.332  11.821  1.00 49.42 ? 30  TRP A NE1 1 
ATOM   250  C  CE2 . TRP A 1 33  ? -35.375 27.077  10.948  1.00 48.84 ? 30  TRP A CE2 1 
ATOM   251  C  CE3 . TRP A 1 33  ? -34.981 25.704  8.992   1.00 47.05 ? 30  TRP A CE3 1 
ATOM   252  C  CZ2 . TRP A 1 33  ? -34.067 27.592  10.907  1.00 49.90 ? 30  TRP A CZ2 1 
ATOM   253  C  CZ3 . TRP A 1 33  ? -33.685 26.213  8.951   1.00 47.63 ? 30  TRP A CZ3 1 
ATOM   254  C  CH2 . TRP A 1 33  ? -33.242 27.149  9.901   1.00 48.68 ? 30  TRP A CH2 1 
ATOM   255  N  N   . ALA A 1 34  ? -41.129 25.949  9.689   1.00 48.16 ? 31  ALA A N   1 
ATOM   256  C  CA  . ALA A 1 34  ? -42.189 26.652  10.397  1.00 48.03 ? 31  ALA A CA  1 
ATOM   257  C  C   . ALA A 1 34  ? -41.700 27.038  11.788  1.00 48.09 ? 31  ALA A C   1 
ATOM   258  O  O   . ALA A 1 34  ? -41.088 26.229  12.488  1.00 46.61 ? 31  ALA A O   1 
ATOM   259  C  CB  . ALA A 1 34  ? -43.428 25.763  10.494  1.00 47.68 ? 31  ALA A CB  1 
ATOM   260  N  N   . GLY A 1 35  ? -41.973 28.277  12.183  1.00 47.47 ? 32  GLY A N   1 
ATOM   261  C  CA  . GLY A 1 35  ? -41.551 28.736  13.492  1.00 49.70 ? 32  GLY A CA  1 
ATOM   262  C  C   . GLY A 1 35  ? -40.438 29.760  13.397  1.00 51.34 ? 32  GLY A C   1 
ATOM   263  O  O   . GLY A 1 35  ? -40.234 30.558  14.316  1.00 52.82 ? 32  GLY A O   1 
ATOM   264  N  N   . GLU A 1 36  ? -39.713 29.729  12.281  1.00 51.02 ? 33  GLU A N   1 
ATOM   265  C  CA  . GLU A 1 36  ? -38.622 30.665  12.043  1.00 49.76 ? 33  GLU A CA  1 
ATOM   266  C  C   . GLU A 1 36  ? -39.229 32.069  12.005  1.00 49.91 ? 33  GLU A C   1 
ATOM   267  O  O   . GLU A 1 36  ? -40.158 32.339  11.239  1.00 48.52 ? 33  GLU A O   1 
ATOM   268  C  CB  . GLU A 1 36  ? -37.934 30.336  10.716  1.00 47.16 ? 33  GLU A CB  1 
ATOM   269  C  CG  . GLU A 1 36  ? -36.532 30.885  10.615  1.00 45.52 ? 33  GLU A CG  1 
ATOM   270  C  CD  . GLU A 1 36  ? -36.494 32.390  10.687  1.00 45.04 ? 33  GLU A CD  1 
ATOM   271  O  OE1 . GLU A 1 36  ? -35.765 32.924  11.553  1.00 46.58 ? 33  GLU A OE1 1 
ATOM   272  O  OE2 . GLU A 1 36  ? -37.198 33.041  9.887   1.00 44.63 ? 33  GLU A OE2 1 
ATOM   273  N  N   . THR A 1 37  ? -38.691 32.956  12.834  1.00 50.85 ? 34  THR A N   1 
ATOM   274  C  CA  . THR A 1 37  ? -39.200 34.315  12.950  1.00 53.09 ? 34  THR A CA  1 
ATOM   275  C  C   . THR A 1 37  ? -38.222 35.412  12.552  1.00 55.13 ? 34  THR A C   1 
ATOM   276  O  O   . THR A 1 37  ? -38.630 36.471  12.065  1.00 56.61 ? 34  THR A O   1 
ATOM   277  C  CB  . THR A 1 37  ? -39.651 34.572  14.403  1.00 53.31 ? 34  THR A CB  1 
ATOM   278  O  OG1 . THR A 1 37  ? -38.596 34.203  15.303  1.00 54.32 ? 34  THR A OG1 1 
ATOM   279  C  CG2 . THR A 1 37  ? -40.874 33.732  14.735  1.00 51.95 ? 34  THR A CG2 1 
ATOM   280  N  N   . LYS A 1 38  ? -36.933 35.160  12.756  1.00 56.33 ? 35  LYS A N   1 
ATOM   281  C  CA  . LYS A 1 38  ? -35.902 36.145  12.437  1.00 56.97 ? 35  LYS A CA  1 
ATOM   282  C  C   . LYS A 1 38  ? -35.868 36.571  10.964  1.00 55.66 ? 35  LYS A C   1 
ATOM   283  O  O   . LYS A 1 38  ? -35.760 37.763  10.662  1.00 57.23 ? 35  LYS A O   1 
ATOM   284  C  CB  . LYS A 1 38  ? -34.522 35.617  12.861  1.00 58.64 ? 35  LYS A CB  1 
ATOM   285  C  CG  . LYS A 1 38  ? -34.367 35.353  14.365  1.00 60.83 ? 35  LYS A CG  1 
ATOM   286  C  CD  . LYS A 1 38  ? -32.990 34.750  14.670  1.00 64.11 ? 35  LYS A CD  1 
ATOM   287  C  CE  . LYS A 1 38  ? -32.746 34.542  16.170  1.00 65.90 ? 35  LYS A CE  1 
ATOM   288  N  NZ  . LYS A 1 38  ? -31.349 34.056  16.467  1.00 65.85 ? 35  LYS A NZ  1 
ATOM   289  N  N   . TRP A 1 39  ? -35.985 35.622  10.045  1.00 53.02 ? 36  TRP A N   1 
ATOM   290  C  CA  . TRP A 1 39  ? -35.919 35.978  8.635   1.00 50.79 ? 36  TRP A CA  1 
ATOM   291  C  C   . TRP A 1 39  ? -37.126 36.669  8.039   1.00 52.61 ? 36  TRP A C   1 
ATOM   292  O  O   . TRP A 1 39  ? -38.269 36.334  8.346   1.00 53.44 ? 36  TRP A O   1 
ATOM   293  C  CB  . TRP A 1 39  ? -35.614 34.762  7.788   1.00 44.28 ? 36  TRP A CB  1 
ATOM   294  C  CG  . TRP A 1 39  ? -35.451 35.123  6.360   1.00 40.06 ? 36  TRP A CG  1 
ATOM   295  C  CD1 . TRP A 1 39  ? -36.387 35.033  5.374   1.00 37.37 ? 36  TRP A CD1 1 
ATOM   296  C  CD2 . TRP A 1 39  ? -34.252 35.582  5.739   1.00 35.23 ? 36  TRP A CD2 1 
ATOM   297  N  NE1 . TRP A 1 39  ? -35.838 35.396  4.171   1.00 34.37 ? 36  TRP A NE1 1 
ATOM   298  C  CE2 . TRP A 1 39  ? -34.526 35.745  4.369   1.00 34.17 ? 36  TRP A CE2 1 
ATOM   299  C  CE3 . TRP A 1 39  ? -32.968 35.878  6.210   1.00 33.91 ? 36  TRP A CE3 1 
ATOM   300  C  CZ2 . TRP A 1 39  ? -33.563 36.178  3.456   1.00 33.43 ? 36  TRP A CZ2 1 
ATOM   301  C  CZ3 . TRP A 1 39  ? -32.007 36.309  5.310   1.00 34.04 ? 36  TRP A CZ3 1 
ATOM   302  C  CH2 . TRP A 1 39  ? -32.312 36.459  3.942   1.00 33.50 ? 36  TRP A CH2 1 
ATOM   303  N  N   . LYS A 1 40  ? -36.844 37.605  7.136   1.00 53.34 ? 37  LYS A N   1 
ATOM   304  C  CA  . LYS A 1 40  ? -37.868 38.385  6.461   1.00 54.71 ? 37  LYS A CA  1 
ATOM   305  C  C   . LYS A 1 40  ? -37.647 38.343  4.948   1.00 54.10 ? 37  LYS A C   1 
ATOM   306  O  O   . LYS A 1 40  ? -36.531 38.559  4.471   1.00 55.87 ? 37  LYS A O   1 
ATOM   307  C  CB  . LYS A 1 40  ? -37.797 39.829  6.957   1.00 57.34 ? 37  LYS A CB  1 
ATOM   308  C  CG  . LYS A 1 40  ? -37.366 39.937  8.429   1.00 63.04 ? 37  LYS A CG  1 
ATOM   309  C  CD  . LYS A 1 40  ? -37.447 41.368  8.970   1.00 65.09 ? 37  LYS A CD  1 
ATOM   310  C  CE  . LYS A 1 40  ? -38.884 41.884  8.952   1.00 67.31 ? 37  LYS A CE  1 
ATOM   311  N  NZ  . LYS A 1 40  ? -39.820 40.970  9.682   1.00 69.12 ? 37  LYS A NZ  1 
ATOM   312  N  N   . PRO A 1 41  ? -38.711 38.072  4.174   1.00 51.71 ? 38  PRO A N   1 
ATOM   313  C  CA  . PRO A 1 41  ? -38.632 38.001  2.710   1.00 51.44 ? 38  PRO A CA  1 
ATOM   314  C  C   . PRO A 1 41  ? -37.792 39.126  2.127   1.00 50.39 ? 38  PRO A C   1 
ATOM   315  O  O   . PRO A 1 41  ? -37.852 40.260  2.596   1.00 51.53 ? 38  PRO A O   1 
ATOM   316  C  CB  . PRO A 1 41  ? -40.098 38.088  2.281   1.00 52.57 ? 38  PRO A CB  1 
ATOM   317  C  CG  . PRO A 1 41  ? -40.800 37.373  3.396   1.00 52.54 ? 38  PRO A CG  1 
ATOM   318  C  CD  . PRO A 1 41  ? -40.106 37.940  4.625   1.00 52.50 ? 38  PRO A CD  1 
ATOM   319  N  N   . VAL A 1 42  ? -36.991 38.814  1.117   1.00 48.66 ? 39  VAL A N   1 
ATOM   320  C  CA  . VAL A 1 42  ? -36.151 39.829  0.504   1.00 46.69 ? 39  VAL A CA  1 
ATOM   321  C  C   . VAL A 1 42  ? -36.345 39.776  -1.000  1.00 45.59 ? 39  VAL A C   1 
ATOM   322  O  O   . VAL A 1 42  ? -36.487 38.700  -1.572  1.00 46.72 ? 39  VAL A O   1 
ATOM   323  C  CB  . VAL A 1 42  ? -34.664 39.610  0.858   1.00 46.54 ? 39  VAL A CB  1 
ATOM   324  C  CG1 . VAL A 1 42  ? -33.803 40.640  0.148   1.00 46.90 ? 39  VAL A CG1 1 
ATOM   325  C  CG2 . VAL A 1 42  ? -34.471 39.728  2.361   1.00 44.03 ? 39  VAL A CG2 1 
ATOM   326  N  N   . GLY A 1 43  ? -36.370 40.939  -1.635  1.00 45.71 ? 40  GLY A N   1 
ATOM   327  C  CA  . GLY A 1 43  ? -36.567 40.980  -3.069  1.00 46.26 ? 40  GLY A CA  1 
ATOM   328  C  C   . GLY A 1 43  ? -35.316 41.376  -3.818  1.00 47.58 ? 40  GLY A C   1 
ATOM   329  O  O   . GLY A 1 43  ? -34.345 41.848  -3.224  1.00 47.62 ? 40  GLY A O   1 
HETATM 330  N  N   . MSE A 1 44  ? -35.334 41.181  -5.129  1.00 48.67 ? 41  MSE A N   1 
HETATM 331  C  CA  . MSE A 1 44  ? -34.185 41.527  -5.952  1.00 51.00 ? 41  MSE A CA  1 
HETATM 332  C  C   . MSE A 1 44  ? -33.786 42.995  -5.849  1.00 50.13 ? 41  MSE A C   1 
HETATM 333  O  O   . MSE A 1 44  ? -32.628 43.338  -6.073  1.00 48.94 ? 41  MSE A O   1 
HETATM 334  C  CB  . MSE A 1 44  ? -34.470 41.173  -7.407  1.00 53.72 ? 41  MSE A CB  1 
HETATM 335  C  CG  . MSE A 1 44  ? -34.463 39.678  -7.675  1.00 60.45 ? 41  MSE A CG  1 
HETATM 336  SE SE  . MSE A 1 44  ? -32.692 38.858  -7.453  1.00 68.49 ? 41  MSE A SE  1 
HETATM 337  C  CE  . MSE A 1 44  ? -31.656 40.048  -8.557  1.00 65.40 ? 41  MSE A CE  1 
ATOM   338  N  N   . ALA A 1 45  ? -34.741 43.856  -5.506  1.00 50.61 ? 42  ALA A N   1 
ATOM   339  C  CA  . ALA A 1 45  ? -34.482 45.292  -5.382  1.00 50.54 ? 42  ALA A CA  1 
ATOM   340  C  C   . ALA A 1 45  ? -33.644 45.633  -4.157  1.00 50.40 ? 42  ALA A C   1 
ATOM   341  O  O   . ALA A 1 45  ? -33.165 46.760  -4.020  1.00 51.17 ? 42  ALA A O   1 
ATOM   342  C  CB  . ALA A 1 45  ? -35.795 46.054  -5.336  1.00 50.17 ? 42  ALA A CB  1 
ATOM   343  N  N   . ASP A 1 46  ? -33.477 44.656  -3.268  1.00 49.88 ? 43  ASP A N   1 
ATOM   344  C  CA  . ASP A 1 46  ? -32.688 44.850  -2.060  1.00 48.92 ? 43  ASP A CA  1 
ATOM   345  C  C   . ASP A 1 46  ? -31.358 44.119  -2.168  1.00 47.46 ? 43  ASP A C   1 
ATOM   346  O  O   . ASP A 1 46  ? -30.625 44.020  -1.189  1.00 48.32 ? 43  ASP A O   1 
ATOM   347  C  CB  . ASP A 1 46  ? -33.452 44.345  -0.839  1.00 51.17 ? 43  ASP A CB  1 
ATOM   348  C  CG  . ASP A 1 46  ? -34.810 44.990  -0.701  1.00 54.61 ? 43  ASP A CG  1 
ATOM   349  O  OD1 . ASP A 1 46  ? -34.880 46.240  -0.595  1.00 55.69 ? 43  ASP A OD1 1 
ATOM   350  O  OD2 . ASP A 1 46  ? -35.814 44.241  -0.700  1.00 57.23 ? 43  ASP A OD2 1 
ATOM   351  N  N   . LEU A 1 47  ? -31.049 43.620  -3.360  1.00 45.50 ? 44  LEU A N   1 
ATOM   352  C  CA  . LEU A 1 47  ? -29.802 42.902  -3.589  1.00 44.96 ? 44  LEU A CA  1 
ATOM   353  C  C   . LEU A 1 47  ? -28.988 43.495  -4.736  1.00 45.37 ? 44  LEU A C   1 
ATOM   354  O  O   . LEU A 1 47  ? -28.259 42.782  -5.432  1.00 44.53 ? 44  LEU A O   1 
ATOM   355  C  CB  . LEU A 1 47  ? -30.100 41.433  -3.880  1.00 43.71 ? 44  LEU A CB  1 
ATOM   356  C  CG  . LEU A 1 47  ? -30.916 40.724  -2.801  1.00 43.91 ? 44  LEU A CG  1 
ATOM   357  C  CD1 . LEU A 1 47  ? -31.273 39.334  -3.274  1.00 44.16 ? 44  LEU A CD1 1 
ATOM   358  C  CD2 . LEU A 1 47  ? -30.127 40.665  -1.504  1.00 44.05 ? 44  LEU A CD2 1 
ATOM   359  N  N   . VAL A 1 48  ? -29.103 44.803  -4.921  1.00 46.69 ? 45  VAL A N   1 
ATOM   360  C  CA  . VAL A 1 48  ? -28.397 45.496  -5.991  1.00 48.38 ? 45  VAL A CA  1 
ATOM   361  C  C   . VAL A 1 48  ? -26.890 45.598  -5.765  1.00 48.64 ? 45  VAL A C   1 
ATOM   362  O  O   . VAL A 1 48  ? -26.115 44.951  -6.461  1.00 48.56 ? 45  VAL A O   1 
ATOM   363  C  CB  . VAL A 1 48  ? -28.966 46.929  -6.191  1.00 50.23 ? 45  VAL A CB  1 
ATOM   364  C  CG1 . VAL A 1 48  ? -28.225 47.628  -7.317  1.00 50.85 ? 45  VAL A CG1 1 
ATOM   365  C  CG2 . VAL A 1 48  ? -30.462 46.869  -6.494  1.00 49.90 ? 45  VAL A CG2 1 
ATOM   366  N  N   . THR A 1 49  ? -26.487 46.418  -4.799  1.00 49.43 ? 46  THR A N   1 
ATOM   367  C  CA  . THR A 1 49  ? -25.073 46.620  -4.484  1.00 51.02 ? 46  THR A CA  1 
ATOM   368  C  C   . THR A 1 49  ? -24.481 45.424  -3.750  1.00 51.98 ? 46  THR A C   1 
ATOM   369  O  O   . THR A 1 49  ? -25.183 44.722  -3.020  1.00 51.96 ? 46  THR A O   1 
ATOM   370  C  CB  . THR A 1 49  ? -24.868 47.843  -3.581  1.00 51.19 ? 46  THR A CB  1 
ATOM   371  O  OG1 . THR A 1 49  ? -25.406 47.570  -2.281  1.00 52.06 ? 46  THR A OG1 1 
ATOM   372  C  CG2 . THR A 1 49  ? -25.578 49.052  -4.160  1.00 52.40 ? 46  THR A CG2 1 
ATOM   373  N  N   . PRO A 1 50  ? -23.167 45.189  -3.918  1.00 52.02 ? 47  PRO A N   1 
ATOM   374  C  CA  . PRO A 1 50  ? -22.489 44.067  -3.258  1.00 50.60 ? 47  PRO A CA  1 
ATOM   375  C  C   . PRO A 1 50  ? -22.654 44.160  -1.749  1.00 49.34 ? 47  PRO A C   1 
ATOM   376  O  O   . PRO A 1 50  ? -22.781 43.150  -1.063  1.00 49.34 ? 47  PRO A O   1 
ATOM   377  C  CB  . PRO A 1 50  ? -21.031 44.246  -3.680  1.00 51.42 ? 47  PRO A CB  1 
ATOM   378  C  CG  . PRO A 1 50  ? -21.146 44.927  -5.012  1.00 51.20 ? 47  PRO A CG  1 
ATOM   379  C  CD  . PRO A 1 50  ? -22.212 45.955  -4.735  1.00 51.42 ? 47  PRO A CD  1 
ATOM   380  N  N   . GLU A 1 51  ? -22.647 45.384  -1.240  1.00 48.82 ? 48  GLU A N   1 
ATOM   381  C  CA  . GLU A 1 51  ? -22.803 45.602  0.185   1.00 49.37 ? 48  GLU A CA  1 
ATOM   382  C  C   . GLU A 1 51  ? -24.143 45.052  0.646   1.00 47.05 ? 48  GLU A C   1 
ATOM   383  O  O   . GLU A 1 51  ? -24.234 44.430  1.696   1.00 46.16 ? 48  GLU A O   1 
ATOM   384  C  CB  . GLU A 1 51  ? -22.717 47.095  0.506   1.00 52.60 ? 48  GLU A CB  1 
ATOM   385  C  CG  . GLU A 1 51  ? -21.354 47.734  0.215   1.00 59.09 ? 48  GLU A CG  1 
ATOM   386  C  CD  . GLU A 1 51  ? -20.990 47.757  -1.274  1.00 62.59 ? 48  GLU A CD  1 
ATOM   387  O  OE1 . GLU A 1 51  ? -21.800 48.265  -2.090  1.00 62.77 ? 48  GLU A OE1 1 
ATOM   388  O  OE2 . GLU A 1 51  ? -19.880 47.282  -1.621  1.00 64.01 ? 48  GLU A OE2 1 
ATOM   389  N  N   . GLN A 1 52  ? -25.179 45.293  -0.149  1.00 46.14 ? 49  GLN A N   1 
ATOM   390  C  CA  . GLN A 1 52  ? -26.516 44.818  0.174   1.00 44.94 ? 49  GLN A CA  1 
ATOM   391  C  C   . GLN A 1 52  ? -26.535 43.304  0.253   1.00 43.06 ? 49  GLN A C   1 
ATOM   392  O  O   . GLN A 1 52  ? -27.067 42.731  1.205   1.00 42.95 ? 49  GLN A O   1 
ATOM   393  C  CB  . GLN A 1 52  ? -27.522 45.274  -0.884  1.00 44.92 ? 49  GLN A CB  1 
ATOM   394  C  CG  . GLN A 1 52  ? -27.854 46.755  -0.832  1.00 45.99 ? 49  GLN A CG  1 
ATOM   395  C  CD  . GLN A 1 52  ? -28.866 47.155  -1.891  1.00 46.30 ? 49  GLN A CD  1 
ATOM   396  O  OE1 . GLN A 1 52  ? -28.596 47.051  -3.088  1.00 46.58 ? 49  GLN A OE1 1 
ATOM   397  N  NE2 . GLN A 1 52  ? -30.036 47.613  -1.455  1.00 42.63 ? 49  GLN A NE2 1 
ATOM   398  N  N   . VAL A 1 53  ? -25.954 42.661  -0.753  1.00 40.94 ? 50  VAL A N   1 
ATOM   399  C  CA  . VAL A 1 53  ? -25.909 41.208  -0.801  1.00 41.85 ? 50  VAL A CA  1 
ATOM   400  C  C   . VAL A 1 53  ? -25.212 40.623  0.421   1.00 43.91 ? 50  VAL A C   1 
ATOM   401  O  O   . VAL A 1 53  ? -25.763 39.755  1.096   1.00 44.84 ? 50  VAL A O   1 
ATOM   402  C  CB  . VAL A 1 53  ? -25.181 40.705  -2.043  1.00 39.30 ? 50  VAL A CB  1 
ATOM   403  C  CG1 . VAL A 1 53  ? -25.157 39.194  -2.029  1.00 41.93 ? 50  VAL A CG1 1 
ATOM   404  C  CG2 . VAL A 1 53  ? -25.873 41.202  -3.293  1.00 39.73 ? 50  VAL A CG2 1 
ATOM   405  N  N   . LYS A 1 54  ? -24.002 41.101  0.699   1.00 44.22 ? 51  LYS A N   1 
ATOM   406  C  CA  . LYS A 1 54  ? -23.258 40.615  1.842   1.00 44.74 ? 51  LYS A CA  1 
ATOM   407  C  C   . LYS A 1 54  ? -24.089 40.784  3.103   1.00 43.61 ? 51  LYS A C   1 
ATOM   408  O  O   . LYS A 1 54  ? -24.185 39.868  3.918   1.00 44.72 ? 51  LYS A O   1 
ATOM   409  C  CB  . LYS A 1 54  ? -21.925 41.360  1.990   1.00 47.34 ? 51  LYS A CB  1 
ATOM   410  C  CG  . LYS A 1 54  ? -21.137 40.959  3.235   1.00 50.49 ? 51  LYS A CG  1 
ATOM   411  C  CD  . LYS A 1 54  ? -19.758 41.623  3.314   1.00 55.08 ? 51  LYS A CD  1 
ATOM   412  C  CE  . LYS A 1 54  ? -18.832 41.133  2.200   1.00 57.60 ? 51  LYS A CE  1 
ATOM   413  N  NZ  . LYS A 1 54  ? -17.389 41.458  2.430   1.00 58.73 ? 51  LYS A NZ  1 
ATOM   414  N  N   . LYS A 1 55  ? -24.705 41.946  3.267   1.00 43.08 ? 52  LYS A N   1 
ATOM   415  C  CA  . LYS A 1 55  ? -25.524 42.188  4.452   1.00 42.40 ? 52  LYS A CA  1 
ATOM   416  C  C   . LYS A 1 55  ? -26.642 41.157  4.554   1.00 41.48 ? 52  LYS A C   1 
ATOM   417  O  O   . LYS A 1 55  ? -26.884 40.610  5.627   1.00 41.04 ? 52  LYS A O   1 
ATOM   418  C  CB  . LYS A 1 55  ? -26.144 43.589  4.413   1.00 43.89 ? 52  LYS A CB  1 
ATOM   419  C  CG  . LYS A 1 55  ? -27.105 43.870  5.573   1.00 49.55 ? 52  LYS A CG  1 
ATOM   420  C  CD  . LYS A 1 55  ? -27.756 45.256  5.472   1.00 52.74 ? 52  LYS A CD  1 
ATOM   421  C  CE  . LYS A 1 55  ? -29.121 45.235  4.754   1.00 54.67 ? 52  LYS A CE  1 
ATOM   422  N  NZ  . LYS A 1 55  ? -29.066 45.132  3.268   1.00 54.99 ? 52  LYS A NZ  1 
ATOM   423  N  N   . VAL A 1 56  ? -27.313 40.885  3.437   1.00 38.14 ? 53  VAL A N   1 
ATOM   424  C  CA  . VAL A 1 56  ? -28.409 39.935  3.449   1.00 38.79 ? 53  VAL A CA  1 
ATOM   425  C  C   . VAL A 1 56  ? -27.909 38.503  3.639   1.00 39.40 ? 53  VAL A C   1 
ATOM   426  O  O   . VAL A 1 56  ? -28.531 37.711  4.349   1.00 37.98 ? 53  VAL A O   1 
ATOM   427  C  CB  . VAL A 1 56  ? -29.258 40.068  2.165   1.00 38.03 ? 53  VAL A CB  1 
ATOM   428  C  CG1 . VAL A 1 56  ? -30.371 39.045  2.160   1.00 35.32 ? 53  VAL A CG1 1 
ATOM   429  C  CG2 . VAL A 1 56  ? -29.854 41.471  2.098   1.00 37.12 ? 53  VAL A CG2 1 
ATOM   430  N  N   . TYR A 1 57  ? -26.776 38.185  3.025   1.00 39.29 ? 54  TYR A N   1 
ATOM   431  C  CA  . TYR A 1 57  ? -26.175 36.864  3.142   1.00 38.06 ? 54  TYR A CA  1 
ATOM   432  C  C   . TYR A 1 57  ? -25.798 36.606  4.605   1.00 39.82 ? 54  TYR A C   1 
ATOM   433  O  O   . TYR A 1 57  ? -26.055 35.523  5.140   1.00 40.79 ? 54  TYR A O   1 
ATOM   434  C  CB  . TYR A 1 57  ? -24.937 36.802  2.243   1.00 36.82 ? 54  TYR A CB  1 
ATOM   435  C  CG  . TYR A 1 57  ? -23.955 35.684  2.524   1.00 34.94 ? 54  TYR A CG  1 
ATOM   436  C  CD1 . TYR A 1 57  ? -24.337 34.349  2.436   1.00 35.80 ? 54  TYR A CD1 1 
ATOM   437  C  CD2 . TYR A 1 57  ? -22.633 35.971  2.866   1.00 36.10 ? 54  TYR A CD2 1 
ATOM   438  C  CE1 . TYR A 1 57  ? -23.435 33.316  2.680   1.00 35.06 ? 54  TYR A CE1 1 
ATOM   439  C  CE2 . TYR A 1 57  ? -21.713 34.959  3.114   1.00 36.56 ? 54  TYR A CE2 1 
ATOM   440  C  CZ  . TYR A 1 57  ? -22.123 33.628  3.022   1.00 38.88 ? 54  TYR A CZ  1 
ATOM   441  O  OH  . TYR A 1 57  ? -21.223 32.628  3.296   1.00 36.24 ? 54  TYR A OH  1 
ATOM   442  N  N   . ARG A 1 58  ? -25.204 37.608  5.247   1.00 40.33 ? 55  ARG A N   1 
ATOM   443  C  CA  . ARG A 1 58  ? -24.797 37.498  6.643   1.00 42.19 ? 55  ARG A CA  1 
ATOM   444  C  C   . ARG A 1 58  ? -26.014 37.214  7.525   1.00 41.81 ? 55  ARG A C   1 
ATOM   445  O  O   . ARG A 1 58  ? -25.954 36.381  8.427   1.00 42.57 ? 55  ARG A O   1 
ATOM   446  C  CB  . ARG A 1 58  ? -24.089 38.791  7.087   1.00 46.16 ? 55  ARG A CB  1 
ATOM   447  C  CG  . ARG A 1 58  ? -23.785 38.904  8.584   1.00 51.58 ? 55  ARG A CG  1 
ATOM   448  C  CD  . ARG A 1 58  ? -23.432 40.348  8.979   1.00 56.07 ? 55  ARG A CD  1 
ATOM   449  N  NE  . ARG A 1 58  ? -24.066 40.740  10.245  1.00 62.57 ? 55  ARG A NE  1 
ATOM   450  C  CZ  . ARG A 1 58  ? -23.566 40.501  11.457  1.00 63.45 ? 55  ARG A CZ  1 
ATOM   451  N  NH1 . ARG A 1 58  ? -22.402 39.873  11.592  1.00 61.19 ? 55  ARG A NH1 1 
ATOM   452  N  NH2 . ARG A 1 58  ? -24.253 40.874  12.533  1.00 63.22 ? 55  ARG A NH2 1 
ATOM   453  N  N   . LYS A 1 59  ? -27.127 37.881  7.271   1.00 39.63 ? 56  LYS A N   1 
ATOM   454  C  CA  . LYS A 1 59  ? -28.297 37.621  8.090   1.00 38.36 ? 56  LYS A CA  1 
ATOM   455  C  C   . LYS A 1 59  ? -28.863 36.225  7.803   1.00 37.34 ? 56  LYS A C   1 
ATOM   456  O  O   . LYS A 1 59  ? -29.390 35.577  8.702   1.00 37.56 ? 56  LYS A O   1 
ATOM   457  C  CB  . LYS A 1 59  ? -29.351 38.704  7.850   1.00 40.75 ? 56  LYS A CB  1 
ATOM   458  C  CG  . LYS A 1 59  ? -30.669 38.488  8.573   1.00 47.47 ? 56  LYS A CG  1 
ATOM   459  C  CD  . LYS A 1 59  ? -31.602 39.680  8.356   1.00 50.50 ? 56  LYS A CD  1 
ATOM   460  C  CE  . LYS A 1 59  ? -32.977 39.443  8.966   1.00 53.79 ? 56  LYS A CE  1 
ATOM   461  N  NZ  . LYS A 1 59  ? -33.795 40.694  9.003   1.00 56.64 ? 56  LYS A NZ  1 
ATOM   462  N  N   . ALA A 1 60  ? -28.729 35.747  6.569   1.00 34.72 ? 57  ALA A N   1 
ATOM   463  C  CA  . ALA A 1 60  ? -29.256 34.431  6.211   1.00 34.30 ? 57  ALA A CA  1 
ATOM   464  C  C   . ALA A 1 60  ? -28.443 33.324  6.855   1.00 35.78 ? 57  ALA A C   1 
ATOM   465  O  O   . ALA A 1 60  ? -28.981 32.348  7.386   1.00 35.62 ? 57  ALA A O   1 
ATOM   466  C  CB  . ALA A 1 60  ? -29.261 34.253  4.709   1.00 31.01 ? 57  ALA A CB  1 
ATOM   467  N  N   . VAL A 1 61  ? -27.134 33.476  6.800   1.00 36.83 ? 58  VAL A N   1 
ATOM   468  C  CA  . VAL A 1 61  ? -26.259 32.492  7.394   1.00 38.57 ? 58  VAL A CA  1 
ATOM   469  C  C   . VAL A 1 61  ? -26.488 32.363  8.907   1.00 38.99 ? 58  VAL A C   1 
ATOM   470  O  O   . VAL A 1 61  ? -26.357 31.275  9.456   1.00 40.83 ? 58  VAL A O   1 
ATOM   471  C  CB  . VAL A 1 61  ? -24.795 32.846  7.110   1.00 38.20 ? 58  VAL A CB  1 
ATOM   472  C  CG1 . VAL A 1 61  ? -23.915 32.344  8.233   1.00 41.34 ? 58  VAL A CG1 1 
ATOM   473  C  CG2 . VAL A 1 61  ? -24.369 32.233  5.786   1.00 37.37 ? 58  VAL A CG2 1 
ATOM   474  N  N   . LEU A 1 62  ? -26.836 33.453  9.580   1.00 38.83 ? 59  LEU A N   1 
ATOM   475  C  CA  . LEU A 1 62  ? -27.064 33.373  11.022  1.00 40.02 ? 59  LEU A CA  1 
ATOM   476  C  C   . LEU A 1 62  ? -28.389 32.696  11.316  1.00 40.17 ? 59  LEU A C   1 
ATOM   477  O  O   . LEU A 1 62  ? -28.575 32.083  12.366  1.00 41.62 ? 59  LEU A O   1 
ATOM   478  C  CB  . LEU A 1 62  ? -27.013 34.765  11.674  1.00 38.87 ? 59  LEU A CB  1 
ATOM   479  C  CG  . LEU A 1 62  ? -25.587 35.364  11.767  1.00 43.80 ? 59  LEU A CG  1 
ATOM   480  C  CD1 . LEU A 1 62  ? -25.618 36.799  12.312  1.00 44.00 ? 59  LEU A CD1 1 
ATOM   481  C  CD2 . LEU A 1 62  ? -24.715 34.484  12.658  1.00 41.25 ? 59  LEU A CD2 1 
ATOM   482  N  N   . VAL A 1 63  ? -29.318 32.790  10.379  1.00 37.94 ? 60  VAL A N   1 
ATOM   483  C  CA  . VAL A 1 63  ? -30.590 32.157  10.599  1.00 35.75 ? 60  VAL A CA  1 
ATOM   484  C  C   . VAL A 1 63  ? -30.495 30.652  10.392  1.00 37.18 ? 60  VAL A C   1 
ATOM   485  O  O   . VAL A 1 63  ? -31.075 29.888  11.159  1.00 38.15 ? 60  VAL A O   1 
ATOM   486  C  CB  . VAL A 1 63  ? -31.647 32.738  9.685   1.00 36.51 ? 60  VAL A CB  1 
ATOM   487  C  CG1 . VAL A 1 63  ? -32.912 31.905  9.766   1.00 34.44 ? 60  VAL A CG1 1 
ATOM   488  C  CG2 . VAL A 1 63  ? -31.924 34.173  10.094  1.00 34.12 ? 60  VAL A CG2 1 
ATOM   489  N  N   . VAL A 1 64  ? -29.765 30.210  9.372   1.00 34.85 ? 61  VAL A N   1 
ATOM   490  C  CA  . VAL A 1 64  ? -29.654 28.774  9.143   1.00 32.27 ? 61  VAL A CA  1 
ATOM   491  C  C   . VAL A 1 64  ? -28.367 28.186  9.685   1.00 33.44 ? 61  VAL A C   1 
ATOM   492  O  O   . VAL A 1 64  ? -28.007 27.078  9.320   1.00 33.88 ? 61  VAL A O   1 
ATOM   493  C  CB  . VAL A 1 64  ? -29.710 28.403  7.637   1.00 31.00 ? 61  VAL A CB  1 
ATOM   494  C  CG1 . VAL A 1 64  ? -31.008 28.882  7.015   1.00 30.83 ? 61  VAL A CG1 1 
ATOM   495  C  CG2 . VAL A 1 64  ? -28.498 28.980  6.905   1.00 29.32 ? 61  VAL A CG2 1 
ATOM   496  N  N   . HIS A 1 65  ? -27.664 28.900  10.553  1.00 35.12 ? 62  HIS A N   1 
ATOM   497  C  CA  . HIS A 1 65  ? -26.408 28.353  11.051  1.00 36.41 ? 62  HIS A CA  1 
ATOM   498  C  C   . HIS A 1 65  ? -26.556 26.973  11.689  1.00 38.80 ? 62  HIS A C   1 
ATOM   499  O  O   . HIS A 1 65  ? -27.387 26.765  12.573  1.00 37.48 ? 62  HIS A O   1 
ATOM   500  C  CB  . HIS A 1 65  ? -25.752 29.296  12.046  1.00 35.75 ? 62  HIS A CB  1 
ATOM   501  C  CG  . HIS A 1 65  ? -24.288 29.046  12.213  1.00 37.09 ? 62  HIS A CG  1 
ATOM   502  N  ND1 . HIS A 1 65  ? -23.326 29.873  11.671  1.00 37.15 ? 62  HIS A ND1 1 
ATOM   503  C  CD2 . HIS A 1 65  ? -23.618 28.020  12.791  1.00 36.53 ? 62  HIS A CD2 1 
ATOM   504  C  CE1 . HIS A 1 65  ? -22.129 29.365  11.906  1.00 34.32 ? 62  HIS A CE1 1 
ATOM   505  N  NE2 . HIS A 1 65  ? -22.279 28.243  12.581  1.00 36.57 ? 62  HIS A NE2 1 
ATOM   506  N  N   . PRO A 1 66  ? -25.728 26.011  11.251  1.00 41.00 ? 63  PRO A N   1 
ATOM   507  C  CA  . PRO A 1 66  ? -25.732 24.631  11.747  1.00 43.68 ? 63  PRO A CA  1 
ATOM   508  C  C   . PRO A 1 66  ? -25.565 24.514  13.248  1.00 45.47 ? 63  PRO A C   1 
ATOM   509  O  O   . PRO A 1 66  ? -26.356 23.847  13.919  1.00 47.67 ? 63  PRO A O   1 
ATOM   510  C  CB  . PRO A 1 66  ? -24.557 23.994  11.008  1.00 44.34 ? 63  PRO A CB  1 
ATOM   511  C  CG  . PRO A 1 66  ? -24.548 24.736  9.715   1.00 44.86 ? 63  PRO A CG  1 
ATOM   512  C  CD  . PRO A 1 66  ? -24.732 26.166  10.179  1.00 41.98 ? 63  PRO A CD  1 
ATOM   513  N  N   . ASP A 1 67  ? -24.527 25.162  13.768  1.00 45.79 ? 64  ASP A N   1 
ATOM   514  C  CA  . ASP A 1 67  ? -24.240 25.116  15.195  1.00 47.05 ? 64  ASP A CA  1 
ATOM   515  C  C   . ASP A 1 67  ? -25.434 25.557  16.045  1.00 46.59 ? 64  ASP A C   1 
ATOM   516  O  O   . ASP A 1 67  ? -25.546 25.167  17.201  1.00 46.16 ? 64  ASP A O   1 
ATOM   517  C  CB  . ASP A 1 67  ? -22.993 25.959  15.516  1.00 49.12 ? 64  ASP A CB  1 
ATOM   518  C  CG  . ASP A 1 67  ? -21.726 25.391  14.885  1.00 52.55 ? 64  ASP A CG  1 
ATOM   519  O  OD1 . ASP A 1 67  ? -21.565 24.149  14.867  1.00 56.40 ? 64  ASP A OD1 1 
ATOM   520  O  OD2 . ASP A 1 67  ? -20.872 26.177  14.414  1.00 55.60 ? 64  ASP A OD2 1 
ATOM   521  N  N   . LYS A 1 68  ? -26.328 26.364  15.483  1.00 46.42 ? 65  LYS A N   1 
ATOM   522  C  CA  . LYS A 1 68  ? -27.494 26.780  16.240  1.00 48.11 ? 65  LYS A CA  1 
ATOM   523  C  C   . LYS A 1 68  ? -28.628 25.793  15.978  1.00 49.70 ? 65  LYS A C   1 
ATOM   524  O  O   . LYS A 1 68  ? -29.625 25.770  16.694  1.00 50.44 ? 65  LYS A O   1 
ATOM   525  C  CB  . LYS A 1 68  ? -27.933 28.192  15.845  1.00 47.15 ? 65  LYS A CB  1 
ATOM   526  C  CG  . LYS A 1 68  ? -26.908 29.266  16.171  1.00 51.03 ? 65  LYS A CG  1 
ATOM   527  C  CD  . LYS A 1 68  ? -27.198 30.592  15.463  1.00 51.40 ? 65  LYS A CD  1 
ATOM   528  C  CE  . LYS A 1 68  ? -28.526 31.205  15.879  1.00 54.48 ? 65  LYS A CE  1 
ATOM   529  N  NZ  . LYS A 1 68  ? -28.771 32.516  15.198  1.00 55.97 ? 65  LYS A NZ  1 
ATOM   530  N  N   . ALA A 1 69  ? -28.481 24.959  14.961  1.00 51.71 ? 66  ALA A N   1 
ATOM   531  C  CA  . ALA A 1 69  ? -29.551 24.023  14.661  1.00 55.61 ? 66  ALA A CA  1 
ATOM   532  C  C   . ALA A 1 69  ? -29.274 22.641  15.217  1.00 58.32 ? 66  ALA A C   1 
ATOM   533  O  O   . ALA A 1 69  ? -30.146 21.776  15.221  1.00 59.22 ? 66  ALA A O   1 
ATOM   534  C  CB  . ALA A 1 69  ? -29.773 23.950  13.161  1.00 54.97 ? 66  ALA A CB  1 
ATOM   535  N  N   . THR A 1 70  ? -28.055 22.432  15.687  1.00 61.41 ? 67  THR A N   1 
ATOM   536  C  CA  . THR A 1 70  ? -27.694 21.138  16.241  1.00 63.53 ? 67  THR A CA  1 
ATOM   537  C  C   . THR A 1 70  ? -28.674 20.727  17.339  1.00 63.55 ? 67  THR A C   1 
ATOM   538  O  O   . THR A 1 70  ? -28.773 21.383  18.374  1.00 63.08 ? 67  THR A O   1 
ATOM   539  C  CB  . THR A 1 70  ? -26.275 21.169  16.807  1.00 64.47 ? 67  THR A CB  1 
ATOM   540  O  OG1 . THR A 1 70  ? -25.366 21.604  15.784  1.00 65.97 ? 67  THR A OG1 1 
ATOM   541  C  CG2 . THR A 1 70  ? -25.880 19.782  17.290  1.00 65.98 ? 67  THR A CG2 1 
ATOM   542  N  N   . GLY A 1 71  ? -29.397 19.638  17.096  1.00 64.44 ? 68  GLY A N   1 
ATOM   543  C  CA  . GLY A 1 71  ? -30.361 19.151  18.067  1.00 65.12 ? 68  GLY A CA  1 
ATOM   544  C  C   . GLY A 1 71  ? -31.766 19.644  17.779  1.00 66.38 ? 68  GLY A C   1 
ATOM   545  O  O   . GLY A 1 71  ? -32.637 19.624  18.650  1.00 67.68 ? 68  GLY A O   1 
ATOM   546  N  N   . GLN A 1 72  ? -31.987 20.084  16.547  1.00 65.91 ? 69  GLN A N   1 
ATOM   547  C  CA  . GLN A 1 72  ? -33.285 20.587  16.139  1.00 65.31 ? 69  GLN A CA  1 
ATOM   548  C  C   . GLN A 1 72  ? -33.862 19.764  15.003  1.00 63.85 ? 69  GLN A C   1 
ATOM   549  O  O   . GLN A 1 72  ? -33.131 19.149  14.228  1.00 64.22 ? 69  GLN A O   1 
ATOM   550  C  CB  . GLN A 1 72  ? -33.160 22.045  15.713  1.00 67.99 ? 69  GLN A CB  1 
ATOM   551  C  CG  . GLN A 1 72  ? -32.722 22.952  16.839  1.00 71.80 ? 69  GLN A CG  1 
ATOM   552  C  CD  . GLN A 1 72  ? -33.785 23.096  17.904  1.00 74.05 ? 69  GLN A CD  1 
ATOM   553  O  OE1 . GLN A 1 72  ? -33.519 23.587  19.002  1.00 76.33 ? 69  GLN A OE1 1 
ATOM   554  N  NE2 . GLN A 1 72  ? -35.008 22.678  17.582  1.00 75.19 ? 69  GLN A NE2 1 
ATOM   555  N  N   . PRO A 1 73  ? -35.196 19.744  14.891  1.00 62.53 ? 70  PRO A N   1 
ATOM   556  C  CA  . PRO A 1 73  ? -35.885 18.990  13.841  1.00 61.04 ? 70  PRO A CA  1 
ATOM   557  C  C   . PRO A 1 73  ? -35.478 19.439  12.439  1.00 59.55 ? 70  PRO A C   1 
ATOM   558  O  O   . PRO A 1 73  ? -35.494 18.651  11.494  1.00 59.37 ? 70  PRO A O   1 
ATOM   559  C  CB  . PRO A 1 73  ? -37.359 19.272  14.128  1.00 60.97 ? 70  PRO A CB  1 
ATOM   560  C  CG  . PRO A 1 73  ? -37.374 19.509  15.610  1.00 61.81 ? 70  PRO A CG  1 
ATOM   561  C  CD  . PRO A 1 73  ? -36.169 20.379  15.797  1.00 61.32 ? 70  PRO A CD  1 
ATOM   562  N  N   . TYR A 1 74  ? -35.108 20.709  12.313  1.00 56.98 ? 71  TYR A N   1 
ATOM   563  C  CA  . TYR A 1 74  ? -34.714 21.250  11.025  1.00 54.49 ? 71  TYR A CA  1 
ATOM   564  C  C   . TYR A 1 74  ? -33.206 21.259  10.831  1.00 53.45 ? 71  TYR A C   1 
ATOM   565  O  O   . TYR A 1 74  ? -32.704 21.781  9.840   1.00 53.71 ? 71  TYR A O   1 
ATOM   566  C  CB  . TYR A 1 74  ? -35.281 22.665  10.868  1.00 53.91 ? 71  TYR A CB  1 
ATOM   567  C  CG  . TYR A 1 74  ? -34.878 23.618  11.973  1.00 53.30 ? 71  TYR A CG  1 
ATOM   568  C  CD1 . TYR A 1 74  ? -33.580 24.100  12.061  1.00 51.98 ? 71  TYR A CD1 1 
ATOM   569  C  CD2 . TYR A 1 74  ? -35.799 24.034  12.932  1.00 53.43 ? 71  TYR A CD2 1 
ATOM   570  C  CE1 . TYR A 1 74  ? -33.202 24.969  13.069  1.00 51.47 ? 71  TYR A CE1 1 
ATOM   571  C  CE2 . TYR A 1 74  ? -35.436 24.908  13.949  1.00 51.34 ? 71  TYR A CE2 1 
ATOM   572  C  CZ  . TYR A 1 74  ? -34.132 25.372  14.010  1.00 51.85 ? 71  TYR A CZ  1 
ATOM   573  O  OH  . TYR A 1 74  ? -33.750 26.234  15.007  1.00 51.43 ? 71  TYR A OH  1 
ATOM   574  N  N   . GLU A 1 75  ? -32.485 20.667  11.775  1.00 52.71 ? 72  GLU A N   1 
ATOM   575  C  CA  . GLU A 1 75  ? -31.030 20.626  11.701  1.00 53.39 ? 72  GLU A CA  1 
ATOM   576  C  C   . GLU A 1 75  ? -30.498 20.247  10.321  1.00 52.64 ? 72  GLU A C   1 
ATOM   577  O  O   . GLU A 1 75  ? -29.595 20.895  9.798   1.00 51.95 ? 72  GLU A O   1 
ATOM   578  C  CB  . GLU A 1 75  ? -30.479 19.657  12.748  1.00 54.75 ? 72  GLU A CB  1 
ATOM   579  C  CG  . GLU A 1 75  ? -28.971 19.489  12.682  1.00 57.20 ? 72  GLU A CG  1 
ATOM   580  C  CD  . GLU A 1 75  ? -28.418 18.642  13.808  1.00 58.77 ? 72  GLU A CD  1 
ATOM   581  O  OE1 . GLU A 1 75  ? -27.219 18.292  13.740  1.00 59.73 ? 72  GLU A OE1 1 
ATOM   582  O  OE2 . GLU A 1 75  ? -29.170 18.332  14.758  1.00 59.47 ? 72  GLU A OE2 1 
ATOM   583  N  N   . GLN A 1 76  ? -31.059 19.196  9.737   1.00 52.31 ? 73  GLN A N   1 
ATOM   584  C  CA  . GLN A 1 76  ? -30.632 18.735  8.424   1.00 51.17 ? 73  GLN A CA  1 
ATOM   585  C  C   . GLN A 1 76  ? -30.956 19.778  7.343   1.00 48.84 ? 73  GLN A C   1 
ATOM   586  O  O   . GLN A 1 76  ? -30.164 20.012  6.435   1.00 47.99 ? 73  GLN A O   1 
ATOM   587  C  CB  . GLN A 1 76  ? -31.314 17.396  8.113   1.00 54.24 ? 73  GLN A CB  1 
ATOM   588  C  CG  . GLN A 1 76  ? -30.943 16.759  6.782   1.00 58.83 ? 73  GLN A CG  1 
ATOM   589  C  CD  . GLN A 1 76  ? -31.831 15.554  6.429   1.00 63.56 ? 73  GLN A CD  1 
ATOM   590  O  OE1 . GLN A 1 76  ? -31.679 14.945  5.363   1.00 65.66 ? 73  GLN A OE1 1 
ATOM   591  N  NE2 . GLN A 1 76  ? -32.763 15.213  7.324   1.00 62.85 ? 73  GLN A NE2 1 
ATOM   592  N  N   . TYR A 1 77  ? -32.115 20.417  7.458   1.00 46.11 ? 74  TYR A N   1 
ATOM   593  C  CA  . TYR A 1 77  ? -32.535 21.427  6.492   1.00 44.00 ? 74  TYR A CA  1 
ATOM   594  C  C   . TYR A 1 77  ? -31.648 22.673  6.545   1.00 42.15 ? 74  TYR A C   1 
ATOM   595  O  O   . TYR A 1 77  ? -31.256 23.213  5.510   1.00 41.71 ? 74  TYR A O   1 
ATOM   596  C  CB  . TYR A 1 77  ? -33.994 21.794  6.758   1.00 46.00 ? 74  TYR A CB  1 
ATOM   597  C  CG  . TYR A 1 77  ? -34.877 20.576  6.888   1.00 50.83 ? 74  TYR A CG  1 
ATOM   598  C  CD1 . TYR A 1 77  ? -35.918 20.537  7.819   1.00 51.92 ? 74  TYR A CD1 1 
ATOM   599  C  CD2 . TYR A 1 77  ? -34.653 19.442  6.098   1.00 51.96 ? 74  TYR A CD2 1 
ATOM   600  C  CE1 . TYR A 1 77  ? -36.711 19.395  7.963   1.00 53.38 ? 74  TYR A CE1 1 
ATOM   601  C  CE2 . TYR A 1 77  ? -35.439 18.303  6.233   1.00 53.90 ? 74  TYR A CE2 1 
ATOM   602  C  CZ  . TYR A 1 77  ? -36.463 18.284  7.167   1.00 54.15 ? 74  TYR A CZ  1 
ATOM   603  O  OH  . TYR A 1 77  ? -37.230 17.148  7.309   1.00 56.42 ? 74  TYR A OH  1 
ATOM   604  N  N   . ALA A 1 78  ? -31.333 23.122  7.755   1.00 39.18 ? 75  ALA A N   1 
ATOM   605  C  CA  . ALA A 1 78  ? -30.485 24.287  7.943   1.00 39.85 ? 75  ALA A CA  1 
ATOM   606  C  C   . ALA A 1 78  ? -29.112 24.057  7.299   1.00 40.72 ? 75  ALA A C   1 
ATOM   607  O  O   . ALA A 1 78  ? -28.567 24.950  6.646   1.00 39.44 ? 75  ALA A O   1 
ATOM   608  C  CB  . ALA A 1 78  ? -30.329 24.589  9.429   1.00 38.39 ? 75  ALA A CB  1 
ATOM   609  N  N   . LYS A 1 79  ? -28.560 22.858  7.477   1.00 41.70 ? 76  LYS A N   1 
ATOM   610  C  CA  . LYS A 1 79  ? -27.261 22.526  6.902   1.00 42.84 ? 76  LYS A CA  1 
ATOM   611  C  C   . LYS A 1 79  ? -27.263 22.552  5.376   1.00 42.39 ? 76  LYS A C   1 
ATOM   612  O  O   . LYS A 1 79  ? -26.326 23.059  4.766   1.00 42.32 ? 76  LYS A O   1 
ATOM   613  C  CB  . LYS A 1 79  ? -26.792 21.143  7.373   1.00 45.97 ? 76  LYS A CB  1 
ATOM   614  C  CG  . LYS A 1 79  ? -26.302 21.067  8.815   1.00 50.63 ? 76  LYS A CG  1 
ATOM   615  C  CD  . LYS A 1 79  ? -25.661 19.699  9.098   1.00 53.95 ? 76  LYS A CD  1 
ATOM   616  C  CE  . LYS A 1 79  ? -25.378 19.474  10.597  1.00 56.58 ? 76  LYS A CE  1 
ATOM   617  N  NZ  . LYS A 1 79  ? -24.476 20.511  11.210  1.00 58.43 ? 76  LYS A NZ  1 
HETATM 618  N  N   . MSE A 1 80  ? -28.302 21.995  4.757   1.00 41.83 ? 77  MSE A N   1 
HETATM 619  C  CA  . MSE A 1 80  ? -28.391 21.979  3.294   1.00 42.09 ? 77  MSE A CA  1 
HETATM 620  C  C   . MSE A 1 80  ? -28.436 23.405  2.774   1.00 39.52 ? 77  MSE A C   1 
HETATM 621  O  O   . MSE A 1 80  ? -27.779 23.738  1.795   1.00 39.35 ? 77  MSE A O   1 
HETATM 622  C  CB  . MSE A 1 80  ? -29.659 21.259  2.831   1.00 45.77 ? 77  MSE A CB  1 
HETATM 623  C  CG  . MSE A 1 80  ? -29.692 19.780  3.151   1.00 51.21 ? 77  MSE A CG  1 
HETATM 624  SE SE  . MSE A 1 80  ? -31.428 18.977  2.839   1.00 62.14 ? 77  MSE A SE  1 
HETATM 625  C  CE  . MSE A 1 80  ? -31.319 18.783  0.905   1.00 55.49 ? 77  MSE A CE  1 
ATOM   626  N  N   . ILE A 1 81  ? -29.229 24.241  3.434   1.00 37.32 ? 78  ILE A N   1 
ATOM   627  C  CA  . ILE A 1 81  ? -29.362 25.631  3.034   1.00 35.91 ? 78  ILE A CA  1 
ATOM   628  C  C   . ILE A 1 81  ? -28.044 26.386  3.244   1.00 34.95 ? 78  ILE A C   1 
ATOM   629  O  O   . ILE A 1 81  ? -27.633 27.173  2.389   1.00 33.58 ? 78  ILE A O   1 
ATOM   630  C  CB  . ILE A 1 81  ? -30.500 26.334  3.825   1.00 33.17 ? 78  ILE A CB  1 
ATOM   631  C  CG1 . ILE A 1 81  ? -31.841 25.636  3.530   1.00 31.89 ? 78  ILE A CG1 1 
ATOM   632  C  CG2 . ILE A 1 81  ? -30.561 27.809  3.436   1.00 30.14 ? 78  ILE A CG2 1 
ATOM   633  C  CD1 . ILE A 1 81  ? -33.047 26.193  4.313   1.00 29.14 ? 78  ILE A CD1 1 
ATOM   634  N  N   . PHE A 1 82  ? -27.397 26.126  4.380   1.00 33.51 ? 79  PHE A N   1 
ATOM   635  C  CA  . PHE A 1 82  ? -26.130 26.751  4.766   1.00 34.16 ? 79  PHE A CA  1 
ATOM   636  C  C   . PHE A 1 82  ? -25.056 26.543  3.700   1.00 36.77 ? 79  PHE A C   1 
ATOM   637  O  O   . PHE A 1 82  ? -24.446 27.496  3.204   1.00 34.30 ? 79  PHE A O   1 
ATOM   638  C  CB  . PHE A 1 82  ? -25.651 26.138  6.082   1.00 33.69 ? 79  PHE A CB  1 
ATOM   639  C  CG  . PHE A 1 82  ? -24.433 26.799  6.676   1.00 33.93 ? 79  PHE A CG  1 
ATOM   640  C  CD1 . PHE A 1 82  ? -24.486 28.120  7.118   1.00 35.16 ? 79  PHE A CD1 1 
ATOM   641  C  CD2 . PHE A 1 82  ? -23.253 26.075  6.867   1.00 33.80 ? 79  PHE A CD2 1 
ATOM   642  C  CE1 . PHE A 1 82  ? -23.386 28.715  7.755   1.00 32.32 ? 79  PHE A CE1 1 
ATOM   643  C  CE2 . PHE A 1 82  ? -22.144 26.654  7.503   1.00 31.10 ? 79  PHE A CE2 1 
ATOM   644  C  CZ  . PHE A 1 82  ? -22.212 27.978  7.950   1.00 32.12 ? 79  PHE A CZ  1 
HETATM 645  N  N   . MSE A 1 83  ? -24.828 25.285  3.351   1.00 39.17 ? 80  MSE A N   1 
HETATM 646  C  CA  . MSE A 1 83  ? -23.823 24.954  2.366   1.00 40.72 ? 80  MSE A CA  1 
HETATM 647  C  C   . MSE A 1 83  ? -24.065 25.652  1.061   1.00 38.02 ? 80  MSE A C   1 
HETATM 648  O  O   . MSE A 1 83  ? -23.145 26.217  0.463   1.00 35.69 ? 80  MSE A O   1 
HETATM 649  C  CB  . MSE A 1 83  ? -23.804 23.460  2.131   1.00 48.45 ? 80  MSE A CB  1 
HETATM 650  C  CG  . MSE A 1 83  ? -23.127 22.688  3.234   1.00 61.21 ? 80  MSE A CG  1 
HETATM 651  SE SE  . MSE A 1 83  ? -23.025 20.812  2.747   1.00 79.62 ? 80  MSE A SE  1 
HETATM 652  C  CE  . MSE A 1 83  ? -22.156 21.043  1.006   1.00 71.74 ? 80  MSE A CE  1 
ATOM   653  N  N   . GLU A 1 84  ? -25.311 25.599  0.612   1.00 36.49 ? 81  GLU A N   1 
ATOM   654  C  CA  . GLU A 1 84  ? -25.676 26.222  -0.646  1.00 35.53 ? 81  GLU A CA  1 
ATOM   655  C  C   . GLU A 1 84  ? -25.413 27.734  -0.604  1.00 32.65 ? 81  GLU A C   1 
ATOM   656  O  O   . GLU A 1 84  ? -24.943 28.312  -1.577  1.00 32.02 ? 81  GLU A O   1 
ATOM   657  C  CB  . GLU A 1 84  ? -27.144 25.908  -0.948  1.00 37.09 ? 81  GLU A CB  1 
ATOM   658  C  CG  . GLU A 1 84  ? -27.419 25.563  -2.408  1.00 42.08 ? 81  GLU A CG  1 
ATOM   659  C  CD  . GLU A 1 84  ? -26.485 24.493  -2.965  1.00 45.12 ? 81  GLU A CD  1 
ATOM   660  O  OE1 . GLU A 1 84  ? -26.410 23.374  -2.392  1.00 46.60 ? 81  GLU A OE1 1 
ATOM   661  O  OE2 . GLU A 1 84  ? -25.830 24.774  -3.995  1.00 47.54 ? 81  GLU A OE2 1 
ATOM   662  N  N   . LEU A 1 85  ? -25.694 28.366  0.528   1.00 31.94 ? 82  LEU A N   1 
ATOM   663  C  CA  . LEU A 1 85  ? -25.463 29.794  0.640   1.00 33.64 ? 82  LEU A CA  1 
ATOM   664  C  C   . LEU A 1 85  ? -23.991 30.132  0.582   1.00 35.27 ? 82  LEU A C   1 
ATOM   665  O  O   . LEU A 1 85  ? -23.595 31.083  -0.095  1.00 35.17 ? 82  LEU A O   1 
ATOM   666  C  CB  . LEU A 1 85  ? -26.030 30.355  1.934   1.00 31.32 ? 82  LEU A CB  1 
ATOM   667  C  CG  . LEU A 1 85  ? -27.542 30.387  2.059   1.00 31.76 ? 82  LEU A CG  1 
ATOM   668  C  CD1 . LEU A 1 85  ? -27.905 31.055  3.377   1.00 30.49 ? 82  LEU A CD1 1 
ATOM   669  C  CD2 . LEU A 1 85  ? -28.154 31.139  0.891   1.00 30.09 ? 82  LEU A CD2 1 
ATOM   670  N  N   . ASN A 1 86  ? -23.176 29.366  1.298   1.00 35.20 ? 83  ASN A N   1 
ATOM   671  C  CA  . ASN A 1 86  ? -21.740 29.629  1.311   1.00 36.54 ? 83  ASN A CA  1 
ATOM   672  C  C   . ASN A 1 86  ? -21.113 29.420  -0.056  1.00 38.24 ? 83  ASN A C   1 
ATOM   673  O  O   . ASN A 1 86  ? -20.272 30.213  -0.481  1.00 38.50 ? 83  ASN A O   1 
ATOM   674  C  CB  . ASN A 1 86  ? -21.054 28.756  2.366   1.00 35.13 ? 83  ASN A CB  1 
ATOM   675  C  CG  . ASN A 1 86  ? -21.525 29.084  3.763   1.00 35.95 ? 83  ASN A CG  1 
ATOM   676  O  OD1 . ASN A 1 86  ? -21.822 30.245  4.068   1.00 35.90 ? 83  ASN A OD1 1 
ATOM   677  N  ND2 . ASN A 1 86  ? -21.589 28.076  4.626   1.00 35.49 ? 83  ASN A ND2 1 
ATOM   678  N  N   . ASP A 1 87  ? -21.536 28.363  -0.741  1.00 40.21 ? 84  ASP A N   1 
ATOM   679  C  CA  . ASP A 1 87  ? -21.030 28.052  -2.070  1.00 43.52 ? 84  ASP A CA  1 
ATOM   680  C  C   . ASP A 1 87  ? -21.424 29.138  -3.046  1.00 44.10 ? 84  ASP A C   1 
ATOM   681  O  O   . ASP A 1 87  ? -20.662 29.485  -3.954  1.00 45.25 ? 84  ASP A O   1 
ATOM   682  C  CB  . ASP A 1 87  ? -21.592 26.723  -2.554  1.00 48.16 ? 84  ASP A CB  1 
ATOM   683  C  CG  . ASP A 1 87  ? -20.734 25.551  -2.153  1.00 53.07 ? 84  ASP A CG  1 
ATOM   684  O  OD1 . ASP A 1 87  ? -20.379 25.439  -0.956  1.00 55.45 ? 84  ASP A OD1 1 
ATOM   685  O  OD2 . ASP A 1 87  ? -20.415 24.736  -3.047  1.00 57.32 ? 84  ASP A OD2 1 
ATOM   686  N  N   . ALA A 1 88  ? -22.626 29.669  -2.863  1.00 44.48 ? 85  ALA A N   1 
ATOM   687  C  CA  . ALA A 1 88  ? -23.119 30.724  -3.738  1.00 45.39 ? 85  ALA A CA  1 
ATOM   688  C  C   . ALA A 1 88  ? -22.331 32.013  -3.503  1.00 44.81 ? 85  ALA A C   1 
ATOM   689  O  O   . ALA A 1 88  ? -22.035 32.747  -4.442  1.00 45.79 ? 85  ALA A O   1 
ATOM   690  C  CB  . ALA A 1 88  ? -24.610 30.955  -3.491  1.00 44.62 ? 85  ALA A CB  1 
ATOM   691  N  N   . TRP A 1 89  ? -21.995 32.286  -2.246  1.00 44.21 ? 86  TRP A N   1 
ATOM   692  C  CA  . TRP A 1 89  ? -21.233 33.477  -1.922  1.00 45.07 ? 86  TRP A CA  1 
ATOM   693  C  C   . TRP A 1 89  ? -19.847 33.343  -2.540  1.00 46.26 ? 86  TRP A C   1 
ATOM   694  O  O   . TRP A 1 89  ? -19.381 34.238  -3.245  1.00 46.69 ? 86  TRP A O   1 
ATOM   695  C  CB  . TRP A 1 89  ? -21.140 33.654  -0.405  1.00 45.49 ? 86  TRP A CB  1 
ATOM   696  C  CG  . TRP A 1 89  ? -20.244 34.778  -0.003  1.00 45.84 ? 86  TRP A CG  1 
ATOM   697  C  CD1 . TRP A 1 89  ? -18.961 34.680  0.449   1.00 44.59 ? 86  TRP A CD1 1 
ATOM   698  C  CD2 . TRP A 1 89  ? -20.522 36.181  -0.133  1.00 45.29 ? 86  TRP A CD2 1 
ATOM   699  N  NE1 . TRP A 1 89  ? -18.423 35.934  0.606   1.00 44.95 ? 86  TRP A NE1 1 
ATOM   700  C  CE2 . TRP A 1 89  ? -19.356 36.872  0.258   1.00 44.11 ? 86  TRP A CE2 1 
ATOM   701  C  CE3 . TRP A 1 89  ? -21.650 36.920  -0.528  1.00 44.13 ? 86  TRP A CE3 1 
ATOM   702  C  CZ2 . TRP A 1 89  ? -19.269 38.272  0.233   1.00 44.67 ? 86  TRP A CZ2 1 
ATOM   703  C  CZ3 . TRP A 1 89  ? -21.566 38.316  -0.546  1.00 43.02 ? 86  TRP A CZ3 1 
ATOM   704  C  CH2 . TRP A 1 89  ? -20.381 38.976  -0.161  1.00 43.11 ? 86  TRP A CH2 1 
ATOM   705  N  N   . SER A 1 90  ? -19.191 32.221  -2.272  1.00 48.00 ? 87  SER A N   1 
ATOM   706  C  CA  . SER A 1 90  ? -17.874 31.954  -2.831  1.00 50.23 ? 87  SER A CA  1 
ATOM   707  C  C   . SER A 1 90  ? -17.917 32.213  -4.338  1.00 49.14 ? 87  SER A C   1 
ATOM   708  O  O   . SER A 1 90  ? -17.033 32.858  -4.887  1.00 48.97 ? 87  SER A O   1 
ATOM   709  C  CB  . SER A 1 90  ? -17.487 30.498  -2.554  1.00 52.53 ? 87  SER A CB  1 
ATOM   710  O  OG  . SER A 1 90  ? -16.428 30.071  -3.402  1.00 58.47 ? 87  SER A OG  1 
ATOM   711  N  N   . GLU A 1 91  ? -18.960 31.717  -4.998  1.00 49.24 ? 88  GLU A N   1 
ATOM   712  C  CA  . GLU A 1 91  ? -19.110 31.913  -6.435  1.00 50.08 ? 88  GLU A CA  1 
ATOM   713  C  C   . GLU A 1 91  ? -19.260 33.399  -6.736  1.00 50.18 ? 88  GLU A C   1 
ATOM   714  O  O   . GLU A 1 91  ? -18.711 33.904  -7.711  1.00 51.74 ? 88  GLU A O   1 
ATOM   715  C  CB  . GLU A 1 91  ? -20.332 31.148  -6.947  1.00 51.32 ? 88  GLU A CB  1 
ATOM   716  C  CG  . GLU A 1 91  ? -20.596 31.286  -8.440  1.00 54.62 ? 88  GLU A CG  1 
ATOM   717  C  CD  . GLU A 1 91  ? -19.391 30.912  -9.288  1.00 57.48 ? 88  GLU A CD  1 
ATOM   718  O  OE1 . GLU A 1 91  ? -18.700 29.928  -8.939  1.00 59.09 ? 88  GLU A OE1 1 
ATOM   719  O  OE2 . GLU A 1 91  ? -19.142 31.592  -10.310 1.00 56.85 ? 88  GLU A OE2 1 
ATOM   720  N  N   . PHE A 1 92  ? -19.999 34.107  -5.891  1.00 49.86 ? 89  PHE A N   1 
ATOM   721  C  CA  . PHE A 1 92  ? -20.193 35.534  -6.080  1.00 49.81 ? 89  PHE A CA  1 
ATOM   722  C  C   . PHE A 1 92  ? -18.856 36.278  -6.060  1.00 52.19 ? 89  PHE A C   1 
ATOM   723  O  O   . PHE A 1 92  ? -18.673 37.259  -6.785  1.00 52.53 ? 89  PHE A O   1 
ATOM   724  C  CB  . PHE A 1 92  ? -21.107 36.081  -4.988  1.00 46.99 ? 89  PHE A CB  1 
ATOM   725  C  CG  . PHE A 1 92  ? -21.434 37.534  -5.143  1.00 42.56 ? 89  PHE A CG  1 
ATOM   726  C  CD1 . PHE A 1 92  ? -22.064 38.003  -6.291  1.00 42.33 ? 89  PHE A CD1 1 
ATOM   727  C  CD2 . PHE A 1 92  ? -21.140 38.431  -4.129  1.00 40.32 ? 89  PHE A CD2 1 
ATOM   728  C  CE1 . PHE A 1 92  ? -22.407 39.348  -6.416  1.00 40.72 ? 89  PHE A CE1 1 
ATOM   729  C  CE2 . PHE A 1 92  ? -21.476 39.774  -4.242  1.00 38.33 ? 89  PHE A CE2 1 
ATOM   730  C  CZ  . PHE A 1 92  ? -22.108 40.232  -5.388  1.00 40.15 ? 89  PHE A CZ  1 
ATOM   731  N  N   . GLU A 1 93  ? -17.928 35.818  -5.223  1.00 53.94 ? 90  GLU A N   1 
ATOM   732  C  CA  . GLU A 1 93  ? -16.610 36.446  -5.135  1.00 56.62 ? 90  GLU A CA  1 
ATOM   733  C  C   . GLU A 1 93  ? -15.817 36.174  -6.413  1.00 58.05 ? 90  GLU A C   1 
ATOM   734  O  O   . GLU A 1 93  ? -15.194 37.082  -6.963  1.00 59.06 ? 90  GLU A O   1 
ATOM   735  C  CB  . GLU A 1 93  ? -15.832 35.907  -3.932  1.00 57.62 ? 90  GLU A CB  1 
ATOM   736  C  CG  . GLU A 1 93  ? -16.503 36.153  -2.587  1.00 59.61 ? 90  GLU A CG  1 
ATOM   737  C  CD  . GLU A 1 93  ? -15.709 35.578  -1.412  1.00 60.02 ? 90  GLU A CD  1 
ATOM   738  O  OE1 . GLU A 1 93  ? -15.424 34.358  -1.405  1.00 62.34 ? 90  GLU A OE1 1 
ATOM   739  O  OE2 . GLU A 1 93  ? -15.375 36.350  -0.490  1.00 58.42 ? 90  GLU A OE2 1 
ATOM   740  N  N   . ASN A 1 94  ? -15.852 34.927  -6.879  1.00 59.40 ? 91  ASN A N   1 
ATOM   741  C  CA  . ASN A 1 94  ? -15.139 34.532  -8.086  1.00 60.42 ? 91  ASN A CA  1 
ATOM   742  C  C   . ASN A 1 94  ? -15.666 35.264  -9.318  1.00 62.17 ? 91  ASN A C   1 
ATOM   743  O  O   . ASN A 1 94  ? -15.140 35.099  -10.419 1.00 63.31 ? 91  ASN A O   1 
ATOM   744  C  CB  . ASN A 1 94  ? -15.255 33.019  -8.323  1.00 59.10 ? 91  ASN A CB  1 
ATOM   745  C  CG  . ASN A 1 94  ? -14.765 32.192  -7.140  1.00 58.55 ? 91  ASN A CG  1 
ATOM   746  O  OD1 . ASN A 1 94  ? -14.031 32.681  -6.278  1.00 56.61 ? 91  ASN A OD1 1 
ATOM   747  N  ND2 . ASN A 1 94  ? -15.159 30.921  -7.108  1.00 58.21 ? 91  ASN A ND2 1 
ATOM   748  N  N   . GLN A 1 95  ? -16.712 36.063  -9.140  1.00 62.69 ? 92  GLN A N   1 
ATOM   749  C  CA  . GLN A 1 95  ? -17.282 36.799  -10.262 1.00 63.37 ? 92  GLN A CA  1 
ATOM   750  C  C   . GLN A 1 95  ? -16.958 38.275  -10.123 1.00 63.12 ? 92  GLN A C   1 
ATOM   751  O  O   . GLN A 1 95  ? -17.358 39.087  -10.954 1.00 65.06 ? 92  GLN A O   1 
ATOM   752  C  CB  . GLN A 1 95  ? -18.801 36.615  -10.316 1.00 65.41 ? 92  GLN A CB  1 
ATOM   753  C  CG  . GLN A 1 95  ? -19.265 35.168  -10.400 1.00 68.89 ? 92  GLN A CG  1 
ATOM   754  C  CD  . GLN A 1 95  ? -20.783 35.039  -10.317 1.00 71.78 ? 92  GLN A CD  1 
ATOM   755  O  OE1 . GLN A 1 95  ? -21.417 35.580  -9.404  1.00 72.20 ? 92  GLN A OE1 1 
ATOM   756  N  NE2 . GLN A 1 95  ? -21.370 34.312  -11.267 1.00 72.28 ? 92  GLN A NE2 1 
ATOM   757  N  N   . GLY A 1 96  ? -16.230 38.627  -9.072  1.00 61.62 ? 93  GLY A N   1 
ATOM   758  C  CA  . GLY A 1 96  ? -15.883 40.019  -8.876  1.00 61.15 ? 93  GLY A CA  1 
ATOM   759  C  C   . GLY A 1 96  ? -16.952 40.764  -8.106  1.00 61.39 ? 93  GLY A C   1 
ATOM   760  O  O   . GLY A 1 96  ? -16.896 41.987  -7.969  1.00 61.62 ? 93  GLY A O   1 
ATOM   761  N  N   . GLN A 1 97  ? -17.936 40.025  -7.603  1.00 61.44 ? 94  GLN A N   1 
ATOM   762  C  CA  . GLN A 1 97  ? -19.012 40.634  -6.829  1.00 60.85 ? 94  GLN A CA  1 
ATOM   763  C  C   . GLN A 1 97  ? -19.627 41.807  -7.578  1.00 61.38 ? 94  GLN A C   1 
ATOM   764  O  O   . GLN A 1 97  ? -19.792 42.895  -7.027  1.00 61.02 ? 94  GLN A O   1 
ATOM   765  C  CB  . GLN A 1 97  ? -18.471 41.105  -5.480  1.00 58.77 ? 94  GLN A CB  1 
ATOM   766  C  CG  . GLN A 1 97  ? -17.940 39.981  -4.616  1.00 56.60 ? 94  GLN A CG  1 
ATOM   767  C  CD  . GLN A 1 97  ? -17.489 40.475  -3.267  1.00 55.81 ? 94  GLN A CD  1 
ATOM   768  O  OE1 . GLN A 1 97  ? -18.189 41.247  -2.614  1.00 55.74 ? 94  GLN A OE1 1 
ATOM   769  N  NE2 . GLN A 1 97  ? -16.324 40.022  -2.829  1.00 54.73 ? 94  GLN A NE2 1 
ATOM   770  N  N   . LYS A 1 98  ? -19.969 41.563  -8.840  1.00 62.61 ? 95  LYS A N   1 
ATOM   771  C  CA  . LYS A 1 98  ? -20.548 42.576  -9.713  1.00 63.39 ? 95  LYS A CA  1 
ATOM   772  C  C   . LYS A 1 98  ? -21.926 43.040  -9.249  1.00 62.56 ? 95  LYS A C   1 
ATOM   773  O  O   . LYS A 1 98  ? -22.750 42.236  -8.814  1.00 63.07 ? 95  LYS A O   1 
ATOM   774  C  CB  . LYS A 1 98  ? -20.632 42.028  -11.143 1.00 64.54 ? 95  LYS A CB  1 
ATOM   775  C  CG  . LYS A 1 98  ? -19.292 41.515  -11.688 1.00 67.67 ? 95  LYS A CG  1 
ATOM   776  C  CD  . LYS A 1 98  ? -18.188 42.575  -11.577 1.00 70.33 ? 95  LYS A CD  1 
ATOM   777  C  CE  . LYS A 1 98  ? -16.827 42.056  -12.086 1.00 72.80 ? 95  LYS A CE  1 
ATOM   778  N  NZ  . LYS A 1 98  ? -15.707 43.047  -11.924 1.00 72.01 ? 95  LYS A NZ  1 
ATOM   779  N  N   . PRO A 1 99  ? -22.187 44.356  -9.323  1.00 62.08 ? 96  PRO A N   1 
ATOM   780  C  CA  . PRO A 1 99  ? -23.477 44.911  -8.910  1.00 62.30 ? 96  PRO A CA  1 
ATOM   781  C  C   . PRO A 1 99  ? -24.557 44.368  -9.823  1.00 62.60 ? 96  PRO A C   1 
ATOM   782  O  O   . PRO A 1 99  ? -24.262 43.787  -10.869 1.00 63.38 ? 96  PRO A O   1 
ATOM   783  C  CB  . PRO A 1 99  ? -23.293 46.415  -9.099  1.00 61.70 ? 96  PRO A CB  1 
ATOM   784  C  CG  . PRO A 1 99  ? -21.833 46.604  -8.911  1.00 62.13 ? 96  PRO A CG  1 
ATOM   785  C  CD  . PRO A 1 99  ? -21.254 45.437  -9.674  1.00 62.06 ? 96  PRO A CD  1 
ATOM   786  N  N   . LEU A 1 100 ? -25.809 44.561  -9.440  1.00 62.87 ? 97  LEU A N   1 
ATOM   787  C  CA  . LEU A 1 100 ? -26.906 44.068  -10.257 1.00 62.83 ? 97  LEU A CA  1 
ATOM   788  C  C   . LEU A 1 100 ? -26.971 44.884  -11.553 1.00 63.83 ? 97  LEU A C   1 
ATOM   789  O  O   . LEU A 1 100 ? -27.141 44.322  -12.640 1.00 63.61 ? 97  LEU A O   1 
ATOM   790  C  CB  . LEU A 1 100 ? -28.215 44.169  -9.471  1.00 59.65 ? 97  LEU A CB  1 
ATOM   791  C  CG  . LEU A 1 100 ? -29.336 43.203  -9.850  1.00 57.28 ? 97  LEU A CG  1 
ATOM   792  C  CD1 . LEU A 1 100 ? -28.785 41.809  -10.057 1.00 55.84 ? 97  LEU A CD1 1 
ATOM   793  C  CD2 . LEU A 1 100 ? -30.385 43.207  -8.755  1.00 55.94 ? 97  LEU A CD2 1 
ATOM   794  N  N   . TYR A 1 101 ? -26.815 46.205  -11.426 1.00 64.26 ? 98  TYR A N   1 
ATOM   795  C  CA  . TYR A 1 101 ? -26.838 47.123  -12.569 1.00 63.49 ? 98  TYR A CA  1 
ATOM   796  C  C   . TYR A 1 101 ? -26.137 48.456  -12.271 1.00 64.38 ? 98  TYR A C   1 
ATOM   797  O  O   . TYR A 1 101 ? -25.930 48.831  -11.108 1.00 64.70 ? 98  TYR A O   1 
ATOM   798  C  CB  . TYR A 1 101 ? -28.281 47.387  -13.003 1.00 61.05 ? 98  TYR A CB  1 
ATOM   799  C  CG  . TYR A 1 101 ? -29.169 47.953  -11.916 1.00 58.54 ? 98  TYR A CG  1 
ATOM   800  C  CD1 . TYR A 1 101 ? -28.927 49.218  -11.370 1.00 58.01 ? 98  TYR A CD1 1 
ATOM   801  C  CD2 . TYR A 1 101 ? -30.262 47.232  -11.445 1.00 57.14 ? 98  TYR A CD2 1 
ATOM   802  C  CE1 . TYR A 1 101 ? -29.759 49.750  -10.377 1.00 56.62 ? 98  TYR A CE1 1 
ATOM   803  C  CE2 . TYR A 1 101 ? -31.095 47.752  -10.459 1.00 55.74 ? 98  TYR A CE2 1 
ATOM   804  C  CZ  . TYR A 1 101 ? -30.842 49.008  -9.931  1.00 55.53 ? 98  TYR A CZ  1 
ATOM   805  O  OH  . TYR A 1 101 ? -31.676 49.516  -8.961  1.00 56.74 ? 98  TYR A OH  1 
ATOM   806  N  N   . MET B 1 3   ? 19.718  -50.851 -4.937  1.00 57.16 ? 100 MET B N   1 
ATOM   807  C  CA  . MET B 1 3   ? 18.472  -50.242 -5.380  1.00 57.77 ? 100 MET B CA  1 
ATOM   808  C  C   . MET B 1 3   ? 18.665  -48.825 -5.960  1.00 57.82 ? 100 MET B C   1 
ATOM   809  O  O   . MET B 1 3   ? 19.178  -48.690 -7.069  1.00 60.36 ? 100 MET B O   1 
ATOM   810  C  CB  . MET B 1 3   ? 17.479  -50.187 -4.225  1.00 58.37 ? 100 MET B CB  1 
ATOM   811  N  N   . ASP B 1 4   ? 18.274  -47.785 -5.213  1.00 54.62 ? 101 ASP B N   1 
ATOM   812  C  CA  . ASP B 1 4   ? 18.361  -46.385 -5.672  1.00 52.67 ? 101 ASP B CA  1 
ATOM   813  C  C   . ASP B 1 4   ? 19.719  -45.914 -6.198  1.00 52.67 ? 101 ASP B C   1 
ATOM   814  O  O   . ASP B 1 4   ? 20.671  -45.740 -5.441  1.00 52.16 ? 101 ASP B O   1 
ATOM   815  C  CB  . ASP B 1 4   ? 17.894  -45.433 -4.565  1.00 50.94 ? 101 ASP B CB  1 
ATOM   816  C  CG  . ASP B 1 4   ? 17.711  -44.004 -5.061  1.00 51.46 ? 101 ASP B CG  1 
ATOM   817  O  OD1 . ASP B 1 4   ? 17.007  -43.228 -4.389  1.00 48.75 ? 101 ASP B OD1 1 
ATOM   818  O  OD2 . ASP B 1 4   ? 18.264  -43.653 -6.122  1.00 52.89 ? 101 ASP B OD2 1 
ATOM   819  N  N   . PRO B 1 5   ? 19.807  -45.666 -7.515  1.00 53.22 ? 102 PRO B N   1 
ATOM   820  C  CA  . PRO B 1 5   ? 21.030  -45.216 -8.190  1.00 52.74 ? 102 PRO B CA  1 
ATOM   821  C  C   . PRO B 1 5   ? 21.556  -43.898 -7.658  1.00 52.12 ? 102 PRO B C   1 
ATOM   822  O  O   . PRO B 1 5   ? 22.767  -43.707 -7.548  1.00 52.90 ? 102 PRO B O   1 
ATOM   823  C  CB  . PRO B 1 5   ? 20.604  -45.101 -9.654  1.00 53.53 ? 102 PRO B CB  1 
ATOM   824  C  CG  . PRO B 1 5   ? 19.441  -46.046 -9.760  1.00 53.60 ? 102 PRO B CG  1 
ATOM   825  C  CD  . PRO B 1 5   ? 18.700  -45.774 -8.479  1.00 53.30 ? 102 PRO B CD  1 
ATOM   826  N  N   . GLU B 1 6   ? 20.641  -42.984 -7.351  1.00 51.16 ? 103 GLU B N   1 
ATOM   827  C  CA  . GLU B 1 6   ? 21.028  -41.681 -6.827  1.00 51.69 ? 103 GLU B CA  1 
ATOM   828  C  C   . GLU B 1 6   ? 21.763  -41.868 -5.504  1.00 50.71 ? 103 GLU B C   1 
ATOM   829  O  O   . GLU B 1 6   ? 22.791  -41.238 -5.255  1.00 51.89 ? 103 GLU B O   1 
ATOM   830  C  CB  . GLU B 1 6   ? 19.793  -40.792 -6.616  1.00 53.73 ? 103 GLU B CB  1 
ATOM   831  C  CG  . GLU B 1 6   ? 19.242  -40.144 -7.890  1.00 58.16 ? 103 GLU B CG  1 
ATOM   832  C  CD  . GLU B 1 6   ? 20.054  -38.939 -8.352  1.00 61.00 ? 103 GLU B CD  1 
ATOM   833  O  OE1 . GLU B 1 6   ? 20.045  -37.909 -7.643  1.00 62.56 ? 103 GLU B OE1 1 
ATOM   834  O  OE2 . GLU B 1 6   ? 20.711  -39.023 -9.414  1.00 63.29 ? 103 GLU B OE2 1 
ATOM   835  N  N   . LYS B 1 7   ? 21.230  -42.746 -4.664  1.00 48.74 ? 104 LYS B N   1 
ATOM   836  C  CA  . LYS B 1 7   ? 21.828  -43.020 -3.372  1.00 47.04 ? 104 LYS B CA  1 
ATOM   837  C  C   . LYS B 1 7   ? 23.212  -43.622 -3.556  1.00 44.53 ? 104 LYS B C   1 
ATOM   838  O  O   . LYS B 1 7   ? 24.183  -43.143 -2.982  1.00 44.43 ? 104 LYS B O   1 
ATOM   839  C  CB  . LYS B 1 7   ? 20.947  -43.993 -2.589  1.00 49.80 ? 104 LYS B CB  1 
ATOM   840  C  CG  . LYS B 1 7   ? 19.573  -43.458 -2.200  1.00 52.98 ? 104 LYS B CG  1 
ATOM   841  C  CD  . LYS B 1 7   ? 19.637  -42.622 -0.931  1.00 53.99 ? 104 LYS B CD  1 
ATOM   842  C  CE  . LYS B 1 7   ? 18.251  -42.324 -0.344  1.00 55.24 ? 104 LYS B CE  1 
ATOM   843  N  NZ  . LYS B 1 7   ? 17.506  -43.530 0.143   1.00 55.27 ? 104 LYS B NZ  1 
ATOM   844  N  N   . LEU B 1 8   ? 23.303  -44.670 -4.363  1.00 41.64 ? 105 LEU B N   1 
ATOM   845  C  CA  . LEU B 1 8   ? 24.579  -45.330 -4.592  1.00 40.80 ? 105 LEU B CA  1 
ATOM   846  C  C   . LEU B 1 8   ? 25.660  -44.415 -5.138  1.00 38.78 ? 105 LEU B C   1 
ATOM   847  O  O   . LEU B 1 8   ? 26.820  -44.538 -4.766  1.00 39.23 ? 105 LEU B O   1 
ATOM   848  C  CB  . LEU B 1 8   ? 24.398  -46.508 -5.539  1.00 41.11 ? 105 LEU B CB  1 
ATOM   849  C  CG  . LEU B 1 8   ? 23.411  -47.564 -5.045  1.00 44.99 ? 105 LEU B CG  1 
ATOM   850  C  CD1 . LEU B 1 8   ? 23.262  -48.609 -6.132  1.00 43.43 ? 105 LEU B CD1 1 
ATOM   851  C  CD2 . LEU B 1 8   ? 23.891  -48.203 -3.729  1.00 40.40 ? 105 LEU B CD2 1 
ATOM   852  N  N   . LYS B 1 9   ? 25.280  -43.499 -6.022  1.00 38.77 ? 106 LYS B N   1 
ATOM   853  C  CA  . LYS B 1 9   ? 26.249  -42.589 -6.612  1.00 40.42 ? 106 LYS B CA  1 
ATOM   854  C  C   . LYS B 1 9   ? 26.830  -41.641 -5.558  1.00 39.15 ? 106 LYS B C   1 
ATOM   855  O  O   . LYS B 1 9   ? 28.030  -41.366 -5.553  1.00 39.44 ? 106 LYS B O   1 
ATOM   856  C  CB  . LYS B 1 9   ? 25.605  -41.807 -7.775  1.00 42.52 ? 106 LYS B CB  1 
ATOM   857  C  CG  . LYS B 1 9   ? 26.624  -41.143 -8.709  1.00 47.69 ? 106 LYS B CG  1 
ATOM   858  C  CD  . LYS B 1 9   ? 26.085  -40.873 -10.126 1.00 51.68 ? 106 LYS B CD  1 
ATOM   859  C  CE  . LYS B 1 9   ? 25.198  -39.628 -10.212 1.00 52.95 ? 106 LYS B CE  1 
ATOM   860  N  NZ  . LYS B 1 9   ? 23.908  -39.767 -9.480  1.00 52.38 ? 106 LYS B NZ  1 
ATOM   861  N  N   . ILE B 1 10  ? 25.978  -41.169 -4.653  1.00 37.75 ? 107 ILE B N   1 
ATOM   862  C  CA  . ILE B 1 10  ? 26.401  -40.268 -3.585  1.00 36.60 ? 107 ILE B CA  1 
ATOM   863  C  C   . ILE B 1 10  ? 27.310  -41.004 -2.603  1.00 37.98 ? 107 ILE B C   1 
ATOM   864  O  O   . ILE B 1 10  ? 28.315  -40.456 -2.144  1.00 37.77 ? 107 ILE B O   1 
ATOM   865  C  CB  . ILE B 1 10  ? 25.178  -39.696 -2.836  1.00 35.95 ? 107 ILE B CB  1 
ATOM   866  C  CG1 . ILE B 1 10  ? 24.323  -38.877 -3.816  1.00 32.86 ? 107 ILE B CG1 1 
ATOM   867  C  CG2 . ILE B 1 10  ? 25.625  -38.850 -1.640  1.00 32.07 ? 107 ILE B CG2 1 
ATOM   868  C  CD1 . ILE B 1 10  ? 23.076  -38.289 -3.201  1.00 30.11 ? 107 ILE B CD1 1 
ATOM   869  N  N   . LEU B 1 11  ? 26.967  -42.250 -2.287  1.00 37.58 ? 108 LEU B N   1 
ATOM   870  C  CA  . LEU B 1 11  ? 27.793  -43.028 -1.373  1.00 39.53 ? 108 LEU B CA  1 
ATOM   871  C  C   . LEU B 1 11  ? 29.159  -43.296 -1.990  1.00 39.91 ? 108 LEU B C   1 
ATOM   872  O  O   . LEU B 1 11  ? 30.184  -43.197 -1.314  1.00 40.23 ? 108 LEU B O   1 
ATOM   873  C  CB  . LEU B 1 11  ? 27.120  -44.353 -1.026  1.00 38.95 ? 108 LEU B CB  1 
ATOM   874  C  CG  . LEU B 1 11  ? 25.904  -44.191 -0.126  1.00 37.84 ? 108 LEU B CG  1 
ATOM   875  C  CD1 . LEU B 1 11  ? 25.128  -45.479 -0.106  1.00 39.70 ? 108 LEU B CD1 1 
ATOM   876  C  CD2 . LEU B 1 11  ? 26.347  -43.791 1.279   1.00 36.15 ? 108 LEU B CD2 1 
ATOM   877  N  N   . GLU B 1 12  ? 29.178  -43.637 -3.272  1.00 40.79 ? 109 GLU B N   1 
ATOM   878  C  CA  . GLU B 1 12  ? 30.441  -43.898 -3.942  1.00 42.38 ? 109 GLU B CA  1 
ATOM   879  C  C   . GLU B 1 12  ? 31.260  -42.609 -3.836  1.00 40.67 ? 109 GLU B C   1 
ATOM   880  O  O   . GLU B 1 12  ? 32.461  -42.624 -3.554  1.00 40.24 ? 109 GLU B O   1 
ATOM   881  C  CB  . GLU B 1 12  ? 30.185  -44.267 -5.408  1.00 46.06 ? 109 GLU B CB  1 
ATOM   882  C  CG  . GLU B 1 12  ? 31.448  -44.593 -6.198  1.00 55.87 ? 109 GLU B CG  1 
ATOM   883  C  CD  . GLU B 1 12  ? 31.263  -44.478 -7.717  1.00 60.40 ? 109 GLU B CD  1 
ATOM   884  O  OE1 . GLU B 1 12  ? 32.264  -44.659 -8.455  1.00 62.92 ? 109 GLU B OE1 1 
ATOM   885  O  OE2 . GLU B 1 12  ? 30.126  -44.205 -8.176  1.00 61.19 ? 109 GLU B OE2 1 
ATOM   886  N  N   . TRP B 1 13  ? 30.577  -41.490 -4.032  1.00 38.26 ? 110 TRP B N   1 
ATOM   887  C  CA  . TRP B 1 13  ? 31.195  -40.176 -3.962  1.00 36.93 ? 110 TRP B CA  1 
ATOM   888  C  C   . TRP B 1 13  ? 31.794  -39.914 -2.562  1.00 37.59 ? 110 TRP B C   1 
ATOM   889  O  O   . TRP B 1 13  ? 32.963  -39.538 -2.436  1.00 38.68 ? 110 TRP B O   1 
ATOM   890  C  CB  . TRP B 1 13  ? 30.133  -39.144 -4.325  1.00 35.94 ? 110 TRP B CB  1 
ATOM   891  C  CG  . TRP B 1 13  ? 30.584  -37.740 -4.355  1.00 36.57 ? 110 TRP B CG  1 
ATOM   892  C  CD1 . TRP B 1 13  ? 31.461  -37.166 -5.239  1.00 38.07 ? 110 TRP B CD1 1 
ATOM   893  C  CD2 . TRP B 1 13  ? 30.117  -36.692 -3.514  1.00 34.77 ? 110 TRP B CD2 1 
ATOM   894  N  NE1 . TRP B 1 13  ? 31.561  -35.814 -4.999  1.00 37.58 ? 110 TRP B NE1 1 
ATOM   895  C  CE2 . TRP B 1 13  ? 30.742  -35.498 -3.945  1.00 36.77 ? 110 TRP B CE2 1 
ATOM   896  C  CE3 . TRP B 1 13  ? 29.226  -36.641 -2.436  1.00 32.74 ? 110 TRP B CE3 1 
ATOM   897  C  CZ2 . TRP B 1 13  ? 30.497  -34.265 -3.333  1.00 36.51 ? 110 TRP B CZ2 1 
ATOM   898  C  CZ3 . TRP B 1 13  ? 28.985  -35.417 -1.828  1.00 34.83 ? 110 TRP B CZ3 1 
ATOM   899  C  CH2 . TRP B 1 13  ? 29.618  -34.245 -2.279  1.00 33.10 ? 110 TRP B CH2 1 
ATOM   900  N  N   . ILE B 1 14  ? 31.003  -40.132 -1.518  1.00 36.46 ? 111 ILE B N   1 
ATOM   901  C  CA  . ILE B 1 14  ? 31.467  -39.933 -0.151  1.00 35.89 ? 111 ILE B CA  1 
ATOM   902  C  C   . ILE B 1 14  ? 32.674  -40.814 0.143   1.00 38.06 ? 111 ILE B C   1 
ATOM   903  O  O   . ILE B 1 14  ? 33.691  -40.357 0.666   1.00 37.55 ? 111 ILE B O   1 
ATOM   904  C  CB  . ILE B 1 14  ? 30.346  -40.277 0.866   1.00 33.22 ? 111 ILE B CB  1 
ATOM   905  C  CG1 . ILE B 1 14  ? 29.334  -39.137 0.901   1.00 32.63 ? 111 ILE B CG1 1 
ATOM   906  C  CG2 . ILE B 1 14  ? 30.932  -40.548 2.255   1.00 27.98 ? 111 ILE B CG2 1 
ATOM   907  C  CD1 . ILE B 1 14  ? 28.038  -39.479 1.607   1.00 29.02 ? 111 ILE B CD1 1 
ATOM   908  N  N   . GLU B 1 15  ? 32.544  -42.086 -0.194  1.00 41.00 ? 112 GLU B N   1 
ATOM   909  C  CA  . GLU B 1 15  ? 33.595  -43.062 0.041   1.00 43.88 ? 112 GLU B CA  1 
ATOM   910  C  C   . GLU B 1 15  ? 34.854  -42.759 -0.771  1.00 43.03 ? 112 GLU B C   1 
ATOM   911  O  O   . GLU B 1 15  ? 35.973  -42.890 -0.271  1.00 44.39 ? 112 GLU B O   1 
ATOM   912  C  CB  . GLU B 1 15  ? 33.056  -44.451 -0.307  1.00 46.55 ? 112 GLU B CB  1 
ATOM   913  C  CG  . GLU B 1 15  ? 33.680  -45.596 0.469   1.00 55.54 ? 112 GLU B CG  1 
ATOM   914  C  CD  . GLU B 1 15  ? 32.888  -46.886 0.327   1.00 58.68 ? 112 GLU B CD  1 
ATOM   915  O  OE1 . GLU B 1 15  ? 31.692  -46.881 0.702   1.00 57.89 ? 112 GLU B OE1 1 
ATOM   916  O  OE2 . GLU B 1 15  ? 33.458  -47.893 -0.165  1.00 60.44 ? 112 GLU B OE2 1 
ATOM   917  N  N   . GLY B 1 16  ? 34.664  -42.333 -2.015  1.00 42.45 ? 113 GLY B N   1 
ATOM   918  C  CA  . GLY B 1 16  ? 35.795  -42.041 -2.878  1.00 41.94 ? 113 GLY B CA  1 
ATOM   919  C  C   . GLY B 1 16  ? 36.577  -40.768 -2.631  1.00 41.98 ? 113 GLY B C   1 
ATOM   920  O  O   . GLY B 1 16  ? 37.755  -40.709 -2.967  1.00 43.32 ? 113 GLY B O   1 
ATOM   921  N  N   . LYS B 1 17  ? 35.959  -39.750 -2.042  1.00 42.27 ? 114 LYS B N   1 
ATOM   922  C  CA  . LYS B 1 17  ? 36.675  -38.497 -1.816  1.00 41.13 ? 114 LYS B CA  1 
ATOM   923  C  C   . LYS B 1 17  ? 37.320  -38.398 -0.444  1.00 41.34 ? 114 LYS B C   1 
ATOM   924  O  O   . LYS B 1 17  ? 37.995  -37.423 -0.133  1.00 41.75 ? 114 LYS B O   1 
ATOM   925  C  CB  . LYS B 1 17  ? 35.730  -37.331 -2.047  1.00 40.21 ? 114 LYS B CB  1 
ATOM   926  C  CG  . LYS B 1 17  ? 34.968  -37.471 -3.339  1.00 40.75 ? 114 LYS B CG  1 
ATOM   927  C  CD  . LYS B 1 17  ? 35.919  -37.642 -4.517  1.00 43.88 ? 114 LYS B CD  1 
ATOM   928  C  CE  . LYS B 1 17  ? 35.158  -37.777 -5.827  1.00 44.01 ? 114 LYS B CE  1 
ATOM   929  N  NZ  . LYS B 1 17  ? 36.076  -37.947 -6.984  1.00 44.02 ? 114 LYS B NZ  1 
ATOM   930  N  N   . GLU B 1 18  ? 37.091  -39.412 0.377   1.00 41.99 ? 115 GLU B N   1 
ATOM   931  C  CA  . GLU B 1 18  ? 37.673  -39.490 1.710   1.00 44.08 ? 115 GLU B CA  1 
ATOM   932  C  C   . GLU B 1 18  ? 37.722  -38.202 2.532   1.00 43.70 ? 115 GLU B C   1 
ATOM   933  O  O   . GLU B 1 18  ? 38.794  -37.791 2.975   1.00 44.78 ? 115 GLU B O   1 
ATOM   934  C  CB  . GLU B 1 18  ? 39.086  -40.050 1.608   1.00 47.02 ? 115 GLU B CB  1 
ATOM   935  C  CG  . GLU B 1 18  ? 39.235  -41.138 0.570   1.00 53.14 ? 115 GLU B CG  1 
ATOM   936  C  CD  . GLU B 1 18  ? 40.570  -41.816 0.663   1.00 55.79 ? 115 GLU B CD  1 
ATOM   937  O  OE1 . GLU B 1 18  ? 40.740  -42.647 1.585   1.00 58.25 ? 115 GLU B OE1 1 
ATOM   938  O  OE2 . GLU B 1 18  ? 41.450  -41.507 -0.173  1.00 57.23 ? 115 GLU B OE2 1 
ATOM   939  N  N   . ARG B 1 19  ? 36.565  -37.582 2.748   1.00 43.78 ? 116 ARG B N   1 
ATOM   940  C  CA  . ARG B 1 19  ? 36.453  -36.360 3.549   1.00 42.52 ? 116 ARG B CA  1 
ATOM   941  C  C   . ARG B 1 19  ? 37.318  -35.207 3.056   1.00 41.71 ? 116 ARG B C   1 
ATOM   942  O  O   . ARG B 1 19  ? 37.708  -34.335 3.834   1.00 40.20 ? 116 ARG B O   1 
ATOM   943  C  CB  . ARG B 1 19  ? 36.809  -36.652 5.008   1.00 43.07 ? 116 ARG B CB  1 
ATOM   944  C  CG  . ARG B 1 19  ? 36.034  -37.801 5.616   1.00 47.97 ? 116 ARG B CG  1 
ATOM   945  C  CD  . ARG B 1 19  ? 36.401  -38.028 7.076   1.00 50.95 ? 116 ARG B CD  1 
ATOM   946  N  NE  . ARG B 1 19  ? 36.291  -36.801 7.865   1.00 56.64 ? 116 ARG B NE  1 
ATOM   947  C  CZ  . ARG B 1 19  ? 36.340  -36.755 9.197   1.00 59.12 ? 116 ARG B CZ  1 
ATOM   948  N  NH1 . ARG B 1 19  ? 36.493  -37.874 9.898   1.00 60.92 ? 116 ARG B NH1 1 
ATOM   949  N  NH2 . ARG B 1 19  ? 36.241  -35.592 9.831   1.00 57.37 ? 116 ARG B NH2 1 
ATOM   950  N  N   . ASN B 1 20  ? 37.625  -35.195 1.766   1.00 40.05 ? 117 ASN B N   1 
ATOM   951  C  CA  . ASN B 1 20  ? 38.428  -34.115 1.225   1.00 37.37 ? 117 ASN B CA  1 
ATOM   952  C  C   . ASN B 1 20  ? 37.475  -33.051 0.675   1.00 35.10 ? 117 ASN B C   1 
ATOM   953  O  O   . ASN B 1 20  ? 36.866  -33.227 -0.378  1.00 33.03 ? 117 ASN B O   1 
ATOM   954  C  CB  . ASN B 1 20  ? 39.360  -34.653 0.140   1.00 37.93 ? 117 ASN B CB  1 
ATOM   955  C  CG  . ASN B 1 20  ? 40.270  -33.586 -0.413  1.00 39.47 ? 117 ASN B CG  1 
ATOM   956  O  OD1 . ASN B 1 20  ? 41.423  -33.854 -0.727  1.00 42.98 ? 117 ASN B OD1 1 
ATOM   957  N  ND2 . ASN B 1 20  ? 39.750  -32.363 -0.558  1.00 40.26 ? 117 ASN B ND2 1 
ATOM   958  N  N   . ILE B 1 21  ? 37.352  -31.947 1.404   1.00 32.95 ? 118 ILE B N   1 
ATOM   959  C  CA  . ILE B 1 21  ? 36.455  -30.883 1.013   1.00 32.32 ? 118 ILE B CA  1 
ATOM   960  C  C   . ILE B 1 21  ? 36.656  -30.396 -0.420  1.00 33.60 ? 118 ILE B C   1 
ATOM   961  O  O   . ILE B 1 21  ? 35.681  -30.170 -1.145  1.00 33.70 ? 118 ILE B O   1 
ATOM   962  C  CB  . ILE B 1 21  ? 36.528  -29.689 2.014   1.00 31.69 ? 118 ILE B CB  1 
ATOM   963  C  CG1 . ILE B 1 21  ? 35.396  -28.692 1.723   1.00 31.72 ? 118 ILE B CG1 1 
ATOM   964  C  CG2 . ILE B 1 21  ? 37.866  -28.975 1.917   1.00 32.80 ? 118 ILE B CG2 1 
ATOM   965  C  CD1 . ILE B 1 21  ? 34.007  -29.281 1.897   1.00 29.31 ? 118 ILE B CD1 1 
ATOM   966  N  N   . ARG B 1 22  ? 37.905  -30.246 -0.853  1.00 34.68 ? 119 ARG B N   1 
ATOM   967  C  CA  . ARG B 1 22  ? 38.152  -29.782 -2.225  1.00 35.25 ? 119 ARG B CA  1 
ATOM   968  C  C   . ARG B 1 22  ? 37.749  -30.826 -3.263  1.00 33.23 ? 119 ARG B C   1 
ATOM   969  O  O   . ARG B 1 22  ? 37.226  -30.484 -4.320  1.00 34.46 ? 119 ARG B O   1 
ATOM   970  C  CB  . ARG B 1 22  ? 39.629  -29.422 -2.427  1.00 35.01 ? 119 ARG B CB  1 
ATOM   971  C  CG  . ARG B 1 22  ? 40.113  -28.261 -1.578  1.00 36.43 ? 119 ARG B CG  1 
ATOM   972  C  CD  . ARG B 1 22  ? 41.466  -27.775 -2.070  1.00 36.04 ? 119 ARG B CD  1 
ATOM   973  N  NE  . ARG B 1 22  ? 41.978  -26.618 -1.325  1.00 33.28 ? 119 ARG B NE  1 
ATOM   974  C  CZ  . ARG B 1 22  ? 42.546  -26.688 -0.122  1.00 34.63 ? 119 ARG B CZ  1 
ATOM   975  N  NH1 . ARG B 1 22  ? 42.681  -27.855 0.502   1.00 32.80 ? 119 ARG B NH1 1 
ATOM   976  N  NH2 . ARG B 1 22  ? 43.006  -25.588 0.448   1.00 36.54 ? 119 ARG B NH2 1 
ATOM   977  N  N   . ALA B 1 23  ? 37.996  -32.095 -2.950  1.00 30.57 ? 120 ALA B N   1 
ATOM   978  C  CA  . ALA B 1 23  ? 37.681  -33.196 -3.851  1.00 31.01 ? 120 ALA B CA  1 
ATOM   979  C  C   . ALA B 1 23  ? 36.168  -33.330 -4.039  1.00 32.75 ? 120 ALA B C   1 
ATOM   980  O  O   . ALA B 1 23  ? 35.682  -33.542 -5.157  1.00 33.87 ? 120 ALA B O   1 
ATOM   981  C  CB  . ALA B 1 23  ? 38.264  -34.493 -3.297  1.00 30.10 ? 120 ALA B CB  1 
ATOM   982  N  N   . LEU B 1 24  ? 35.432  -33.223 -2.934  1.00 31.77 ? 121 LEU B N   1 
ATOM   983  C  CA  . LEU B 1 24  ? 33.983  -33.308 -2.973  1.00 30.77 ? 121 LEU B CA  1 
ATOM   984  C  C   . LEU B 1 24  ? 33.440  -32.142 -3.781  1.00 30.84 ? 121 LEU B C   1 
ATOM   985  O  O   . LEU B 1 24  ? 32.687  -32.331 -4.733  1.00 31.91 ? 121 LEU B O   1 
ATOM   986  C  CB  . LEU B 1 24  ? 33.385  -33.241 -1.564  1.00 31.79 ? 121 LEU B CB  1 
ATOM   987  C  CG  . LEU B 1 24  ? 33.307  -34.442 -0.608  1.00 33.11 ? 121 LEU B CG  1 
ATOM   988  C  CD1 . LEU B 1 24  ? 32.669  -35.625 -1.313  1.00 31.20 ? 121 LEU B CD1 1 
ATOM   989  C  CD2 . LEU B 1 24  ? 34.670  -34.814 -0.103  1.00 36.79 ? 121 LEU B CD2 1 
ATOM   990  N  N   . LEU B 1 25  ? 33.825  -30.930 -3.404  1.00 29.35 ? 122 LEU B N   1 
ATOM   991  C  CA  . LEU B 1 25  ? 33.337  -29.745 -4.098  1.00 30.37 ? 122 LEU B CA  1 
ATOM   992  C  C   . LEU B 1 25  ? 33.603  -29.724 -5.593  1.00 31.45 ? 122 LEU B C   1 
ATOM   993  O  O   . LEU B 1 25  ? 32.713  -29.409 -6.375  1.00 32.40 ? 122 LEU B O   1 
ATOM   994  C  CB  . LEU B 1 25  ? 33.915  -28.479 -3.455  1.00 29.67 ? 122 LEU B CB  1 
ATOM   995  C  CG  . LEU B 1 25  ? 33.389  -28.158 -2.047  1.00 29.86 ? 122 LEU B CG  1 
ATOM   996  C  CD1 . LEU B 1 25  ? 34.164  -26.984 -1.445  1.00 26.89 ? 122 LEU B CD1 1 
ATOM   997  C  CD2 . LEU B 1 25  ? 31.901  -27.827 -2.123  1.00 28.31 ? 122 LEU B CD2 1 
ATOM   998  N  N   . SER B 1 26  ? 34.824  -30.052 -6.002  1.00 34.04 ? 123 SER B N   1 
ATOM   999  C  CA  . SER B 1 26  ? 35.157  -30.038 -7.428  1.00 35.86 ? 123 SER B CA  1 
ATOM   1000 C  C   . SER B 1 26  ? 34.432  -31.118 -8.211  1.00 36.37 ? 123 SER B C   1 
ATOM   1001 O  O   . SER B 1 26  ? 34.441  -31.093 -9.430  1.00 37.78 ? 123 SER B O   1 
ATOM   1002 C  CB  . SER B 1 26  ? 36.662  -30.202 -7.626  1.00 35.52 ? 123 SER B CB  1 
ATOM   1003 O  OG  . SER B 1 26  ? 37.079  -31.488 -7.192  1.00 39.41 ? 123 SER B OG  1 
ATOM   1004 N  N   . THR B 1 27  ? 33.804  -32.069 -7.524  1.00 38.33 ? 124 THR B N   1 
ATOM   1005 C  CA  . THR B 1 27  ? 33.085  -33.127 -8.230  1.00 38.29 ? 124 THR B CA  1 
ATOM   1006 C  C   . THR B 1 27  ? 31.622  -33.227 -7.840  1.00 39.93 ? 124 THR B C   1 
ATOM   1007 O  O   . THR B 1 27  ? 30.966  -34.211 -8.159  1.00 42.14 ? 124 THR B O   1 
ATOM   1008 C  CB  . THR B 1 27  ? 33.719  -34.508 -7.990  1.00 38.29 ? 124 THR B CB  1 
ATOM   1009 O  OG1 . THR B 1 27  ? 33.645  -34.831 -6.597  1.00 37.67 ? 124 THR B OG1 1 
ATOM   1010 C  CG2 . THR B 1 27  ? 35.174  -34.517 -8.443  1.00 36.61 ? 124 THR B CG2 1 
HETATM 1011 N  N   . MSE B 1 28  ? 31.103  -32.213 -7.158  1.00 40.12 ? 125 MSE B N   1 
HETATM 1012 C  CA  . MSE B 1 28  ? 29.717  -32.269 -6.727  1.00 41.34 ? 125 MSE B CA  1 
HETATM 1013 C  C   . MSE B 1 28  ? 28.703  -32.291 -7.856  1.00 41.84 ? 125 MSE B C   1 
HETATM 1014 O  O   . MSE B 1 28  ? 27.625  -32.879 -7.711  1.00 40.87 ? 125 MSE B O   1 
HETATM 1015 C  CB  . MSE B 1 28  ? 29.383  -31.108 -5.801  1.00 42.48 ? 125 MSE B CB  1 
HETATM 1016 C  CG  . MSE B 1 28  ? 28.001  -31.235 -5.179  1.00 47.33 ? 125 MSE B CG  1 
HETATM 1017 SE SE  . MSE B 1 28  ? 27.705  -29.985 -3.725  1.00 50.76 ? 125 MSE B SE  1 
HETATM 1018 C  CE  . MSE B 1 28  ? 28.769  -30.957 -2.478  1.00 55.45 ? 125 MSE B CE  1 
ATOM   1019 N  N   . HIS B 1 29  ? 29.027  -31.647 -8.972  1.00 41.47 ? 126 HIS B N   1 
ATOM   1020 C  CA  . HIS B 1 29  ? 28.112  -31.596 -10.113 1.00 42.31 ? 126 HIS B CA  1 
ATOM   1021 C  C   . HIS B 1 29  ? 27.823  -33.001 -10.625 1.00 42.64 ? 126 HIS B C   1 
ATOM   1022 O  O   . HIS B 1 29  ? 26.918  -33.214 -11.418 1.00 44.30 ? 126 HIS B O   1 
ATOM   1023 C  CB  . HIS B 1 29  ? 28.714  -30.739 -11.236 1.00 44.19 ? 126 HIS B CB  1 
ATOM   1024 C  CG  . HIS B 1 29  ? 30.049  -31.221 -11.711 1.00 45.99 ? 126 HIS B CG  1 
ATOM   1025 N  ND1 . HIS B 1 29  ? 31.202  -31.078 -10.969 1.00 46.54 ? 126 HIS B ND1 1 
ATOM   1026 C  CD2 . HIS B 1 29  ? 30.402  -31.904 -12.826 1.00 46.01 ? 126 HIS B CD2 1 
ATOM   1027 C  CE1 . HIS B 1 29  ? 32.207  -31.653 -11.604 1.00 46.66 ? 126 HIS B CE1 1 
ATOM   1028 N  NE2 . HIS B 1 29  ? 31.748  -32.164 -12.734 1.00 47.44 ? 126 HIS B NE2 1 
ATOM   1029 N  N   . THR B 1 30  ? 28.596  -33.953 -10.120 1.00 41.90 ? 127 THR B N   1 
ATOM   1030 C  CA  . THR B 1 30  ? 28.503  -35.354 -10.485 1.00 40.05 ? 127 THR B CA  1 
ATOM   1031 C  C   . THR B 1 30  ? 27.449  -36.130 -9.699  1.00 40.69 ? 127 THR B C   1 
ATOM   1032 O  O   . THR B 1 30  ? 27.018  -37.216 -10.113 1.00 42.03 ? 127 THR B O   1 
ATOM   1033 C  CB  . THR B 1 30  ? 29.866  -36.011 -10.255 1.00 40.33 ? 127 THR B CB  1 
ATOM   1034 O  OG1 . THR B 1 30  ? 30.778  -35.509 -11.237 1.00 42.14 ? 127 THR B OG1 1 
ATOM   1035 C  CG2 . THR B 1 30  ? 29.779  -37.521 -10.328 1.00 41.53 ? 127 THR B CG2 1 
ATOM   1036 N  N   . VAL B 1 31  ? 27.037  -35.586 -8.559  1.00 37.92 ? 128 VAL B N   1 
ATOM   1037 C  CA  . VAL B 1 31  ? 26.073  -36.280 -7.727  1.00 36.30 ? 128 VAL B CA  1 
ATOM   1038 C  C   . VAL B 1 31  ? 24.780  -35.543 -7.463  1.00 36.01 ? 128 VAL B C   1 
ATOM   1039 O  O   . VAL B 1 31  ? 23.899  -36.067 -6.783  1.00 35.05 ? 128 VAL B O   1 
ATOM   1040 C  CB  . VAL B 1 31  ? 26.701  -36.684 -6.374  1.00 37.04 ? 128 VAL B CB  1 
ATOM   1041 C  CG1 . VAL B 1 31  ? 27.724  -37.781 -6.611  1.00 36.49 ? 128 VAL B CG1 1 
ATOM   1042 C  CG2 . VAL B 1 31  ? 27.356  -35.477 -5.691  1.00 33.11 ? 128 VAL B CG2 1 
ATOM   1043 N  N   . LEU B 1 32  ? 24.654  -34.334 -7.995  1.00 36.86 ? 129 LEU B N   1 
ATOM   1044 C  CA  . LEU B 1 32  ? 23.431  -33.581 -7.801  1.00 36.95 ? 129 LEU B CA  1 
ATOM   1045 C  C   . LEU B 1 32  ? 22.279  -34.255 -8.542  1.00 39.24 ? 129 LEU B C   1 
ATOM   1046 O  O   . LEU B 1 32  ? 22.478  -35.002 -9.509  1.00 38.79 ? 129 LEU B O   1 
ATOM   1047 C  CB  . LEU B 1 32  ? 23.599  -32.146 -8.293  1.00 36.45 ? 129 LEU B CB  1 
ATOM   1048 C  CG  . LEU B 1 32  ? 24.493  -31.252 -7.431  1.00 38.16 ? 129 LEU B CG  1 
ATOM   1049 C  CD1 . LEU B 1 32  ? 24.572  -29.870 -8.057  1.00 37.25 ? 129 LEU B CD1 1 
ATOM   1050 C  CD2 . LEU B 1 32  ? 23.929  -31.163 -6.016  1.00 36.16 ? 129 LEU B CD2 1 
ATOM   1051 N  N   . TRP B 1 33  ? 21.071  -33.983 -8.065  1.00 39.62 ? 130 TRP B N   1 
ATOM   1052 C  CA  . TRP B 1 33  ? 19.854  -34.537 -8.635  1.00 41.20 ? 130 TRP B CA  1 
ATOM   1053 C  C   . TRP B 1 33  ? 19.463  -33.845 -9.939  1.00 42.87 ? 130 TRP B C   1 
ATOM   1054 O  O   . TRP B 1 33  ? 19.803  -32.686 -10.186 1.00 42.83 ? 130 TRP B O   1 
ATOM   1055 C  CB  . TRP B 1 33  ? 18.710  -34.407 -7.621  1.00 40.77 ? 130 TRP B CB  1 
ATOM   1056 C  CG  . TRP B 1 33  ? 18.515  -32.995 -7.153  1.00 41.24 ? 130 TRP B CG  1 
ATOM   1057 C  CD1 . TRP B 1 33  ? 17.752  -32.029 -7.749  1.00 41.22 ? 130 TRP B CD1 1 
ATOM   1058 C  CD2 . TRP B 1 33  ? 19.180  -32.355 -6.057  1.00 41.58 ? 130 TRP B CD2 1 
ATOM   1059 N  NE1 . TRP B 1 33  ? 17.904  -30.830 -7.100  1.00 40.77 ? 130 TRP B NE1 1 
ATOM   1060 C  CE2 . TRP B 1 33  ? 18.778  -31.000 -6.059  1.00 41.38 ? 130 TRP B CE2 1 
ATOM   1061 C  CE3 . TRP B 1 33  ? 20.077  -32.794 -5.076  1.00 41.50 ? 130 TRP B CE3 1 
ATOM   1062 C  CZ2 . TRP B 1 33  ? 19.252  -30.080 -5.119  1.00 41.51 ? 130 TRP B CZ2 1 
ATOM   1063 C  CZ3 . TRP B 1 33  ? 20.546  -31.876 -4.142  1.00 42.72 ? 130 TRP B CZ3 1 
ATOM   1064 C  CH2 . TRP B 1 33  ? 20.132  -30.536 -4.172  1.00 41.54 ? 130 TRP B CH2 1 
ATOM   1065 N  N   . ALA B 1 34  ? 18.742  -34.579 -10.771 1.00 45.24 ? 131 ALA B N   1 
ATOM   1066 C  CA  . ALA B 1 34  ? 18.274  -34.065 -12.044 1.00 46.34 ? 131 ALA B CA  1 
ATOM   1067 C  C   . ALA B 1 34  ? 17.394  -32.861 -11.756 1.00 46.29 ? 131 ALA B C   1 
ATOM   1068 O  O   . ALA B 1 34  ? 16.568  -32.896 -10.843 1.00 46.62 ? 131 ALA B O   1 
ATOM   1069 C  CB  . ALA B 1 34  ? 17.466  -35.136 -12.760 1.00 47.35 ? 131 ALA B CB  1 
ATOM   1070 N  N   . GLY B 1 35  ? 17.564  -31.794 -12.525 1.00 46.68 ? 132 GLY B N   1 
ATOM   1071 C  CA  . GLY B 1 35  ? 16.740  -30.618 -12.304 1.00 45.82 ? 132 GLY B CA  1 
ATOM   1072 C  C   . GLY B 1 35  ? 17.461  -29.471 -11.630 1.00 45.71 ? 132 GLY B C   1 
ATOM   1073 O  O   . GLY B 1 35  ? 17.023  -28.321 -11.702 1.00 44.90 ? 132 GLY B O   1 
ATOM   1074 N  N   . GLU B 1 36  ? 18.567  -29.786 -10.970 1.00 45.45 ? 133 GLU B N   1 
ATOM   1075 C  CA  . GLU B 1 36  ? 19.353  -28.781 -10.288 1.00 46.01 ? 133 GLU B CA  1 
ATOM   1076 C  C   . GLU B 1 36  ? 20.035  -27.922 -11.350 1.00 47.32 ? 133 GLU B C   1 
ATOM   1077 O  O   . GLU B 1 36  ? 20.685  -28.445 -12.258 1.00 47.51 ? 133 GLU B O   1 
ATOM   1078 C  CB  . GLU B 1 36  ? 20.386  -29.470 -9.400  1.00 45.05 ? 133 GLU B CB  1 
ATOM   1079 C  CG  . GLU B 1 36  ? 20.936  -28.591 -8.318  1.00 42.28 ? 133 GLU B CG  1 
ATOM   1080 C  CD  . GLU B 1 36  ? 21.760  -27.469 -8.877  1.00 43.83 ? 133 GLU B CD  1 
ATOM   1081 O  OE1 . GLU B 1 36  ? 21.569  -26.319 -8.427  1.00 44.23 ? 133 GLU B OE1 1 
ATOM   1082 O  OE2 . GLU B 1 36  ? 22.601  -27.733 -9.769  1.00 44.34 ? 133 GLU B OE2 1 
ATOM   1083 N  N   . THR B 1 37  ? 19.890  -26.604 -11.241 1.00 48.85 ? 134 THR B N   1 
ATOM   1084 C  CA  . THR B 1 37  ? 20.488  -25.704 -12.226 1.00 51.04 ? 134 THR B CA  1 
ATOM   1085 C  C   . THR B 1 37  ? 21.237  -24.509 -11.640 1.00 51.98 ? 134 THR B C   1 
ATOM   1086 O  O   . THR B 1 37  ? 21.831  -23.713 -12.381 1.00 52.26 ? 134 THR B O   1 
ATOM   1087 C  CB  . THR B 1 37  ? 19.414  -25.156 -13.184 1.00 51.50 ? 134 THR B CB  1 
ATOM   1088 O  OG1 . THR B 1 37  ? 18.266  -24.745 -12.429 1.00 49.97 ? 134 THR B OG1 1 
ATOM   1089 C  CG2 . THR B 1 37  ? 19.009  -26.218 -14.193 1.00 52.42 ? 134 THR B CG2 1 
ATOM   1090 N  N   . LYS B 1 38  ? 21.219  -24.379 -10.320 1.00 51.68 ? 135 LYS B N   1 
ATOM   1091 C  CA  . LYS B 1 38  ? 21.894  -23.253 -9.698  1.00 52.56 ? 135 LYS B CA  1 
ATOM   1092 C  C   . LYS B 1 38  ? 23.356  -23.501 -9.366  1.00 50.98 ? 135 LYS B C   1 
ATOM   1093 O  O   . LYS B 1 38  ? 24.064  -22.575 -8.993  1.00 53.71 ? 135 LYS B O   1 
ATOM   1094 C  CB  . LYS B 1 38  ? 21.117  -22.787 -8.452  1.00 54.88 ? 135 LYS B CB  1 
ATOM   1095 C  CG  . LYS B 1 38  ? 19.832  -22.002 -8.799  1.00 58.36 ? 135 LYS B CG  1 
ATOM   1096 C  CD  . LYS B 1 38  ? 19.150  -21.347 -7.583  1.00 62.86 ? 135 LYS B CD  1 
ATOM   1097 C  CE  . LYS B 1 38  ? 18.587  -22.378 -6.586  1.00 64.37 ? 135 LYS B CE  1 
ATOM   1098 N  NZ  . LYS B 1 38  ? 17.867  -21.761 -5.424  1.00 64.04 ? 135 LYS B NZ  1 
ATOM   1099 N  N   . TRP B 1 39  ? 23.816  -24.736 -9.533  1.00 48.69 ? 136 TRP B N   1 
ATOM   1100 C  CA  . TRP B 1 39  ? 25.204  -25.058 -9.236  1.00 46.92 ? 136 TRP B CA  1 
ATOM   1101 C  C   . TRP B 1 39  ? 26.097  -25.153 -10.472 1.00 48.15 ? 136 TRP B C   1 
ATOM   1102 O  O   . TRP B 1 39  ? 25.772  -25.852 -11.435 1.00 47.42 ? 136 TRP B O   1 
ATOM   1103 C  CB  . TRP B 1 39  ? 25.294  -26.367 -8.441  1.00 42.43 ? 136 TRP B CB  1 
ATOM   1104 C  CG  . TRP B 1 39  ? 26.707  -26.792 -8.189  1.00 39.96 ? 136 TRP B CG  1 
ATOM   1105 C  CD1 . TRP B 1 39  ? 27.443  -27.679 -8.927  1.00 39.27 ? 136 TRP B CD1 1 
ATOM   1106 C  CD2 . TRP B 1 39  ? 27.582  -26.303 -7.166  1.00 38.16 ? 136 TRP B CD2 1 
ATOM   1107 N  NE1 . TRP B 1 39  ? 28.720  -27.770 -8.428  1.00 36.02 ? 136 TRP B NE1 1 
ATOM   1108 C  CE2 . TRP B 1 39  ? 28.830  -26.937 -7.344  1.00 37.04 ? 136 TRP B CE2 1 
ATOM   1109 C  CE3 . TRP B 1 39  ? 27.432  -25.393 -6.112  1.00 38.15 ? 136 TRP B CE3 1 
ATOM   1110 C  CZ2 . TRP B 1 39  ? 29.922  -26.685 -6.511  1.00 38.18 ? 136 TRP B CZ2 1 
ATOM   1111 C  CZ3 . TRP B 1 39  ? 28.520  -25.143 -5.284  1.00 36.84 ? 136 TRP B CZ3 1 
ATOM   1112 C  CH2 . TRP B 1 39  ? 29.745  -25.788 -5.486  1.00 36.53 ? 136 TRP B CH2 1 
ATOM   1113 N  N   . LYS B 1 40  ? 27.231  -24.452 -10.421 1.00 49.74 ? 137 LYS B N   1 
ATOM   1114 C  CA  . LYS B 1 40  ? 28.210  -24.422 -11.509 1.00 50.45 ? 137 LYS B CA  1 
ATOM   1115 C  C   . LYS B 1 40  ? 29.490  -25.168 -11.146 1.00 49.39 ? 137 LYS B C   1 
ATOM   1116 O  O   . LYS B 1 40  ? 30.163  -24.822 -10.177 1.00 49.68 ? 137 LYS B O   1 
ATOM   1117 C  CB  . LYS B 1 40  ? 28.575  -22.969 -11.857 1.00 53.22 ? 137 LYS B CB  1 
ATOM   1118 C  CG  . LYS B 1 40  ? 27.553  -22.249 -12.731 1.00 59.33 ? 137 LYS B CG  1 
ATOM   1119 C  CD  . LYS B 1 40  ? 26.207  -22.072 -12.033 1.00 61.63 ? 137 LYS B CD  1 
ATOM   1120 C  CE  . LYS B 1 40  ? 25.117  -21.617 -13.009 1.00 64.18 ? 137 LYS B CE  1 
ATOM   1121 N  NZ  . LYS B 1 40  ? 24.683  -22.686 -13.976 1.00 65.24 ? 137 LYS B NZ  1 
ATOM   1122 N  N   . PRO B 1 41  ? 29.853  -26.189 -11.935 1.00 47.24 ? 138 PRO B N   1 
ATOM   1123 C  CA  . PRO B 1 41  ? 31.062  -26.982 -11.697 1.00 45.87 ? 138 PRO B CA  1 
ATOM   1124 C  C   . PRO B 1 41  ? 32.270  -26.126 -11.304 1.00 44.43 ? 138 PRO B C   1 
ATOM   1125 O  O   . PRO B 1 41  ? 32.485  -25.051 -11.860 1.00 43.64 ? 138 PRO B O   1 
ATOM   1126 C  CB  . PRO B 1 41  ? 31.279  -27.685 -13.038 1.00 46.83 ? 138 PRO B CB  1 
ATOM   1127 C  CG  . PRO B 1 41  ? 29.889  -27.895 -13.527 1.00 48.15 ? 138 PRO B CG  1 
ATOM   1128 C  CD  . PRO B 1 41  ? 29.199  -26.584 -13.195 1.00 46.79 ? 138 PRO B CD  1 
ATOM   1129 N  N   . VAL B 1 42  ? 33.059  -26.602 -10.348 1.00 42.44 ? 139 VAL B N   1 
ATOM   1130 C  CA  . VAL B 1 42  ? 34.244  -25.866 -9.913  1.00 42.45 ? 139 VAL B CA  1 
ATOM   1131 C  C   . VAL B 1 42  ? 35.473  -26.785 -9.991  1.00 42.35 ? 139 VAL B C   1 
ATOM   1132 O  O   . VAL B 1 42  ? 35.396  -27.975 -9.673  1.00 42.50 ? 139 VAL B O   1 
ATOM   1133 C  CB  . VAL B 1 42  ? 34.072  -25.351 -8.466  1.00 42.74 ? 139 VAL B CB  1 
ATOM   1134 C  CG1 . VAL B 1 42  ? 35.286  -24.545 -8.050  1.00 45.67 ? 139 VAL B CG1 1 
ATOM   1135 C  CG2 . VAL B 1 42  ? 32.828  -24.504 -8.361  1.00 43.46 ? 139 VAL B CG2 1 
ATOM   1136 N  N   . GLY B 1 43  ? 36.600  -26.236 -10.428 1.00 40.30 ? 140 GLY B N   1 
ATOM   1137 C  CA  . GLY B 1 43  ? 37.799  -27.042 -10.528 1.00 40.47 ? 140 GLY B CA  1 
ATOM   1138 C  C   . GLY B 1 43  ? 38.756  -26.673 -9.419  1.00 40.97 ? 140 GLY B C   1 
ATOM   1139 O  O   . GLY B 1 43  ? 38.589  -25.634 -8.802  1.00 39.10 ? 140 GLY B O   1 
HETATM 1140 N  N   . MSE B 1 44  ? 39.748  -27.517 -9.159  1.00 44.86 ? 141 MSE B N   1 
HETATM 1141 C  CA  . MSE B 1 44  ? 40.723  -27.250 -8.114  1.00 49.14 ? 141 MSE B CA  1 
HETATM 1142 C  C   . MSE B 1 44  ? 41.324  -25.851 -8.223  1.00 50.33 ? 141 MSE B C   1 
HETATM 1143 O  O   . MSE B 1 44  ? 41.606  -25.208 -7.210  1.00 49.17 ? 141 MSE B O   1 
HETATM 1144 C  CB  . MSE B 1 44  ? 41.833  -28.288 -8.175  1.00 52.26 ? 141 MSE B CB  1 
HETATM 1145 C  CG  . MSE B 1 44  ? 41.351  -29.691 -7.880  1.00 59.46 ? 141 MSE B CG  1 
HETATM 1146 SE SE  . MSE B 1 44  ? 40.539  -29.843 -6.120  1.00 67.84 ? 141 MSE B SE  1 
HETATM 1147 C  CE  . MSE B 1 44  ? 41.876  -30.918 -5.206  1.00 63.35 ? 141 MSE B CE  1 
ATOM   1148 N  N   . ALA B 1 45  ? 41.506  -25.382 -9.454  1.00 51.72 ? 142 ALA B N   1 
ATOM   1149 C  CA  . ALA B 1 45  ? 42.078  -24.062 -9.702  1.00 53.39 ? 142 ALA B CA  1 
ATOM   1150 C  C   . ALA B 1 45  ? 41.386  -22.958 -8.912  1.00 53.92 ? 142 ALA B C   1 
ATOM   1151 O  O   . ALA B 1 45  ? 42.023  -21.985 -8.510  1.00 55.63 ? 142 ALA B O   1 
ATOM   1152 C  CB  . ALA B 1 45  ? 42.020  -23.743 -11.186 1.00 54.02 ? 142 ALA B CB  1 
ATOM   1153 N  N   . ASP B 1 46  ? 40.082  -23.096 -8.698  1.00 53.47 ? 143 ASP B N   1 
ATOM   1154 C  CA  . ASP B 1 46  ? 39.337  -22.090 -7.953  1.00 53.35 ? 143 ASP B CA  1 
ATOM   1155 C  C   . ASP B 1 46  ? 39.132  -22.522 -6.498  1.00 51.88 ? 143 ASP B C   1 
ATOM   1156 O  O   . ASP B 1 46  ? 38.234  -22.022 -5.813  1.00 52.30 ? 143 ASP B O   1 
ATOM   1157 C  CB  . ASP B 1 46  ? 37.985  -21.850 -8.625  1.00 57.34 ? 143 ASP B CB  1 
ATOM   1158 C  CG  . ASP B 1 46  ? 38.124  -21.414 -10.080 1.00 61.67 ? 143 ASP B CG  1 
ATOM   1159 O  OD1 . ASP B 1 46  ? 38.698  -20.330 -10.327 1.00 63.66 ? 143 ASP B OD1 1 
ATOM   1160 O  OD2 . ASP B 1 46  ? 37.664  -22.152 -10.982 1.00 63.46 ? 143 ASP B OD2 1 
ATOM   1161 N  N   . LEU B 1 47  ? 39.982  -23.432 -6.029  1.00 47.18 ? 144 LEU B N   1 
ATOM   1162 C  CA  . LEU B 1 47  ? 39.882  -23.942 -4.670  1.00 45.46 ? 144 LEU B CA  1 
ATOM   1163 C  C   . LEU B 1 47  ? 41.216  -24.043 -3.947  1.00 46.13 ? 144 LEU B C   1 
ATOM   1164 O  O   . LEU B 1 47  ? 41.398  -24.930 -3.113  1.00 46.06 ? 144 LEU B O   1 
ATOM   1165 C  CB  . LEU B 1 47  ? 39.239  -25.329 -4.676  1.00 43.18 ? 144 LEU B CB  1 
ATOM   1166 C  CG  . LEU B 1 47  ? 37.762  -25.454 -5.034  1.00 43.28 ? 144 LEU B CG  1 
ATOM   1167 C  CD1 . LEU B 1 47  ? 37.368  -26.920 -5.062  1.00 41.23 ? 144 LEU B CD1 1 
ATOM   1168 C  CD2 . LEU B 1 47  ? 36.927  -24.692 -4.027  1.00 42.08 ? 144 LEU B CD2 1 
ATOM   1169 N  N   . VAL B 1 48  ? 42.146  -23.142 -4.237  1.00 46.67 ? 145 VAL B N   1 
ATOM   1170 C  CA  . VAL B 1 48  ? 43.446  -23.220 -3.588  1.00 48.24 ? 145 VAL B CA  1 
ATOM   1171 C  C   . VAL B 1 48  ? 43.540  -22.491 -2.249  1.00 47.15 ? 145 VAL B C   1 
ATOM   1172 O  O   . VAL B 1 48  ? 44.076  -23.031 -1.279  1.00 45.60 ? 145 VAL B O   1 
ATOM   1173 C  CB  . VAL B 1 48  ? 44.577  -22.737 -4.557  1.00 51.24 ? 145 VAL B CB  1 
ATOM   1174 C  CG1 . VAL B 1 48  ? 44.273  -21.343 -5.074  1.00 51.85 ? 145 VAL B CG1 1 
ATOM   1175 C  CG2 . VAL B 1 48  ? 45.928  -22.775 -3.846  1.00 49.75 ? 145 VAL B CG2 1 
ATOM   1176 N  N   . THR B 1 49  ? 43.004  -21.281 -2.179  1.00 46.73 ? 146 THR B N   1 
ATOM   1177 C  CA  . THR B 1 49  ? 43.074  -20.531 -0.931  1.00 47.82 ? 146 THR B CA  1 
ATOM   1178 C  C   . THR B 1 49  ? 41.926  -20.841 0.020   1.00 47.82 ? 146 THR B C   1 
ATOM   1179 O  O   . THR B 1 49  ? 40.811  -21.149 -0.406  1.00 48.49 ? 146 THR B O   1 
ATOM   1180 C  CB  . THR B 1 49  ? 43.046  -19.042 -1.180  1.00 48.30 ? 146 THR B CB  1 
ATOM   1181 O  OG1 . THR B 1 49  ? 41.712  -18.652 -1.530  1.00 49.87 ? 146 THR B OG1 1 
ATOM   1182 C  CG2 . THR B 1 49  ? 43.995  -18.687 -2.311  1.00 49.28 ? 146 THR B CG2 1 
ATOM   1183 N  N   . PRO B 1 50  ? 42.188  -20.754 1.331   1.00 46.81 ? 147 PRO B N   1 
ATOM   1184 C  CA  . PRO B 1 50  ? 41.163  -21.024 2.342   1.00 45.86 ? 147 PRO B CA  1 
ATOM   1185 C  C   . PRO B 1 50  ? 39.911  -20.194 2.085   1.00 44.14 ? 147 PRO B C   1 
ATOM   1186 O  O   . PRO B 1 50  ? 38.804  -20.626 2.385   1.00 42.41 ? 147 PRO B O   1 
ATOM   1187 C  CB  . PRO B 1 50  ? 41.857  -20.635 3.644   1.00 46.60 ? 147 PRO B CB  1 
ATOM   1188 C  CG  . PRO B 1 50  ? 43.296  -20.976 3.356   1.00 46.31 ? 147 PRO B CG  1 
ATOM   1189 C  CD  . PRO B 1 50  ? 43.474  -20.420 1.966   1.00 45.78 ? 147 PRO B CD  1 
ATOM   1190 N  N   . GLU B 1 51  ? 40.098  -19.007 1.520   1.00 44.02 ? 148 GLU B N   1 
ATOM   1191 C  CA  . GLU B 1 51  ? 38.983  -18.122 1.228   1.00 45.26 ? 148 GLU B CA  1 
ATOM   1192 C  C   . GLU B 1 51  ? 38.111  -18.721 0.144   1.00 43.69 ? 148 GLU B C   1 
ATOM   1193 O  O   . GLU B 1 51  ? 36.883  -18.683 0.220   1.00 43.22 ? 148 GLU B O   1 
ATOM   1194 C  CB  . GLU B 1 51  ? 39.477  -16.746 0.769   1.00 48.32 ? 148 GLU B CB  1 
ATOM   1195 C  CG  . GLU B 1 51  ? 40.209  -15.930 1.833   1.00 54.93 ? 148 GLU B CG  1 
ATOM   1196 C  CD  . GLU B 1 51  ? 41.722  -16.165 1.853   1.00 58.17 ? 148 GLU B CD  1 
ATOM   1197 O  OE1 . GLU B 1 51  ? 42.183  -17.186 2.418   1.00 58.93 ? 148 GLU B OE1 1 
ATOM   1198 O  OE2 . GLU B 1 51  ? 42.448  -15.320 1.284   1.00 60.88 ? 148 GLU B OE2 1 
ATOM   1199 N  N   . GLN B 1 52  ? 38.750  -19.285 -0.871  1.00 41.34 ? 149 GLN B N   1 
ATOM   1200 C  CA  . GLN B 1 52  ? 38.007  -19.877 -1.971  1.00 39.79 ? 149 GLN B CA  1 
ATOM   1201 C  C   . GLN B 1 52  ? 37.194  -21.093 -1.542  1.00 37.30 ? 149 GLN B C   1 
ATOM   1202 O  O   . GLN B 1 52  ? 36.033  -21.222 -1.925  1.00 37.41 ? 149 GLN B O   1 
ATOM   1203 C  CB  . GLN B 1 52  ? 38.964  -20.251 -3.094  1.00 40.02 ? 149 GLN B CB  1 
ATOM   1204 C  CG  . GLN B 1 52  ? 39.756  -19.080 -3.599  1.00 40.27 ? 149 GLN B CG  1 
ATOM   1205 C  CD  . GLN B 1 52  ? 40.659  -19.477 -4.733  1.00 42.37 ? 149 GLN B CD  1 
ATOM   1206 O  OE1 . GLN B 1 52  ? 40.345  -19.236 -5.901  1.00 42.67 ? 149 GLN B OE1 1 
ATOM   1207 N  NE2 . GLN B 1 52  ? 41.782  -20.114 -4.402  1.00 40.88 ? 149 GLN B NE2 1 
ATOM   1208 N  N   . VAL B 1 53  ? 37.803  -21.978 -0.753  1.00 35.17 ? 150 VAL B N   1 
ATOM   1209 C  CA  . VAL B 1 53  ? 37.115  -23.171 -0.260  1.00 34.57 ? 150 VAL B CA  1 
ATOM   1210 C  C   . VAL B 1 53  ? 35.885  -22.730 0.562   1.00 36.86 ? 150 VAL B C   1 
ATOM   1211 O  O   . VAL B 1 53  ? 34.761  -23.175 0.317   1.00 34.39 ? 150 VAL B O   1 
ATOM   1212 C  CB  . VAL B 1 53  ? 38.062  -24.033 0.617   1.00 34.11 ? 150 VAL B CB  1 
ATOM   1213 C  CG1 . VAL B 1 53  ? 37.317  -25.238 1.185   1.00 29.91 ? 150 VAL B CG1 1 
ATOM   1214 C  CG2 . VAL B 1 53  ? 39.251  -24.495 -0.211  1.00 28.91 ? 150 VAL B CG2 1 
ATOM   1215 N  N   . LYS B 1 54  ? 36.114  -21.823 1.507   1.00 37.64 ? 151 LYS B N   1 
ATOM   1216 C  CA  . LYS B 1 54  ? 35.058  -21.285 2.350   1.00 39.45 ? 151 LYS B CA  1 
ATOM   1217 C  C   . LYS B 1 54  ? 33.946  -20.714 1.485   1.00 39.98 ? 151 LYS B C   1 
ATOM   1218 O  O   . LYS B 1 54  ? 32.765  -20.911 1.766   1.00 38.12 ? 151 LYS B O   1 
ATOM   1219 C  CB  . LYS B 1 54  ? 35.617  -20.172 3.233   1.00 42.92 ? 151 LYS B CB  1 
ATOM   1220 C  CG  . LYS B 1 54  ? 34.652  -19.604 4.257   1.00 46.07 ? 151 LYS B CG  1 
ATOM   1221 C  CD  . LYS B 1 54  ? 35.301  -18.429 4.985   1.00 51.74 ? 151 LYS B CD  1 
ATOM   1222 C  CE  . LYS B 1 54  ? 34.524  -18.009 6.234   1.00 54.61 ? 151 LYS B CE  1 
ATOM   1223 N  NZ  . LYS B 1 54  ? 34.529  -19.077 7.291   1.00 57.42 ? 151 LYS B NZ  1 
ATOM   1224 N  N   . LYS B 1 55  ? 34.323  -20.010 0.423   1.00 39.94 ? 152 LYS B N   1 
ATOM   1225 C  CA  . LYS B 1 55  ? 33.334  -19.401 -0.458  1.00 39.53 ? 152 LYS B CA  1 
ATOM   1226 C  C   . LYS B 1 55  ? 32.538  -20.420 -1.274  1.00 37.50 ? 152 LYS B C   1 
ATOM   1227 O  O   . LYS B 1 55  ? 31.318  -20.343 -1.337  1.00 38.25 ? 152 LYS B O   1 
ATOM   1228 C  CB  . LYS B 1 55  ? 34.019  -18.386 -1.382  1.00 40.92 ? 152 LYS B CB  1 
ATOM   1229 C  CG  . LYS B 1 55  ? 33.054  -17.445 -2.077  1.00 45.82 ? 152 LYS B CG  1 
ATOM   1230 C  CD  . LYS B 1 55  ? 33.795  -16.257 -2.672  1.00 48.76 ? 152 LYS B CD  1 
ATOM   1231 C  CE  . LYS B 1 55  ? 32.863  -15.287 -3.395  1.00 49.73 ? 152 LYS B CE  1 
ATOM   1232 N  NZ  . LYS B 1 55  ? 33.595  -14.031 -3.765  1.00 51.46 ? 152 LYS B NZ  1 
ATOM   1233 N  N   . VAL B 1 56  ? 33.227  -21.378 -1.885  1.00 34.63 ? 153 VAL B N   1 
ATOM   1234 C  CA  . VAL B 1 56  ? 32.572  -22.414 -2.692  1.00 33.42 ? 153 VAL B CA  1 
ATOM   1235 C  C   . VAL B 1 56  ? 31.764  -23.330 -1.752  1.00 33.48 ? 153 VAL B C   1 
ATOM   1236 O  O   . VAL B 1 56  ? 30.678  -23.804 -2.097  1.00 33.49 ? 153 VAL B O   1 
ATOM   1237 C  CB  . VAL B 1 56  ? 33.639  -23.237 -3.503  1.00 32.36 ? 153 VAL B CB  1 
ATOM   1238 C  CG1 . VAL B 1 56  ? 32.991  -24.343 -4.324  1.00 30.24 ? 153 VAL B CG1 1 
ATOM   1239 C  CG2 . VAL B 1 56  ? 34.415  -22.290 -4.415  1.00 30.23 ? 153 VAL B CG2 1 
ATOM   1240 N  N   . TYR B 1 57  ? 32.299  -23.570 -0.560  1.00 33.39 ? 154 TYR B N   1 
ATOM   1241 C  CA  . TYR B 1 57  ? 31.610  -24.388 0.415   1.00 33.43 ? 154 TYR B CA  1 
ATOM   1242 C  C   . TYR B 1 57  ? 30.264  -23.749 0.750   1.00 34.32 ? 154 TYR B C   1 
ATOM   1243 O  O   . TYR B 1 57  ? 29.260  -24.444 0.849   1.00 34.03 ? 154 TYR B O   1 
ATOM   1244 C  CB  . TYR B 1 57  ? 32.453  -24.516 1.680   1.00 32.84 ? 154 TYR B CB  1 
ATOM   1245 C  CG  . TYR B 1 57  ? 31.691  -25.058 2.872   1.00 32.94 ? 154 TYR B CG  1 
ATOM   1246 C  CD1 . TYR B 1 57  ? 31.019  -26.269 2.798   1.00 33.37 ? 154 TYR B CD1 1 
ATOM   1247 C  CD2 . TYR B 1 57  ? 31.659  -24.363 4.073   1.00 34.29 ? 154 TYR B CD2 1 
ATOM   1248 C  CE1 . TYR B 1 57  ? 30.331  -26.788 3.890   1.00 34.83 ? 154 TYR B CE1 1 
ATOM   1249 C  CE2 . TYR B 1 57  ? 30.978  -24.863 5.185   1.00 35.28 ? 154 TYR B CE2 1 
ATOM   1250 C  CZ  . TYR B 1 57  ? 30.316  -26.080 5.084   1.00 36.87 ? 154 TYR B CZ  1 
ATOM   1251 O  OH  . TYR B 1 57  ? 29.678  -26.605 6.178   1.00 36.66 ? 154 TYR B OH  1 
ATOM   1252 N  N   . ARG B 1 58  ? 30.247  -22.430 0.930   1.00 35.52 ? 155 ARG B N   1 
ATOM   1253 C  CA  . ARG B 1 58  ? 29.007  -21.710 1.241   1.00 39.23 ? 155 ARG B CA  1 
ATOM   1254 C  C   . ARG B 1 58  ? 27.991  -21.868 0.115   1.00 39.64 ? 155 ARG B C   1 
ATOM   1255 O  O   . ARG B 1 58  ? 26.811  -22.152 0.353   1.00 36.52 ? 155 ARG B O   1 
ATOM   1256 C  CB  . ARG B 1 58  ? 29.271  -20.218 1.427   1.00 41.77 ? 155 ARG B CB  1 
ATOM   1257 C  CG  . ARG B 1 58  ? 29.306  -19.746 2.862   1.00 49.38 ? 155 ARG B CG  1 
ATOM   1258 C  CD  . ARG B 1 58  ? 30.572  -20.183 3.592   1.00 52.05 ? 155 ARG B CD  1 
ATOM   1259 N  NE  . ARG B 1 58  ? 30.729  -19.480 4.866   1.00 57.78 ? 155 ARG B NE  1 
ATOM   1260 C  CZ  . ARG B 1 58  ? 30.874  -18.160 4.994   1.00 57.52 ? 155 ARG B CZ  1 
ATOM   1261 N  NH1 . ARG B 1 58  ? 30.886  -17.382 3.916   1.00 58.98 ? 155 ARG B NH1 1 
ATOM   1262 N  NH2 . ARG B 1 58  ? 31.006  -17.617 6.204   1.00 56.80 ? 155 ARG B NH2 1 
ATOM   1263 N  N   . LYS B 1 59  ? 28.459  -21.655 -1.112  1.00 40.18 ? 156 LYS B N   1 
ATOM   1264 C  CA  . LYS B 1 59  ? 27.603  -21.784 -2.284  1.00 41.43 ? 156 LYS B CA  1 
ATOM   1265 C  C   . LYS B 1 59  ? 26.999  -23.176 -2.353  1.00 39.78 ? 156 LYS B C   1 
ATOM   1266 O  O   . LYS B 1 59  ? 25.834  -23.333 -2.691  1.00 39.83 ? 156 LYS B O   1 
ATOM   1267 C  CB  . LYS B 1 59  ? 28.398  -21.494 -3.565  1.00 43.76 ? 156 LYS B CB  1 
ATOM   1268 C  CG  . LYS B 1 59  ? 28.625  -20.011 -3.817  1.00 49.09 ? 156 LYS B CG  1 
ATOM   1269 C  CD  . LYS B 1 59  ? 29.487  -19.740 -5.055  1.00 52.18 ? 156 LYS B CD  1 
ATOM   1270 C  CE  . LYS B 1 59  ? 29.499  -18.243 -5.421  1.00 54.54 ? 156 LYS B CE  1 
ATOM   1271 N  NZ  . LYS B 1 59  ? 30.040  -17.362 -4.329  1.00 55.87 ? 156 LYS B NZ  1 
ATOM   1272 N  N   . ALA B 1 60  ? 27.781  -24.191 -2.016  1.00 38.02 ? 157 ALA B N   1 
ATOM   1273 C  CA  . ALA B 1 60  ? 27.253  -25.540 -2.077  1.00 37.24 ? 157 ALA B CA  1 
ATOM   1274 C  C   . ALA B 1 60  ? 26.157  -25.739 -1.028  1.00 38.39 ? 157 ALA B C   1 
ATOM   1275 O  O   . ALA B 1 60  ? 25.125  -26.344 -1.322  1.00 40.36 ? 157 ALA B O   1 
ATOM   1276 C  CB  . ALA B 1 60  ? 28.365  -26.556 -1.902  1.00 35.43 ? 157 ALA B CB  1 
ATOM   1277 N  N   . VAL B 1 61  ? 26.364  -25.224 0.182   1.00 37.84 ? 158 VAL B N   1 
ATOM   1278 C  CA  . VAL B 1 61  ? 25.365  -25.353 1.237   1.00 37.91 ? 158 VAL B CA  1 
ATOM   1279 C  C   . VAL B 1 61  ? 24.053  -24.699 0.821   1.00 38.26 ? 158 VAL B C   1 
ATOM   1280 O  O   . VAL B 1 61  ? 22.988  -25.232 1.082   1.00 39.36 ? 158 VAL B O   1 
ATOM   1281 C  CB  . VAL B 1 61  ? 25.841  -24.693 2.559   1.00 38.97 ? 158 VAL B CB  1 
ATOM   1282 C  CG1 . VAL B 1 61  ? 24.717  -24.729 3.594   1.00 36.76 ? 158 VAL B CG1 1 
ATOM   1283 C  CG2 . VAL B 1 61  ? 27.062  -25.415 3.102   1.00 36.58 ? 158 VAL B CG2 1 
ATOM   1284 N  N   . LEU B 1 62  ? 24.135  -23.543 0.174   1.00 39.74 ? 159 LEU B N   1 
ATOM   1285 C  CA  . LEU B 1 62  ? 22.934  -22.846 -0.255  1.00 41.73 ? 159 LEU B CA  1 
ATOM   1286 C  C   . LEU B 1 62  ? 22.187  -23.657 -1.308  1.00 43.88 ? 159 LEU B C   1 
ATOM   1287 O  O   . LEU B 1 62  ? 21.047  -23.347 -1.675  1.00 46.36 ? 159 LEU B O   1 
ATOM   1288 C  CB  . LEU B 1 62  ? 23.274  -21.455 -0.808  1.00 39.20 ? 159 LEU B CB  1 
ATOM   1289 C  CG  . LEU B 1 62  ? 23.776  -20.437 0.226   1.00 39.39 ? 159 LEU B CG  1 
ATOM   1290 C  CD1 . LEU B 1 62  ? 23.916  -19.078 -0.429  1.00 37.24 ? 159 LEU B CD1 1 
ATOM   1291 C  CD2 . LEU B 1 62  ? 22.823  -20.362 1.400   1.00 36.14 ? 159 LEU B CD2 1 
ATOM   1292 N  N   . VAL B 1 63  ? 22.829  -24.711 -1.782  1.00 43.34 ? 160 VAL B N   1 
ATOM   1293 C  CA  . VAL B 1 63  ? 22.224  -25.562 -2.786  1.00 42.68 ? 160 VAL B CA  1 
ATOM   1294 C  C   . VAL B 1 63  ? 21.621  -26.837 -2.205  1.00 42.50 ? 160 VAL B C   1 
ATOM   1295 O  O   . VAL B 1 63  ? 20.575  -27.289 -2.665  1.00 43.36 ? 160 VAL B O   1 
ATOM   1296 C  CB  . VAL B 1 63  ? 23.260  -25.966 -3.846  1.00 42.56 ? 160 VAL B CB  1 
ATOM   1297 C  CG1 . VAL B 1 63  ? 22.648  -26.960 -4.819  1.00 40.38 ? 160 VAL B CG1 1 
ATOM   1298 C  CG2 . VAL B 1 63  ? 23.755  -24.733 -4.568  1.00 41.33 ? 160 VAL B CG2 1 
ATOM   1299 N  N   . VAL B 1 64  ? 22.271  -27.396 -1.190  1.00 40.68 ? 161 VAL B N   1 
ATOM   1300 C  CA  . VAL B 1 64  ? 21.819  -28.647 -0.598  1.00 40.54 ? 161 VAL B CA  1 
ATOM   1301 C  C   . VAL B 1 64  ? 21.252  -28.534 0.823   1.00 43.14 ? 161 VAL B C   1 
ATOM   1302 O  O   . VAL B 1 64  ? 21.010  -29.548 1.490   1.00 42.87 ? 161 VAL B O   1 
ATOM   1303 C  CB  . VAL B 1 64  ? 22.976  -29.707 -0.618  1.00 40.08 ? 161 VAL B CB  1 
ATOM   1304 C  CG1 . VAL B 1 64  ? 23.589  -29.779 -2.024  1.00 38.26 ? 161 VAL B CG1 1 
ATOM   1305 C  CG2 . VAL B 1 64  ? 24.056  -29.349 0.397   1.00 35.46 ? 161 VAL B CG2 1 
ATOM   1306 N  N   . HIS B 1 65  ? 21.022  -27.315 1.294   1.00 44.27 ? 162 HIS B N   1 
ATOM   1307 C  CA  . HIS B 1 65  ? 20.483  -27.161 2.635   1.00 48.34 ? 162 HIS B CA  1 
ATOM   1308 C  C   . HIS B 1 65  ? 19.106  -27.813 2.735   1.00 51.16 ? 162 HIS B C   1 
ATOM   1309 O  O   . HIS B 1 65  ? 18.244  -27.597 1.886   1.00 51.91 ? 162 HIS B O   1 
ATOM   1310 C  CB  . HIS B 1 65  ? 20.371  -25.690 3.013   1.00 47.39 ? 162 HIS B CB  1 
ATOM   1311 C  CG  . HIS B 1 65  ? 20.212  -25.476 4.479   1.00 50.13 ? 162 HIS B CG  1 
ATOM   1312 N  ND1 . HIS B 1 65  ? 21.279  -25.213 5.310   1.00 51.70 ? 162 HIS B ND1 1 
ATOM   1313 C  CD2 . HIS B 1 65  ? 19.127  -25.581 5.281   1.00 50.03 ? 162 HIS B CD2 1 
ATOM   1314 C  CE1 . HIS B 1 65  ? 20.860  -25.169 6.562   1.00 50.82 ? 162 HIS B CE1 1 
ATOM   1315 N  NE2 . HIS B 1 65  ? 19.558  -25.390 6.572   1.00 51.39 ? 162 HIS B NE2 1 
ATOM   1316 N  N   . PRO B 1 66  ? 18.880  -28.623 3.784   1.00 55.16 ? 163 PRO B N   1 
ATOM   1317 C  CA  . PRO B 1 66  ? 17.607  -29.323 4.017   1.00 56.91 ? 163 PRO B CA  1 
ATOM   1318 C  C   . PRO B 1 66  ? 16.376  -28.419 4.012   1.00 56.10 ? 163 PRO B C   1 
ATOM   1319 O  O   . PRO B 1 66  ? 15.385  -28.721 3.352   1.00 56.62 ? 163 PRO B O   1 
ATOM   1320 C  CB  . PRO B 1 66  ? 17.829  -29.987 5.379   1.00 57.71 ? 163 PRO B CB  1 
ATOM   1321 C  CG  . PRO B 1 66  ? 19.277  -30.330 5.326   1.00 57.21 ? 163 PRO B CG  1 
ATOM   1322 C  CD  . PRO B 1 66  ? 19.872  -29.031 4.795   1.00 57.14 ? 163 PRO B CD  1 
ATOM   1323 N  N   . ASP B 1 67  ? 16.448  -27.319 4.753   1.00 54.89 ? 164 ASP B N   1 
ATOM   1324 C  CA  . ASP B 1 67  ? 15.343  -26.373 4.826   1.00 55.24 ? 164 ASP B CA  1 
ATOM   1325 C  C   . ASP B 1 67  ? 14.806  -26.015 3.450   1.00 55.69 ? 164 ASP B C   1 
ATOM   1326 O  O   . ASP B 1 67  ? 13.600  -25.889 3.260   1.00 56.89 ? 164 ASP B O   1 
ATOM   1327 C  CB  . ASP B 1 67  ? 15.788  -25.084 5.515   1.00 55.02 ? 164 ASP B CB  1 
ATOM   1328 C  CG  . ASP B 1 67  ? 16.059  -25.269 6.992   1.00 54.05 ? 164 ASP B CG  1 
ATOM   1329 O  OD1 . ASP B 1 67  ? 16.229  -26.425 7.435   1.00 54.50 ? 164 ASP B OD1 1 
ATOM   1330 O  OD2 . ASP B 1 67  ? 16.115  -24.247 7.707   1.00 54.47 ? 164 ASP B OD2 1 
ATOM   1331 N  N   . LYS B 1 68  ? 15.705  -25.850 2.489   1.00 55.61 ? 165 LYS B N   1 
ATOM   1332 C  CA  . LYS B 1 68  ? 15.301  -25.480 1.142   1.00 55.92 ? 165 LYS B CA  1 
ATOM   1333 C  C   . LYS B 1 68  ? 14.865  -26.683 0.316   1.00 57.01 ? 165 LYS B C   1 
ATOM   1334 O  O   . LYS B 1 68  ? 14.456  -26.545 -0.839  1.00 56.45 ? 165 LYS B O   1 
ATOM   1335 C  CB  . LYS B 1 68  ? 16.450  -24.735 0.448   1.00 53.24 ? 165 LYS B CB  1 
ATOM   1336 C  CG  . LYS B 1 68  ? 16.943  -23.527 1.239   1.00 51.07 ? 165 LYS B CG  1 
ATOM   1337 C  CD  . LYS B 1 68  ? 18.153  -22.846 0.610   1.00 50.45 ? 165 LYS B CD  1 
ATOM   1338 C  CE  . LYS B 1 68  ? 17.793  -22.086 -0.657  1.00 51.25 ? 165 LYS B CE  1 
ATOM   1339 N  NZ  . LYS B 1 68  ? 18.961  -21.344 -1.219  1.00 51.44 ? 165 LYS B NZ  1 
ATOM   1340 N  N   . ALA B 1 69  ? 14.931  -27.862 0.919   1.00 58.38 ? 166 ALA B N   1 
ATOM   1341 C  CA  . ALA B 1 69  ? 14.566  -29.090 0.227   1.00 61.40 ? 166 ALA B CA  1 
ATOM   1342 C  C   . ALA B 1 69  ? 13.367  -29.795 0.844   1.00 63.34 ? 166 ALA B C   1 
ATOM   1343 O  O   . ALA B 1 69  ? 12.917  -30.825 0.336   1.00 63.79 ? 166 ALA B O   1 
ATOM   1344 C  CB  . ALA B 1 69  ? 15.750  -30.029 0.211   1.00 61.62 ? 166 ALA B CB  1 
ATOM   1345 N  N   . THR B 1 70  ? 12.858  -29.250 1.943   1.00 64.96 ? 167 THR B N   1 
ATOM   1346 C  CA  . THR B 1 70  ? 11.711  -29.842 2.615   1.00 65.59 ? 167 THR B CA  1 
ATOM   1347 C  C   . THR B 1 70  ? 10.586  -30.125 1.623   1.00 66.20 ? 167 THR B C   1 
ATOM   1348 O  O   . THR B 1 70  ? 10.190  -29.260 0.833   1.00 65.13 ? 167 THR B O   1 
ATOM   1349 C  CB  . THR B 1 70  ? 11.180  -28.915 3.725   1.00 66.15 ? 167 THR B CB  1 
ATOM   1350 O  OG1 . THR B 1 70  ? 10.908  -27.616 3.179   1.00 64.87 ? 167 THR B OG1 1 
ATOM   1351 C  CG2 . THR B 1 70  ? 12.203  -28.792 4.846   1.00 66.55 ? 167 THR B CG2 1 
ATOM   1352 N  N   . GLY B 1 71  ? 10.096  -31.360 1.656   1.00 66.27 ? 168 GLY B N   1 
ATOM   1353 C  CA  . GLY B 1 71  ? 9.011   -31.759 0.779   1.00 66.06 ? 168 GLY B CA  1 
ATOM   1354 C  C   . GLY B 1 71  ? 9.413   -32.021 -0.655  1.00 66.41 ? 168 GLY B C   1 
ATOM   1355 O  O   . GLY B 1 71  ? 8.573   -32.365 -1.490  1.00 67.05 ? 168 GLY B O   1 
ATOM   1356 N  N   . GLN B 1 72  ? 10.695  -31.862 -0.953  1.00 65.27 ? 169 GLN B N   1 
ATOM   1357 C  CA  . GLN B 1 72  ? 11.173  -32.095 -2.303  1.00 63.74 ? 169 GLN B CA  1 
ATOM   1358 C  C   . GLN B 1 72  ? 11.520  -33.555 -2.521  1.00 62.18 ? 169 GLN B C   1 
ATOM   1359 O  O   . GLN B 1 72  ? 11.763  -34.292 -1.572  1.00 61.84 ? 169 GLN B O   1 
ATOM   1360 C  CB  . GLN B 1 72  ? 12.389  -31.223 -2.581  1.00 65.48 ? 169 GLN B CB  1 
ATOM   1361 C  CG  . GLN B 1 72  ? 12.045  -29.769 -2.588  1.00 67.79 ? 169 GLN B CG  1 
ATOM   1362 C  CD  . GLN B 1 72  ? 10.915  -29.487 -3.551  1.00 70.09 ? 169 GLN B CD  1 
ATOM   1363 O  OE1 . GLN B 1 72  ? 11.043  -29.716 -4.759  1.00 69.33 ? 169 GLN B OE1 1 
ATOM   1364 N  NE2 . GLN B 1 72  ? 9.793   -29.005 -3.023  1.00 71.87 ? 169 GLN B NE2 1 
ATOM   1365 N  N   . PRO B 1 73  ? 11.526  -33.992 -3.787  1.00 61.58 ? 170 PRO B N   1 
ATOM   1366 C  CA  . PRO B 1 73  ? 11.842  -35.374 -4.165  1.00 60.54 ? 170 PRO B CA  1 
ATOM   1367 C  C   . PRO B 1 73  ? 13.309  -35.703 -3.896  1.00 59.75 ? 170 PRO B C   1 
ATOM   1368 O  O   . PRO B 1 73  ? 13.674  -36.858 -3.678  1.00 58.89 ? 170 PRO B O   1 
ATOM   1369 C  CB  . PRO B 1 73  ? 11.523  -35.408 -5.661  1.00 60.06 ? 170 PRO B CB  1 
ATOM   1370 C  CG  . PRO B 1 73  ? 10.454  -34.364 -5.808  1.00 60.77 ? 170 PRO B CG  1 
ATOM   1371 C  CD  . PRO B 1 73  ? 10.973  -33.251 -4.935  1.00 61.44 ? 170 PRO B CD  1 
ATOM   1372 N  N   . TYR B 1 74  ? 14.146  -34.673 -3.916  1.00 57.52 ? 171 TYR B N   1 
ATOM   1373 C  CA  . TYR B 1 74  ? 15.574  -34.841 -3.688  1.00 56.05 ? 171 TYR B CA  1 
ATOM   1374 C  C   . TYR B 1 74  ? 15.952  -34.501 -2.244  1.00 54.54 ? 171 TYR B C   1 
ATOM   1375 O  O   . TYR B 1 74  ? 17.132  -34.420 -1.901  1.00 52.91 ? 171 TYR B O   1 
ATOM   1376 C  CB  . TYR B 1 74  ? 16.337  -33.944 -4.658  1.00 56.96 ? 171 TYR B CB  1 
ATOM   1377 C  CG  . TYR B 1 74  ? 15.951  -32.482 -4.561  1.00 57.71 ? 171 TYR B CG  1 
ATOM   1378 C  CD1 . TYR B 1 74  ? 16.363  -31.705 -3.482  1.00 56.76 ? 171 TYR B CD1 1 
ATOM   1379 C  CD2 . TYR B 1 74  ? 15.159  -31.879 -5.544  1.00 57.51 ? 171 TYR B CD2 1 
ATOM   1380 C  CE1 . TYR B 1 74  ? 16.001  -30.366 -3.379  1.00 57.13 ? 171 TYR B CE1 1 
ATOM   1381 C  CE2 . TYR B 1 74  ? 14.790  -30.537 -5.447  1.00 57.28 ? 171 TYR B CE2 1 
ATOM   1382 C  CZ  . TYR B 1 74  ? 15.220  -29.789 -4.358  1.00 57.45 ? 171 TYR B CZ  1 
ATOM   1383 O  OH  . TYR B 1 74  ? 14.889  -28.460 -4.246  1.00 58.62 ? 171 TYR B OH  1 
ATOM   1384 N  N   . GLU B 1 75  ? 14.944  -34.311 -1.400  1.00 52.30 ? 172 GLU B N   1 
ATOM   1385 C  CA  . GLU B 1 75  ? 15.174  -33.973 -0.007  1.00 52.40 ? 172 GLU B CA  1 
ATOM   1386 C  C   . GLU B 1 75  ? 16.252  -34.842 0.643   1.00 51.35 ? 172 GLU B C   1 
ATOM   1387 O  O   . GLU B 1 75  ? 17.187  -34.322 1.242   1.00 50.80 ? 172 GLU B O   1 
ATOM   1388 C  CB  . GLU B 1 75  ? 13.866  -34.084 0.773   1.00 53.62 ? 172 GLU B CB  1 
ATOM   1389 C  CG  . GLU B 1 75  ? 13.960  -33.634 2.222   1.00 59.08 ? 172 GLU B CG  1 
ATOM   1390 C  CD  . GLU B 1 75  ? 12.598  -33.507 2.878   1.00 63.21 ? 172 GLU B CD  1 
ATOM   1391 O  OE1 . GLU B 1 75  ? 12.547  -33.233 4.098   1.00 63.69 ? 172 GLU B OE1 1 
ATOM   1392 O  OE2 . GLU B 1 75  ? 11.576  -33.666 2.167   1.00 65.67 ? 172 GLU B OE2 1 
ATOM   1393 N  N   . GLN B 1 76  ? 16.119  -36.159 0.516   1.00 49.88 ? 173 GLN B N   1 
ATOM   1394 C  CA  . GLN B 1 76  ? 17.074  -37.100 1.094   1.00 48.89 ? 173 GLN B CA  1 
ATOM   1395 C  C   . GLN B 1 76  ? 18.465  -36.978 0.470   1.00 46.45 ? 173 GLN B C   1 
ATOM   1396 O  O   . GLN B 1 76  ? 19.475  -37.179 1.144   1.00 46.06 ? 173 GLN B O   1 
ATOM   1397 C  CB  . GLN B 1 76  ? 16.593  -38.543 0.909   1.00 52.31 ? 173 GLN B CB  1 
ATOM   1398 C  CG  . GLN B 1 76  ? 15.260  -38.908 1.555   1.00 58.09 ? 173 GLN B CG  1 
ATOM   1399 C  CD  . GLN B 1 76  ? 14.781  -40.300 1.127   1.00 62.02 ? 173 GLN B CD  1 
ATOM   1400 O  OE1 . GLN B 1 76  ? 15.446  -41.307 1.389   1.00 64.46 ? 173 GLN B OE1 1 
ATOM   1401 N  NE2 . GLN B 1 76  ? 13.630  -40.356 0.456   1.00 64.86 ? 173 GLN B NE2 1 
ATOM   1402 N  N   . TYR B 1 77  ? 18.514  -36.678 -0.823  1.00 43.56 ? 174 TYR B N   1 
ATOM   1403 C  CA  . TYR B 1 77  ? 19.787  -36.539 -1.530  1.00 42.32 ? 174 TYR B CA  1 
ATOM   1404 C  C   . TYR B 1 77  ? 20.527  -35.315 -1.003  1.00 40.41 ? 174 TYR B C   1 
ATOM   1405 O  O   . TYR B 1 77  ? 21.731  -35.364 -0.742  1.00 39.10 ? 174 TYR B O   1 
ATOM   1406 C  CB  . TYR B 1 77  ? 19.542  -36.397 -3.038  1.00 43.26 ? 174 TYR B CB  1 
ATOM   1407 C  CG  . TYR B 1 77  ? 18.778  -37.559 -3.626  1.00 46.58 ? 174 TYR B CG  1 
ATOM   1408 C  CD1 . TYR B 1 77  ? 17.951  -37.393 -4.738  1.00 47.33 ? 174 TYR B CD1 1 
ATOM   1409 C  CD2 . TYR B 1 77  ? 18.870  -38.831 -3.060  1.00 45.66 ? 174 TYR B CD2 1 
ATOM   1410 C  CE1 . TYR B 1 77  ? 17.229  -38.473 -5.265  1.00 48.51 ? 174 TYR B CE1 1 
ATOM   1411 C  CE2 . TYR B 1 77  ? 18.161  -39.902 -3.579  1.00 48.23 ? 174 TYR B CE2 1 
ATOM   1412 C  CZ  . TYR B 1 77  ? 17.340  -39.721 -4.679  1.00 48.91 ? 174 TYR B CZ  1 
ATOM   1413 O  OH  . TYR B 1 77  ? 16.634  -40.804 -5.166  1.00 52.60 ? 174 TYR B OH  1 
ATOM   1414 N  N   . ALA B 1 78  ? 19.795  -34.219 -0.840  1.00 37.98 ? 175 ALA B N   1 
ATOM   1415 C  CA  . ALA B 1 78  ? 20.388  -33.001 -0.330  1.00 37.12 ? 175 ALA B CA  1 
ATOM   1416 C  C   . ALA B 1 78  ? 20.896  -33.244 1.083   1.00 37.16 ? 175 ALA B C   1 
ATOM   1417 O  O   . ALA B 1 78  ? 21.969  -32.771 1.457   1.00 37.79 ? 175 ALA B O   1 
ATOM   1418 C  CB  . ALA B 1 78  ? 19.379  -31.882 -0.329  1.00 36.08 ? 175 ALA B CB  1 
ATOM   1419 N  N   . LYS B 1 79  ? 20.136  -33.988 1.870   1.00 35.55 ? 176 LYS B N   1 
ATOM   1420 C  CA  . LYS B 1 79  ? 20.563  -34.241 3.225   1.00 38.45 ? 176 LYS B CA  1 
ATOM   1421 C  C   . LYS B 1 79  ? 21.869  -35.018 3.246   1.00 37.25 ? 176 LYS B C   1 
ATOM   1422 O  O   . LYS B 1 79  ? 22.765  -34.701 4.019   1.00 36.71 ? 176 LYS B O   1 
ATOM   1423 C  CB  . LYS B 1 79  ? 19.483  -34.991 4.009   1.00 41.29 ? 176 LYS B CB  1 
ATOM   1424 C  CG  . LYS B 1 79  ? 19.845  -35.201 5.478   1.00 47.04 ? 176 LYS B CG  1 
ATOM   1425 C  CD  . LYS B 1 79  ? 18.643  -35.672 6.291   1.00 51.59 ? 176 LYS B CD  1 
ATOM   1426 C  CE  . LYS B 1 79  ? 19.001  -36.003 7.749   1.00 53.02 ? 176 LYS B CE  1 
ATOM   1427 N  NZ  . LYS B 1 79  ? 19.361  -34.813 8.580   1.00 55.66 ? 176 LYS B NZ  1 
HETATM 1428 N  N   . MSE B 1 80  ? 21.987  -36.029 2.398   1.00 37.11 ? 177 MSE B N   1 
HETATM 1429 C  CA  . MSE B 1 80  ? 23.212  -36.828 2.354   1.00 38.39 ? 177 MSE B CA  1 
HETATM 1430 C  C   . MSE B 1 80  ? 24.425  -36.004 1.952   1.00 37.02 ? 177 MSE B C   1 
HETATM 1431 O  O   . MSE B 1 80  ? 25.486  -36.123 2.553   1.00 38.67 ? 177 MSE B O   1 
HETATM 1432 C  CB  . MSE B 1 80  ? 23.061  -37.987 1.373   1.00 42.14 ? 177 MSE B CB  1 
HETATM 1433 C  CG  . MSE B 1 80  ? 22.228  -39.142 1.897   1.00 48.54 ? 177 MSE B CG  1 
HETATM 1434 SE SE  . MSE B 1 80  ? 21.870  -40.467 0.529   1.00 63.21 ? 177 MSE B SE  1 
HETATM 1435 C  CE  . MSE B 1 80  ? 23.682  -41.092 0.245   1.00 51.97 ? 177 MSE B CE  1 
ATOM   1436 N  N   . ILE B 1 81  ? 24.266  -35.175 0.931   1.00 33.51 ? 178 ILE B N   1 
ATOM   1437 C  CA  . ILE B 1 81  ? 25.362  -34.357 0.459   1.00 32.82 ? 178 ILE B CA  1 
ATOM   1438 C  C   . ILE B 1 81  ? 25.769  -33.301 1.482   1.00 33.22 ? 178 ILE B C   1 
ATOM   1439 O  O   . ILE B 1 81  ? 26.951  -33.023 1.667   1.00 33.39 ? 178 ILE B O   1 
ATOM   1440 C  CB  . ILE B 1 81  ? 24.974  -33.699 -0.873  1.00 32.10 ? 178 ILE B CB  1 
ATOM   1441 C  CG1 . ILE B 1 81  ? 24.737  -34.794 -1.914  1.00 30.45 ? 178 ILE B CG1 1 
ATOM   1442 C  CG2 . ILE B 1 81  ? 26.055  -32.739 -1.316  1.00 28.77 ? 178 ILE B CG2 1 
ATOM   1443 C  CD1 . ILE B 1 81  ? 24.138  -34.301 -3.215  1.00 30.29 ? 178 ILE B CD1 1 
ATOM   1444 N  N   . PHE B 1 82  ? 24.769  -32.725 2.137   1.00 34.59 ? 179 PHE B N   1 
ATOM   1445 C  CA  . PHE B 1 82  ? 24.939  -31.698 3.166   1.00 35.04 ? 179 PHE B CA  1 
ATOM   1446 C  C   . PHE B 1 82  ? 25.780  -32.230 4.326   1.00 36.93 ? 179 PHE B C   1 
ATOM   1447 O  O   . PHE B 1 82  ? 26.757  -31.603 4.739   1.00 36.67 ? 179 PHE B O   1 
ATOM   1448 C  CB  . PHE B 1 82  ? 23.555  -31.300 3.683   1.00 34.01 ? 179 PHE B CB  1 
ATOM   1449 C  CG  . PHE B 1 82  ? 23.562  -30.202 4.712   1.00 33.38 ? 179 PHE B CG  1 
ATOM   1450 C  CD1 . PHE B 1 82  ? 23.944  -28.905 4.367   1.00 31.30 ? 179 PHE B CD1 1 
ATOM   1451 C  CD2 . PHE B 1 82  ? 23.075  -30.441 6.004   1.00 32.09 ? 179 PHE B CD2 1 
ATOM   1452 C  CE1 . PHE B 1 82  ? 23.847  -27.849 5.294   1.00 30.17 ? 179 PHE B CE1 1 
ATOM   1453 C  CE2 . PHE B 1 82  ? 22.972  -29.392 6.946   1.00 32.82 ? 179 PHE B CE2 1 
ATOM   1454 C  CZ  . PHE B 1 82  ? 23.352  -28.090 6.581   1.00 30.55 ? 179 PHE B CZ  1 
HETATM 1455 N  N   . MSE B 1 83  ? 25.390  -33.392 4.837   1.00 38.51 ? 180 MSE B N   1 
HETATM 1456 C  CA  . MSE B 1 83  ? 26.075  -34.014 5.952   1.00 41.22 ? 180 MSE B CA  1 
HETATM 1457 C  C   . MSE B 1 83  ? 27.558  -34.138 5.661   1.00 38.20 ? 180 MSE B C   1 
HETATM 1458 O  O   . MSE B 1 83  ? 28.390  -33.656 6.426   1.00 37.49 ? 180 MSE B O   1 
HETATM 1459 C  CB  . MSE B 1 83  ? 25.503  -35.404 6.209   1.00 50.61 ? 180 MSE B CB  1 
HETATM 1460 C  CG  . MSE B 1 83  ? 25.209  -35.703 7.668   1.00 65.10 ? 180 MSE B CG  1 
HETATM 1461 SE SE  . MSE B 1 83  ? 23.415  -35.144 8.204   1.00 83.53 ? 180 MSE B SE  1 
HETATM 1462 C  CE  . MSE B 1 83  ? 22.484  -36.770 7.688   1.00 73.40 ? 180 MSE B CE  1 
ATOM   1463 N  N   . GLU B 1 84  ? 27.875  -34.789 4.545   1.00 35.22 ? 181 GLU B N   1 
ATOM   1464 C  CA  . GLU B 1 84  ? 29.257  -35.006 4.134   1.00 33.85 ? 181 GLU B CA  1 
ATOM   1465 C  C   . GLU B 1 84  ? 30.021  -33.681 3.961   1.00 32.21 ? 181 GLU B C   1 
ATOM   1466 O  O   . GLU B 1 84  ? 31.150  -33.570 4.429   1.00 32.19 ? 181 GLU B O   1 
ATOM   1467 C  CB  . GLU B 1 84  ? 29.278  -35.830 2.838   1.00 35.77 ? 181 GLU B CB  1 
ATOM   1468 C  CG  . GLU B 1 84  ? 30.661  -36.292 2.352   1.00 38.52 ? 181 GLU B CG  1 
ATOM   1469 C  CD  . GLU B 1 84  ? 31.399  -37.162 3.360   1.00 39.37 ? 181 GLU B CD  1 
ATOM   1470 O  OE1 . GLU B 1 84  ? 30.739  -37.960 4.062   1.00 38.67 ? 181 GLU B OE1 1 
ATOM   1471 O  OE2 . GLU B 1 84  ? 32.643  -37.060 3.433   1.00 39.74 ? 181 GLU B OE2 1 
ATOM   1472 N  N   . LEU B 1 85  ? 29.425  -32.679 3.311   1.00 27.58 ? 182 LEU B N   1 
ATOM   1473 C  CA  . LEU B 1 85  ? 30.133  -31.415 3.159   1.00 29.39 ? 182 LEU B CA  1 
ATOM   1474 C  C   . LEU B 1 85  ? 30.486  -30.831 4.525   1.00 30.11 ? 182 LEU B C   1 
ATOM   1475 O  O   . LEU B 1 85  ? 31.615  -30.400 4.747   1.00 30.14 ? 182 LEU B O   1 
ATOM   1476 C  CB  . LEU B 1 85  ? 29.307  -30.383 2.381   1.00 28.07 ? 182 LEU B CB  1 
ATOM   1477 C  CG  . LEU B 1 85  ? 29.105  -30.614 0.883   1.00 29.90 ? 182 LEU B CG  1 
ATOM   1478 C  CD1 . LEU B 1 85  ? 28.164  -29.563 0.319   1.00 25.14 ? 182 LEU B CD1 1 
ATOM   1479 C  CD2 . LEU B 1 85  ? 30.461  -30.575 0.170   1.00 29.99 ? 182 LEU B CD2 1 
ATOM   1480 N  N   . ASN B 1 86  ? 29.518  -30.803 5.437   1.00 31.64 ? 183 ASN B N   1 
ATOM   1481 C  CA  . ASN B 1 86  ? 29.763  -30.258 6.768   1.00 33.48 ? 183 ASN B CA  1 
ATOM   1482 C  C   . ASN B 1 86  ? 30.897  -31.031 7.429   1.00 34.03 ? 183 ASN B C   1 
ATOM   1483 O  O   . ASN B 1 86  ? 31.768  -30.440 8.056   1.00 34.68 ? 183 ASN B O   1 
ATOM   1484 C  CB  . ASN B 1 86  ? 28.500  -30.353 7.625   1.00 34.22 ? 183 ASN B CB  1 
ATOM   1485 C  CG  . ASN B 1 86  ? 27.367  -29.488 7.096   1.00 34.96 ? 183 ASN B CG  1 
ATOM   1486 O  OD1 . ASN B 1 86  ? 26.197  -29.857 7.198   1.00 38.45 ? 183 ASN B OD1 1 
ATOM   1487 N  ND2 . ASN B 1 86  ? 27.707  -28.333 6.538   1.00 33.47 ? 183 ASN B ND2 1 
ATOM   1488 N  N   . ASP B 1 87  ? 30.893  -32.351 7.284   1.00 33.74 ? 184 ASP B N   1 
ATOM   1489 C  CA  . ASP B 1 87  ? 31.959  -33.155 7.861   1.00 36.52 ? 184 ASP B CA  1 
ATOM   1490 C  C   . ASP B 1 87  ? 33.299  -32.789 7.220   1.00 35.92 ? 184 ASP B C   1 
ATOM   1491 O  O   . ASP B 1 87  ? 34.253  -32.464 7.920   1.00 36.91 ? 184 ASP B O   1 
ATOM   1492 C  CB  . ASP B 1 87  ? 31.691  -34.641 7.650   1.00 39.51 ? 184 ASP B CB  1 
ATOM   1493 C  CG  . ASP B 1 87  ? 32.810  -35.510 8.189   1.00 47.20 ? 184 ASP B CG  1 
ATOM   1494 O  OD1 . ASP B 1 87  ? 33.116  -36.557 7.565   1.00 51.63 ? 184 ASP B OD1 1 
ATOM   1495 O  OD2 . ASP B 1 87  ? 33.381  -35.155 9.245   1.00 49.15 ? 184 ASP B OD2 1 
ATOM   1496 N  N   . ALA B 1 88  ? 33.363  -32.849 5.894   1.00 34.91 ? 185 ALA B N   1 
ATOM   1497 C  CA  . ALA B 1 88  ? 34.580  -32.518 5.168   1.00 32.71 ? 185 ALA B CA  1 
ATOM   1498 C  C   . ALA B 1 88  ? 35.088  -31.155 5.594   1.00 33.22 ? 185 ALA B C   1 
ATOM   1499 O  O   . ALA B 1 88  ? 36.284  -30.976 5.833   1.00 32.14 ? 185 ALA B O   1 
ATOM   1500 C  CB  . ALA B 1 88  ? 34.319  -32.521 3.678   1.00 30.09 ? 185 ALA B CB  1 
ATOM   1501 N  N   . TRP B 1 89  ? 34.188  -30.186 5.707   1.00 34.05 ? 186 TRP B N   1 
ATOM   1502 C  CA  . TRP B 1 89  ? 34.632  -28.860 6.105   1.00 36.22 ? 186 TRP B CA  1 
ATOM   1503 C  C   . TRP B 1 89  ? 35.167  -28.820 7.523   1.00 38.28 ? 186 TRP B C   1 
ATOM   1504 O  O   . TRP B 1 89  ? 36.121  -28.095 7.787   1.00 39.72 ? 186 TRP B O   1 
ATOM   1505 C  CB  . TRP B 1 89  ? 33.521  -27.839 5.967   1.00 36.24 ? 186 TRP B CB  1 
ATOM   1506 C  CG  . TRP B 1 89  ? 33.868  -26.547 6.629   1.00 39.74 ? 186 TRP B CG  1 
ATOM   1507 C  CD1 . TRP B 1 89  ? 33.501  -26.145 7.882   1.00 39.34 ? 186 TRP B CD1 1 
ATOM   1508 C  CD2 . TRP B 1 89  ? 34.628  -25.470 6.067   1.00 39.90 ? 186 TRP B CD2 1 
ATOM   1509 N  NE1 . TRP B 1 89  ? 33.979  -24.881 8.134   1.00 41.02 ? 186 TRP B NE1 1 
ATOM   1510 C  CE2 . TRP B 1 89  ? 34.672  -24.441 7.039   1.00 41.01 ? 186 TRP B CE2 1 
ATOM   1511 C  CE3 . TRP B 1 89  ? 35.279  -25.275 4.842   1.00 38.42 ? 186 TRP B CE3 1 
ATOM   1512 C  CZ2 . TRP B 1 89  ? 35.330  -23.224 6.816   1.00 40.34 ? 186 TRP B CZ2 1 
ATOM   1513 C  CZ3 . TRP B 1 89  ? 35.937  -24.067 4.618   1.00 40.54 ? 186 TRP B CZ3 1 
ATOM   1514 C  CH2 . TRP B 1 89  ? 35.957  -23.055 5.605   1.00 42.09 ? 186 TRP B CH2 1 
ATOM   1515 N  N   . SER B 1 90  ? 34.566  -29.577 8.439   1.00 39.56 ? 187 SER B N   1 
ATOM   1516 C  CA  . SER B 1 90  ? 35.057  -29.586 9.811   1.00 43.34 ? 187 SER B CA  1 
ATOM   1517 C  C   . SER B 1 90  ? 36.473  -30.161 9.803   1.00 44.38 ? 187 SER B C   1 
ATOM   1518 O  O   . SER B 1 90  ? 37.362  -29.666 10.496  1.00 44.11 ? 187 SER B O   1 
ATOM   1519 C  CB  . SER B 1 90  ? 34.168  -30.448 10.704  1.00 42.81 ? 187 SER B CB  1 
ATOM   1520 O  OG  . SER B 1 90  ? 34.494  -31.823 10.525  1.00 50.29 ? 187 SER B OG  1 
ATOM   1521 N  N   . GLU B 1 91  ? 36.671  -31.213 9.013   1.00 45.21 ? 188 GLU B N   1 
ATOM   1522 C  CA  . GLU B 1 91  ? 37.977  -31.848 8.892   1.00 46.95 ? 188 GLU B CA  1 
ATOM   1523 C  C   . GLU B 1 91  ? 38.992  -30.814 8.431   1.00 46.40 ? 188 GLU B C   1 
ATOM   1524 O  O   . GLU B 1 91  ? 40.133  -30.803 8.874   1.00 47.45 ? 188 GLU B O   1 
ATOM   1525 C  CB  . GLU B 1 91  ? 37.906  -33.004 7.887   1.00 49.50 ? 188 GLU B CB  1 
ATOM   1526 C  CG  . GLU B 1 91  ? 39.253  -33.638 7.514   1.00 57.09 ? 188 GLU B CG  1 
ATOM   1527 C  CD  . GLU B 1 91  ? 39.986  -34.258 8.702   1.00 60.59 ? 188 GLU B CD  1 
ATOM   1528 O  OE1 . GLU B 1 91  ? 39.368  -35.073 9.432   1.00 62.03 ? 188 GLU B OE1 1 
ATOM   1529 O  OE2 . GLU B 1 91  ? 41.187  -33.944 8.890   1.00 61.91 ? 188 GLU B OE2 1 
ATOM   1530 N  N   . PHE B 1 92  ? 38.554  -29.936 7.541   1.00 45.40 ? 189 PHE B N   1 
ATOM   1531 C  CA  . PHE B 1 92  ? 39.401  -28.885 7.003   1.00 45.19 ? 189 PHE B CA  1 
ATOM   1532 C  C   . PHE B 1 92  ? 39.862  -27.938 8.117   1.00 47.77 ? 189 PHE B C   1 
ATOM   1533 O  O   . PHE B 1 92  ? 41.038  -27.590 8.193   1.00 47.87 ? 189 PHE B O   1 
ATOM   1534 C  CB  . PHE B 1 92  ? 38.619  -28.131 5.925   1.00 41.24 ? 189 PHE B CB  1 
ATOM   1535 C  CG  . PHE B 1 92  ? 39.427  -27.145 5.152   1.00 36.31 ? 189 PHE B CG  1 
ATOM   1536 C  CD1 . PHE B 1 92  ? 40.579  -27.542 4.479   1.00 36.33 ? 189 PHE B CD1 1 
ATOM   1537 C  CD2 . PHE B 1 92  ? 39.024  -25.812 5.085   1.00 36.17 ? 189 PHE B CD2 1 
ATOM   1538 C  CE1 . PHE B 1 92  ? 41.323  -26.623 3.740   1.00 35.09 ? 189 PHE B CE1 1 
ATOM   1539 C  CE2 . PHE B 1 92  ? 39.755  -24.876 4.350   1.00 33.66 ? 189 PHE B CE2 1 
ATOM   1540 C  CZ  . PHE B 1 92  ? 40.910  -25.282 3.677   1.00 37.29 ? 189 PHE B CZ  1 
ATOM   1541 N  N   . GLU B 1 93  ? 38.949  -27.531 8.992   1.00 50.21 ? 190 GLU B N   1 
ATOM   1542 C  CA  . GLU B 1 93  ? 39.329  -26.641 10.083  1.00 51.73 ? 190 GLU B CA  1 
ATOM   1543 C  C   . GLU B 1 93  ? 40.346  -27.313 10.989  1.00 53.31 ? 190 GLU B C   1 
ATOM   1544 O  O   . GLU B 1 93  ? 41.300  -26.678 11.420  1.00 55.67 ? 190 GLU B O   1 
ATOM   1545 C  CB  . GLU B 1 93  ? 38.113  -26.256 10.905  1.00 50.04 ? 190 GLU B CB  1 
ATOM   1546 C  CG  . GLU B 1 93  ? 37.090  -25.477 10.142  1.00 50.24 ? 190 GLU B CG  1 
ATOM   1547 C  CD  . GLU B 1 93  ? 35.821  -25.331 10.936  1.00 53.12 ? 190 GLU B CD  1 
ATOM   1548 O  OE1 . GLU B 1 93  ? 35.373  -26.357 11.511  1.00 52.92 ? 190 GLU B OE1 1 
ATOM   1549 O  OE2 . GLU B 1 93  ? 35.268  -24.204 10.982  1.00 50.02 ? 190 GLU B OE2 1 
ATOM   1550 N  N   . ASN B 1 94  ? 40.135  -28.593 11.279  1.00 52.94 ? 191 ASN B N   1 
ATOM   1551 C  CA  . ASN B 1 94  ? 41.055  -29.333 12.134  1.00 54.29 ? 191 ASN B CA  1 
ATOM   1552 C  C   . ASN B 1 94  ? 42.443  -29.427 11.521  1.00 55.01 ? 191 ASN B C   1 
ATOM   1553 O  O   . ASN B 1 94  ? 43.420  -29.657 12.230  1.00 55.35 ? 191 ASN B O   1 
ATOM   1554 C  CB  . ASN B 1 94  ? 40.547  -30.752 12.386  1.00 54.70 ? 191 ASN B CB  1 
ATOM   1555 C  CG  . ASN B 1 94  ? 39.204  -30.776 13.094  1.00 56.68 ? 191 ASN B CG  1 
ATOM   1556 O  OD1 . ASN B 1 94  ? 38.703  -29.741 13.544  1.00 55.88 ? 191 ASN B OD1 1 
ATOM   1557 N  ND2 . ASN B 1 94  ? 38.616  -31.966 13.205  1.00 54.85 ? 191 ASN B ND2 1 
ATOM   1558 N  N   . GLN B 1 95  ? 42.532  -29.270 10.207  1.00 54.63 ? 192 GLN B N   1 
ATOM   1559 C  CA  . GLN B 1 95  ? 43.820  -29.345 9.539   1.00 55.23 ? 192 GLN B CA  1 
ATOM   1560 C  C   . GLN B 1 95  ? 44.432  -27.954 9.530   1.00 53.94 ? 192 GLN B C   1 
ATOM   1561 O  O   . GLN B 1 95  ? 45.568  -27.760 9.093   1.00 54.65 ? 192 GLN B O   1 
ATOM   1562 C  CB  . GLN B 1 95  ? 43.659  -29.849 8.103   1.00 57.04 ? 192 GLN B CB  1 
ATOM   1563 C  CG  . GLN B 1 95  ? 42.934  -31.172 7.976   1.00 59.30 ? 192 GLN B CG  1 
ATOM   1564 C  CD  . GLN B 1 95  ? 42.695  -31.569 6.520   1.00 63.39 ? 192 GLN B CD  1 
ATOM   1565 O  OE1 . GLN B 1 95  ? 42.378  -30.724 5.672   1.00 62.05 ? 192 GLN B OE1 1 
ATOM   1566 N  NE2 . GLN B 1 95  ? 42.824  -32.863 6.230   1.00 64.88 ? 192 GLN B NE2 1 
ATOM   1567 N  N   . GLY B 1 96  ? 43.668  -26.983 10.018  1.00 52.44 ? 193 GLY B N   1 
ATOM   1568 C  CA  . GLY B 1 96  ? 44.156  -25.617 10.061  1.00 50.48 ? 193 GLY B CA  1 
ATOM   1569 C  C   . GLY B 1 96  ? 43.847  -24.823 8.808   1.00 50.02 ? 193 GLY B C   1 
ATOM   1570 O  O   . GLY B 1 96  ? 44.335  -23.705 8.646   1.00 51.27 ? 193 GLY B O   1 
ATOM   1571 N  N   . GLN B 1 97  ? 43.040  -25.397 7.920   1.00 49.22 ? 194 GLN B N   1 
ATOM   1572 C  CA  . GLN B 1 97  ? 42.663  -24.722 6.684   1.00 48.22 ? 194 GLN B CA  1 
ATOM   1573 C  C   . GLN B 1 97  ? 43.891  -24.281 5.900   1.00 48.84 ? 194 GLN B C   1 
ATOM   1574 O  O   . GLN B 1 97  ? 44.105  -23.088 5.692   1.00 49.12 ? 194 GLN B O   1 
ATOM   1575 C  CB  . GLN B 1 97  ? 41.796  -23.507 7.008   1.00 45.84 ? 194 GLN B CB  1 
ATOM   1576 C  CG  . GLN B 1 97  ? 40.566  -23.854 7.812   1.00 46.11 ? 194 GLN B CG  1 
ATOM   1577 C  CD  . GLN B 1 97  ? 39.716  -22.645 8.111   1.00 47.37 ? 194 GLN B CD  1 
ATOM   1578 O  OE1 . GLN B 1 97  ? 39.311  -21.914 7.208   1.00 47.41 ? 194 GLN B OE1 1 
ATOM   1579 N  NE2 . GLN B 1 97  ? 39.436  -22.426 9.388   1.00 49.63 ? 194 GLN B NE2 1 
ATOM   1580 N  N   . LYS B 1 98  ? 44.690  -25.248 5.460   1.00 50.57 ? 195 LYS B N   1 
ATOM   1581 C  CA  . LYS B 1 98  ? 45.913  -24.958 4.714   1.00 53.28 ? 195 LYS B CA  1 
ATOM   1582 C  C   . LYS B 1 98  ? 45.650  -24.744 3.225   1.00 52.96 ? 195 LYS B C   1 
ATOM   1583 O  O   . LYS B 1 98  ? 44.733  -25.334 2.656   1.00 53.11 ? 195 LYS B O   1 
ATOM   1584 C  CB  . LYS B 1 98  ? 46.919  -26.101 4.891   1.00 53.82 ? 195 LYS B CB  1 
ATOM   1585 C  CG  . LYS B 1 98  ? 47.254  -26.440 6.342   1.00 58.20 ? 195 LYS B CG  1 
ATOM   1586 C  CD  . LYS B 1 98  ? 47.909  -25.264 7.077   1.00 61.40 ? 195 LYS B CD  1 
ATOM   1587 C  CE  . LYS B 1 98  ? 48.330  -25.651 8.498   1.00 63.40 ? 195 LYS B CE  1 
ATOM   1588 N  NZ  . LYS B 1 98  ? 48.902  -24.506 9.268   1.00 64.25 ? 195 LYS B NZ  1 
ATOM   1589 N  N   . PRO B 1 99  ? 46.447  -23.879 2.578   1.00 53.59 ? 196 PRO B N   1 
ATOM   1590 C  CA  . PRO B 1 99  ? 46.274  -23.615 1.144   1.00 53.30 ? 196 PRO B CA  1 
ATOM   1591 C  C   . PRO B 1 99  ? 46.608  -24.881 0.363   1.00 52.51 ? 196 PRO B C   1 
ATOM   1592 O  O   . PRO B 1 99  ? 47.366  -25.732 0.839   1.00 50.53 ? 196 PRO B O   1 
ATOM   1593 C  CB  . PRO B 1 99  ? 47.267  -22.483 0.879   1.00 53.75 ? 196 PRO B CB  1 
ATOM   1594 C  CG  . PRO B 1 99  ? 47.291  -21.755 2.194   1.00 54.58 ? 196 PRO B CG  1 
ATOM   1595 C  CD  . PRO B 1 99  ? 47.390  -22.915 3.165   1.00 54.29 ? 196 PRO B CD  1 
ATOM   1596 N  N   . LEU B 1 100 ? 46.037  -25.013 -0.828  1.00 52.48 ? 197 LEU B N   1 
ATOM   1597 C  CA  . LEU B 1 100 ? 46.275  -26.199 -1.645  1.00 53.03 ? 197 LEU B CA  1 
ATOM   1598 C  C   . LEU B 1 100 ? 47.772  -26.365 -1.912  1.00 54.86 ? 197 LEU B C   1 
ATOM   1599 O  O   . LEU B 1 100 ? 48.334  -27.451 -1.741  1.00 54.72 ? 197 LEU B O   1 
ATOM   1600 C  CB  . LEU B 1 100 ? 45.500  -26.086 -2.964  1.00 49.71 ? 197 LEU B CB  1 
ATOM   1601 C  CG  . LEU B 1 100 ? 45.503  -27.312 -3.884  1.00 47.39 ? 197 LEU B CG  1 
ATOM   1602 C  CD1 . LEU B 1 100 ? 45.080  -28.540 -3.100  1.00 42.99 ? 197 LEU B CD1 1 
ATOM   1603 C  CD2 . LEU B 1 100 ? 44.574  -27.070 -5.073  1.00 43.50 ? 197 LEU B CD2 1 
ATOM   1604 N  N   . TYR B 1 101 ? 48.408  -25.270 -2.320  1.00 56.98 ? 198 TYR B N   1 
ATOM   1605 C  CA  . TYR B 1 101 ? 49.840  -25.249 -2.611  1.00 58.84 ? 198 TYR B CA  1 
ATOM   1606 C  C   . TYR B 1 101 ? 50.422  -23.848 -2.380  1.00 61.00 ? 198 TYR B C   1 
ATOM   1607 O  O   . TYR B 1 101 ? 49.770  -23.030 -1.691  1.00 61.70 ? 198 TYR B O   1 
ATOM   1608 C  CB  . TYR B 1 101 ? 50.097  -25.683 -4.057  1.00 54.76 ? 198 TYR B CB  1 
ATOM   1609 C  CG  . TYR B 1 101 ? 49.359  -24.862 -5.093  1.00 52.70 ? 198 TYR B CG  1 
ATOM   1610 C  CD1 . TYR B 1 101 ? 49.748  -23.551 -5.400  1.00 50.50 ? 198 TYR B CD1 1 
ATOM   1611 C  CD2 . TYR B 1 101 ? 48.255  -25.392 -5.759  1.00 52.28 ? 198 TYR B CD2 1 
ATOM   1612 C  CE1 . TYR B 1 101 ? 49.045  -22.796 -6.348  1.00 49.40 ? 198 TYR B CE1 1 
ATOM   1613 C  CE2 . TYR B 1 101 ? 47.557  -24.649 -6.700  1.00 50.59 ? 198 TYR B CE2 1 
ATOM   1614 C  CZ  . TYR B 1 101 ? 47.949  -23.358 -6.990  1.00 49.44 ? 198 TYR B CZ  1 
ATOM   1615 O  OH  . TYR B 1 101 ? 47.228  -22.641 -7.921  1.00 50.55 ? 198 TYR B OH  1 
ATOM   1616 O  OXT . TYR B 1 101 ? 51.530  -23.585 -2.888  1.00 64.93 ? 198 TYR B OXT 1 
HETATM 1617 O  O   . HOH C 2 .   ? -23.723 33.464  -6.642  1.00 26.68 ? 99  HOH A O   1 
HETATM 1618 O  O   . HOH C 2 .   ? -36.240 35.699  1.069   1.00 27.37 ? 100 HOH A O   1 
HETATM 1619 O  O   . HOH C 2 .   ? -26.678 36.298  -7.997  1.00 40.21 ? 101 HOH A O   1 
HETATM 1620 O  O   . HOH C 2 .   ? -20.417 38.998  -9.516  1.00 46.59 ? 102 HOH A O   1 
HETATM 1621 O  O   . HOH C 2 .   ? -30.248 36.779  11.071  1.00 47.40 ? 103 HOH A O   1 
HETATM 1622 O  O   . HOH C 2 .   ? -34.001 47.299  -8.741  0.5  51.51 ? 104 HOH A O   1 
HETATM 1623 O  O   . HOH C 2 .   ? -28.255 20.736  -7.310  1.00 37.46 ? 105 HOH A O   1 
HETATM 1624 O  O   . HOH C 2 .   ? -30.413 19.699  -6.594  1.00 48.97 ? 106 HOH A O   1 
HETATM 1625 O  O   . HOH C 2 .   ? -20.546 39.720  9.971   1.00 53.27 ? 107 HOH A O   1 
HETATM 1626 O  O   . HOH D 2 .   ? 34.385  -37.880 1.143   1.00 29.55 ? 1   HOH B O   1 
HETATM 1627 O  O   . HOH D 2 .   ? 31.509  -28.919 -8.927  1.00 35.82 ? 2   HOH B O   1 
HETATM 1628 O  O   . HOH D 2 .   ? 31.775  -15.583 7.966   1.00 35.67 ? 5   HOH B O   1 
HETATM 1629 O  O   . HOH D 2 .   ? 38.349  -31.821 4.124   1.00 34.54 ? 7   HOH B O   1 
HETATM 1630 O  O   . HOH D 2 .   ? 41.175  -31.200 3.486   1.00 41.64 ? 9   HOH B O   1 
HETATM 1631 O  O   . HOH D 2 .   ? 25.814  -38.329 4.421   1.00 42.81 ? 10  HOH B O   1 
HETATM 1632 O  O   . HOH D 2 .   ? 41.111  -30.300 0.995   1.00 41.35 ? 11  HOH B O   1 
HETATM 1633 O  O   . HOH D 2 .   ? 34.421  -38.309 -9.526  1.00 43.16 ? 13  HOH B O   1 
HETATM 1634 O  O   . HOH D 2 .   ? 17.481  -37.017 -9.021  1.00 40.88 ? 16  HOH B O   1 
HETATM 1635 O  O   . HOH D 2 .   ? 13.954  -52.611 -3.559  1.00 51.48 ? 17  HOH B O   1 
HETATM 1636 O  O   . HOH D 2 .   ? 32.824  -39.362 8.606   1.00 98.78 ? 18  HOH B O   1 
HETATM 1637 O  O   . HOH D 2 .   ? 30.026  -23.420 -7.954  1.00 43.41 ? 19  HOH B O   1 
# 
